data_9V0Q
#
_entry.id   9V0Q
#
_cell.length_a   1.00
_cell.length_b   1.00
_cell.length_c   1.00
_cell.angle_alpha   90.00
_cell.angle_beta   90.00
_cell.angle_gamma   90.00
#
_symmetry.space_group_name_H-M   'P 1'
#
loop_
_entity.id
_entity.type
_entity.pdbx_description
1 polymer 'RSV Pre-fusion Protein'
2 polymer 'CNR2056 Heavy Chain'
3 polymer 'CNR2056 Light Chain'
#
loop_
_entity_poly.entity_id
_entity_poly.type
_entity_poly.pdbx_seq_one_letter_code
_entity_poly.pdbx_strand_id
1 'polypeptide(L)'
;MELLILKANAITTILTAVTFCFASGQNITEEFYQSTCSAVSKGYLSALRTGWYTSVITIELSNIKENKCNGTDAKVKLIK
QELDKYKNAVTELQLLMQSTPATNNRARRELPRFMNYTLNNAKKTNVTLSKKRKRRFLGFLLGVGSAIASGVAVCKVLHL
EGEVNKIKSALLSTNKAVVSLSNGVSVLTFKVLDLKNYIDKQLLPILNKQSCSISNIETVIEFQQKNNRLLEITREFSVN
AGVTTPVSTYMLTNSELLSLINDMPITNDQKKLMSNNVQIVRQQSYSIMCIIKEEVLAYVVQLPLYGVIDTPCWKLHTSP
LCTTNTKEGSNICLTRTDRGWYCDNAGSVSFFPQAETCKVQSNRVFCDTMNSLTLPSEVNLCNVDIFNPKYDCKIMTSKT
DVSSSVITSLGAIVSCYGKTKCTASNKNRGIIKTFSNGCDYVSNKGVDTVSVGNTLYYVNKQEGKSLYVKGEPIINFYDP
LVFPSDEFDASISQVNEKINQSLAFIRKSDELLSAIGGYIPEAPRDGQAYVRKDGEWVLLSTFLGHHHHHHHH
;
B,F,G
2 'polypeptide(L)'
;QVQLVESGGGVVQPGTSLTLSCAASGFTFRTYAFHWVRQAPGKGLEWLALVTYDGTTQYYADSVKGRLTIYRDNSKNTLF
LHLNSLRRDDTAIYFCARGGEGSFSWLGYLQYMDVWGQGTTVTVSS
;
A,D,E
3 'polypeptide(L)'
;QSALTQPASVSGSPGQSITLSCTGTSSDIGDYDYVSWYQKYPDTAPKLVIYDVSERPSGVSTRFSGSKSGNTASLTISGL
QPEDEADYYCNSYSSTNTLKFGGGTKLTVL
;
C,H,I
#
# COMPACT_ATOMS: atom_id res chain seq x y z
N GLN A 26 -12.04 30.84 10.60
CA GLN A 26 -12.92 31.59 11.48
C GLN A 26 -12.49 33.05 11.58
N ASN A 27 -11.66 33.37 12.56
CA ASN A 27 -11.18 34.72 12.82
C ASN A 27 -9.67 34.75 12.91
N ILE A 28 -9.01 34.11 11.95
CA ILE A 28 -7.55 34.12 11.92
C ILE A 28 -7.05 35.54 11.66
N THR A 29 -6.35 36.11 12.64
CA THR A 29 -5.73 37.41 12.50
C THR A 29 -4.29 37.34 12.99
N GLU A 30 -3.42 38.10 12.35
CA GLU A 30 -2.03 38.15 12.79
C GLU A 30 -1.49 39.57 12.62
N GLU A 31 -0.59 39.94 13.53
CA GLU A 31 -0.09 41.30 13.67
C GLU A 31 1.43 41.26 13.45
N PHE A 32 1.87 41.51 12.23
CA PHE A 32 3.28 41.50 11.91
C PHE A 32 3.97 42.67 12.60
N TYR A 33 4.83 42.38 13.57
CA TYR A 33 5.61 43.42 14.23
C TYR A 33 6.92 43.63 13.49
N GLN A 34 7.23 44.89 13.21
CA GLN A 34 8.47 45.23 12.51
C GLN A 34 9.66 45.34 13.45
N SER A 35 9.44 45.31 14.77
CA SER A 35 10.53 45.32 15.73
C SER A 35 11.53 44.22 15.40
N THR A 36 11.06 42.98 15.41
CA THR A 36 11.77 41.86 14.82
C THR A 36 10.82 41.18 13.85
N CYS A 37 11.32 40.83 12.67
CA CYS A 37 10.44 40.31 11.63
C CYS A 37 9.78 39.01 12.10
N SER A 38 8.49 39.08 12.39
CA SER A 38 7.80 37.98 13.03
C SER A 38 6.31 38.20 12.93
N ALA A 39 5.58 37.12 12.73
CA ALA A 39 4.12 37.14 12.61
C ALA A 39 3.52 36.20 13.64
N VAL A 40 2.43 36.63 14.27
CA VAL A 40 1.78 35.90 15.36
C VAL A 40 0.33 35.67 14.93
N SER A 41 0.02 34.46 14.46
CA SER A 41 -1.31 34.13 13.95
C SER A 41 -2.25 33.86 15.12
N LYS A 42 -2.66 34.95 15.78
CA LYS A 42 -3.58 34.84 16.91
C LYS A 42 -4.92 34.30 16.44
N GLY A 43 -5.51 33.42 17.25
CA GLY A 43 -6.82 32.88 16.98
C GLY A 43 -6.77 31.49 16.38
N TYR A 44 -6.94 30.49 17.24
CA TYR A 44 -6.96 29.09 16.86
C TYR A 44 -7.60 28.30 18.00
N LEU A 45 -7.51 26.98 17.93
CA LEU A 45 -8.00 26.12 18.99
C LEU A 45 -6.97 25.03 19.25
N SER A 46 -6.68 24.78 20.52
CA SER A 46 -5.51 23.97 20.87
C SER A 46 -5.74 22.49 20.59
N ALA A 47 -6.71 21.88 21.27
CA ALA A 47 -7.05 20.48 21.09
C ALA A 47 -5.81 19.58 21.18
N LEU A 48 -4.99 19.84 22.19
CA LEU A 48 -3.78 19.07 22.37
C LEU A 48 -4.08 17.66 22.85
N ARG A 49 -3.15 16.75 22.61
CA ARG A 49 -3.22 15.38 23.11
C ARG A 49 -2.26 15.29 24.31
N THR A 50 -2.77 14.81 25.43
CA THR A 50 -1.97 14.66 26.64
C THR A 50 -2.30 13.34 27.35
N GLY A 51 -2.53 12.29 26.58
CA GLY A 51 -2.85 11.01 27.17
C GLY A 51 -2.94 9.92 26.11
N TRP A 52 -2.61 8.71 26.53
CA TRP A 52 -2.66 7.53 25.66
C TRP A 52 -3.74 6.60 26.15
N TYR A 53 -4.55 6.08 25.23
CA TYR A 53 -5.65 5.19 25.56
C TYR A 53 -5.54 3.93 24.70
N THR A 54 -5.23 2.80 25.34
CA THR A 54 -5.06 1.56 24.61
C THR A 54 -6.40 0.92 24.28
N SER A 55 -6.37 -0.05 23.38
CA SER A 55 -7.53 -0.84 23.03
C SER A 55 -7.08 -2.08 22.29
N VAL A 56 -7.60 -3.24 22.66
CA VAL A 56 -7.22 -4.50 22.04
C VAL A 56 -8.25 -4.86 20.99
N ILE A 57 -7.78 -5.02 19.76
CA ILE A 57 -8.60 -5.47 18.64
C ILE A 57 -8.24 -6.92 18.36
N THR A 58 -9.23 -7.80 18.46
CA THR A 58 -9.06 -9.23 18.25
C THR A 58 -9.67 -9.61 16.92
N ILE A 59 -8.88 -10.29 16.09
CA ILE A 59 -9.34 -10.85 14.83
C ILE A 59 -9.15 -12.36 14.93
N GLU A 60 -10.22 -13.06 15.28
CA GLU A 60 -10.14 -14.49 15.56
C GLU A 60 -9.94 -15.29 14.29
N LEU A 61 -9.42 -16.50 14.45
CA LEU A 61 -9.17 -17.40 13.33
C LEU A 61 -9.02 -18.82 13.87
N SER A 62 -9.12 -19.79 12.97
CA SER A 62 -9.11 -21.20 13.32
C SER A 62 -7.86 -21.89 12.80
N ASN A 63 -7.36 -22.85 13.57
CA ASN A 63 -6.18 -23.63 13.20
C ASN A 63 -6.62 -24.83 12.37
N ILE A 64 -6.78 -24.59 11.07
CA ILE A 64 -7.21 -25.64 10.16
C ILE A 64 -6.06 -26.62 9.91
N LYS A 65 -6.38 -27.90 9.91
CA LYS A 65 -5.41 -28.97 9.67
C LYS A 65 -5.13 -29.08 8.17
N GLU A 66 -4.49 -30.17 7.76
CA GLU A 66 -4.11 -30.35 6.37
C GLU A 66 -5.36 -30.40 5.47
N ASN A 67 -5.11 -30.34 4.16
CA ASN A 67 -6.21 -30.15 3.21
C ASN A 67 -7.15 -31.36 3.18
N LYS A 68 -6.60 -32.57 3.17
CA LYS A 68 -7.38 -33.81 3.09
C LYS A 68 -8.26 -33.82 1.84
N CYS A 69 -7.59 -33.82 0.69
CA CYS A 69 -8.26 -33.93 -0.59
C CYS A 69 -7.38 -34.69 -1.57
N ASN A 70 -8.01 -35.27 -2.58
CA ASN A 70 -7.32 -36.00 -3.64
C ASN A 70 -7.76 -35.45 -4.99
N GLY A 71 -6.80 -35.28 -5.89
CA GLY A 71 -7.06 -34.74 -7.21
C GLY A 71 -6.94 -33.24 -7.25
N THR A 72 -6.77 -32.73 -8.47
CA THR A 72 -6.56 -31.30 -8.71
C THR A 72 -7.79 -30.60 -9.27
N ASP A 73 -8.49 -31.22 -10.23
CA ASP A 73 -9.69 -30.64 -10.82
C ASP A 73 -9.41 -29.27 -11.41
N ALA A 74 -10.43 -28.44 -11.51
CA ALA A 74 -10.29 -27.07 -12.00
C ALA A 74 -10.66 -26.03 -10.95
N LYS A 75 -11.83 -26.16 -10.33
CA LYS A 75 -12.24 -25.22 -9.29
C LYS A 75 -11.34 -25.36 -8.06
N VAL A 76 -10.97 -26.59 -7.71
CA VAL A 76 -10.02 -26.86 -6.64
C VAL A 76 -8.67 -26.29 -7.08
N LYS A 77 -7.81 -25.98 -6.11
CA LYS A 77 -6.53 -25.28 -6.19
C LYS A 77 -6.72 -23.76 -6.26
N LEU A 78 -7.95 -23.26 -6.29
CA LEU A 78 -8.21 -21.89 -5.86
C LEU A 78 -8.42 -21.85 -4.35
N ILE A 79 -9.28 -22.73 -3.85
CA ILE A 79 -9.43 -22.89 -2.40
C ILE A 79 -8.10 -23.34 -1.78
N LYS A 80 -7.42 -24.28 -2.43
CA LYS A 80 -6.15 -24.76 -1.91
C LYS A 80 -5.11 -23.65 -1.88
N GLN A 81 -5.02 -22.86 -2.95
CA GLN A 81 -4.07 -21.76 -2.97
C GLN A 81 -4.39 -20.73 -1.90
N GLU A 82 -5.67 -20.40 -1.74
CA GLU A 82 -6.05 -19.41 -0.73
C GLU A 82 -5.76 -19.91 0.68
N LEU A 83 -6.04 -21.19 0.95
CA LEU A 83 -5.76 -21.73 2.28
C LEU A 83 -4.26 -21.83 2.53
N ASP A 84 -3.49 -22.15 1.50
CA ASP A 84 -2.03 -22.14 1.64
C ASP A 84 -1.52 -20.74 1.96
N LYS A 85 -2.06 -19.73 1.28
CA LYS A 85 -1.68 -18.35 1.59
C LYS A 85 -2.09 -17.96 3.00
N TYR A 86 -3.27 -18.39 3.43
CA TYR A 86 -3.73 -18.10 4.79
C TYR A 86 -2.81 -18.72 5.84
N LYS A 87 -2.44 -20.00 5.64
CA LYS A 87 -1.55 -20.66 6.59
C LYS A 87 -0.16 -20.05 6.56
N ASN A 88 0.31 -19.66 5.37
CA ASN A 88 1.60 -18.97 5.29
C ASN A 88 1.55 -17.64 6.03
N ALA A 89 0.45 -16.91 5.91
CA ALA A 89 0.32 -15.63 6.63
C ALA A 89 0.32 -15.87 8.13
N VAL A 90 -0.41 -16.87 8.61
CA VAL A 90 -0.46 -17.11 10.04
C VAL A 90 0.89 -17.56 10.58
N THR A 91 1.61 -18.40 9.82
CA THR A 91 2.92 -18.84 10.30
C THR A 91 3.96 -17.73 10.22
N GLU A 92 3.85 -16.84 9.23
CA GLU A 92 4.75 -15.70 9.16
C GLU A 92 4.50 -14.72 10.31
N LEU A 93 3.22 -14.49 10.64
CA LEU A 93 2.93 -13.61 11.76
C LEU A 93 3.32 -14.25 13.08
N GLN A 94 3.25 -15.58 13.18
CA GLN A 94 3.79 -16.26 14.35
C GLN A 94 5.30 -16.08 14.44
N LEU A 95 5.99 -16.20 13.31
CA LEU A 95 7.43 -15.98 13.28
C LEU A 95 7.78 -14.52 13.55
N LEU A 96 6.82 -13.61 13.42
CA LEU A 96 7.06 -12.22 13.80
C LEU A 96 7.40 -12.12 15.29
N MET A 97 6.70 -12.89 16.12
CA MET A 97 7.07 -13.03 17.53
C MET A 97 7.82 -14.35 17.73
N PHE A 137 14.02 26.18 14.92
CA PHE A 137 15.45 26.00 15.12
C PHE A 137 15.74 25.46 16.51
N LEU A 138 14.68 25.43 17.33
CA LEU A 138 14.80 25.30 18.77
C LEU A 138 14.55 23.88 19.25
N GLY A 139 14.97 22.88 18.47
CA GLY A 139 14.59 21.50 18.74
C GLY A 139 15.54 20.75 19.66
N PHE A 140 16.72 21.30 19.96
CA PHE A 140 17.74 20.49 20.60
C PHE A 140 17.46 20.25 22.08
N LEU A 141 16.80 21.21 22.75
CA LEU A 141 16.47 21.00 24.16
C LEU A 141 15.29 20.06 24.34
N LEU A 142 14.62 19.66 23.26
CA LEU A 142 13.45 18.82 23.37
C LEU A 142 13.77 17.51 24.06
N GLY A 143 12.89 17.10 24.97
CA GLY A 143 13.03 15.80 25.60
C GLY A 143 12.62 14.68 24.65
N VAL A 144 13.05 13.48 25.00
CA VAL A 144 12.75 12.29 24.22
C VAL A 144 12.06 11.28 25.12
N GLY A 145 11.17 10.50 24.55
CA GLY A 145 10.43 9.52 25.32
C GLY A 145 9.92 8.41 24.42
N SER A 146 9.57 7.28 25.04
CA SER A 146 9.03 6.16 24.28
C SER A 146 7.60 6.47 23.86
N ALA A 147 7.33 6.34 22.57
CA ALA A 147 5.98 6.52 22.06
C ALA A 147 5.14 5.26 22.22
N ILE A 148 5.72 4.10 21.92
CA ILE A 148 5.07 2.82 22.19
C ILE A 148 5.50 2.40 23.58
N ALA A 149 4.76 2.89 24.57
CA ALA A 149 4.95 2.51 25.97
C ALA A 149 3.71 1.91 26.58
N SER A 150 2.52 2.44 26.23
CA SER A 150 1.28 1.84 26.71
C SER A 150 0.98 0.55 25.97
N GLY A 151 1.22 0.51 24.66
CA GLY A 151 0.98 -0.70 23.90
C GLY A 151 1.86 -1.85 24.35
N VAL A 152 3.14 -1.57 24.60
CA VAL A 152 4.05 -2.61 25.06
C VAL A 152 3.63 -3.12 26.44
N ALA A 153 3.23 -2.22 27.34
CA ALA A 153 2.79 -2.66 28.67
C ALA A 153 1.54 -3.52 28.57
N VAL A 154 0.57 -3.11 27.75
CA VAL A 154 -0.65 -3.91 27.61
C VAL A 154 -0.34 -5.28 27.01
N CYS A 155 0.54 -5.32 26.00
CA CYS A 155 0.90 -6.60 25.41
C CYS A 155 1.63 -7.50 26.41
N LYS A 156 2.52 -6.92 27.22
CA LYS A 156 3.19 -7.71 28.24
C LYS A 156 2.19 -8.24 29.27
N VAL A 157 1.14 -7.46 29.56
CA VAL A 157 0.07 -7.97 30.40
C VAL A 157 -0.63 -9.13 29.73
N LEU A 158 -0.87 -9.04 28.41
CA LEU A 158 -1.53 -10.11 27.69
C LEU A 158 -0.70 -11.38 27.64
N HIS A 159 0.63 -11.26 27.77
CA HIS A 159 1.48 -12.45 27.77
C HIS A 159 1.27 -13.32 29.01
N LEU A 160 0.67 -12.77 30.06
CA LEU A 160 0.46 -13.54 31.28
C LEU A 160 -0.51 -14.69 31.02
N GLU A 161 -0.25 -15.82 31.67
CA GLU A 161 -1.07 -17.01 31.47
C GLU A 161 -2.48 -16.79 31.97
N GLY A 162 -3.44 -17.37 31.25
CA GLY A 162 -4.84 -17.27 31.63
C GLY A 162 -5.42 -15.87 31.56
N GLU A 163 -5.03 -15.10 30.54
CA GLU A 163 -5.59 -13.77 30.34
C GLU A 163 -6.30 -13.62 29.01
N VAL A 164 -5.73 -14.14 27.93
CA VAL A 164 -6.41 -14.10 26.63
C VAL A 164 -7.68 -14.94 26.69
N ASN A 165 -7.73 -15.94 27.57
CA ASN A 165 -8.94 -16.73 27.74
C ASN A 165 -10.09 -15.86 28.23
N LYS A 166 -9.79 -14.87 29.07
CA LYS A 166 -10.81 -13.91 29.46
C LYS A 166 -11.32 -13.12 28.26
N ILE A 167 -10.41 -12.72 27.37
CA ILE A 167 -10.80 -11.99 26.17
C ILE A 167 -11.74 -12.83 25.32
N LYS A 168 -11.41 -14.12 25.13
CA LYS A 168 -12.27 -14.97 24.31
C LYS A 168 -13.62 -15.23 24.99
N SER A 169 -13.60 -15.51 26.29
CA SER A 169 -14.83 -15.89 26.98
C SER A 169 -15.80 -14.72 27.11
N ALA A 170 -15.31 -13.57 27.55
CA ALA A 170 -16.19 -12.42 27.72
C ALA A 170 -16.69 -11.91 26.38
N LEU A 171 -15.84 -11.95 25.36
CA LEU A 171 -16.19 -11.49 24.02
C LEU A 171 -16.79 -12.64 23.20
N LEU A 172 -17.87 -13.23 23.71
CA LEU A 172 -18.43 -14.42 23.10
C LEU A 172 -19.36 -14.07 21.93
N SER A 173 -20.39 -13.26 22.20
CA SER A 173 -21.39 -12.96 21.17
C SER A 173 -21.48 -11.49 20.79
N THR A 174 -21.47 -10.56 21.75
CA THR A 174 -21.49 -9.15 21.41
C THR A 174 -20.14 -8.75 20.81
N ASN A 175 -20.16 -7.81 19.88
CA ASN A 175 -18.93 -7.41 19.20
C ASN A 175 -18.00 -6.64 20.12
N LYS A 176 -18.55 -5.73 20.92
CA LYS A 176 -17.76 -4.87 21.80
C LYS A 176 -18.11 -5.14 23.25
N ALA A 177 -17.09 -5.11 24.11
CA ALA A 177 -17.28 -5.36 25.53
C ALA A 177 -16.13 -4.73 26.30
N VAL A 178 -16.30 -4.66 27.62
CA VAL A 178 -15.27 -4.15 28.52
C VAL A 178 -14.86 -5.28 29.45
N VAL A 179 -13.56 -5.57 29.53
CA VAL A 179 -13.03 -6.63 30.37
C VAL A 179 -11.91 -6.07 31.24
N SER A 180 -11.54 -6.84 32.25
CA SER A 180 -10.53 -6.45 33.22
C SER A 180 -9.31 -7.35 33.08
N LEU A 181 -8.13 -6.73 33.01
CA LEU A 181 -6.87 -7.46 32.90
C LEU A 181 -6.35 -7.81 34.30
N SER A 182 -5.09 -8.25 34.37
CA SER A 182 -4.50 -8.71 35.62
C SER A 182 -3.91 -7.59 36.46
N ASN A 183 -4.10 -6.32 36.07
CA ASN A 183 -3.53 -5.21 36.82
C ASN A 183 -4.57 -4.14 37.12
N GLY A 184 -5.85 -4.53 37.19
CA GLY A 184 -6.89 -3.57 37.50
C GLY A 184 -7.18 -2.57 36.40
N VAL A 185 -6.85 -2.90 35.15
CA VAL A 185 -7.09 -2.03 34.02
C VAL A 185 -8.21 -2.64 33.18
N SER A 186 -9.12 -1.79 32.71
CA SER A 186 -10.35 -2.21 32.04
C SER A 186 -10.58 -1.39 30.78
N VAL A 187 -9.56 -1.33 29.93
CA VAL A 187 -9.55 -0.38 28.82
C VAL A 187 -10.66 -0.66 27.81
N LEU A 188 -10.59 -1.79 27.10
CA LEU A 188 -11.56 -2.11 26.06
C LEU A 188 -11.17 -3.46 25.45
N THR A 189 -12.04 -3.96 24.57
CA THR A 189 -11.75 -5.08 23.69
C THR A 189 -12.80 -5.11 22.59
N PHE A 190 -12.37 -5.41 21.37
CA PHE A 190 -13.33 -5.42 20.26
C PHE A 190 -12.98 -6.52 19.28
N LYS A 191 -13.99 -7.25 18.81
CA LYS A 191 -13.81 -8.27 17.78
C LYS A 191 -14.05 -7.68 16.39
N VAL A 192 -13.00 -7.66 15.58
CA VAL A 192 -13.07 -6.97 14.30
C VAL A 192 -13.46 -7.91 13.17
N LEU A 193 -13.20 -9.20 13.32
CA LEU A 193 -13.50 -10.15 12.26
C LEU A 193 -13.99 -11.46 12.88
N ASP A 194 -14.66 -12.26 12.06
CA ASP A 194 -15.35 -13.46 12.50
C ASP A 194 -14.96 -14.65 11.63
N LEU A 195 -13.65 -14.86 11.44
CA LEU A 195 -13.18 -15.97 10.63
C LEU A 195 -13.59 -17.32 11.23
N LYS A 196 -13.79 -17.38 12.55
CA LYS A 196 -14.25 -18.60 13.20
C LYS A 196 -15.50 -19.16 12.50
N ASN A 197 -16.56 -18.35 12.46
CA ASN A 197 -17.84 -18.82 11.95
C ASN A 197 -17.76 -19.21 10.48
N TYR A 198 -17.14 -18.34 9.67
CA TYR A 198 -17.07 -18.63 8.23
C TYR A 198 -16.25 -19.86 7.93
N ILE A 199 -15.10 -20.02 8.60
CA ILE A 199 -14.24 -21.15 8.27
C ILE A 199 -14.65 -22.43 8.97
N ASP A 200 -15.56 -22.37 9.94
CA ASP A 200 -16.06 -23.58 10.58
C ASP A 200 -17.53 -23.87 10.24
N LYS A 201 -18.13 -23.09 9.34
CA LYS A 201 -19.52 -23.34 8.93
C LYS A 201 -19.77 -23.24 7.44
N GLN A 202 -18.83 -22.75 6.63
CA GLN A 202 -19.09 -22.52 5.23
C GLN A 202 -18.04 -23.06 4.27
N LEU A 203 -16.80 -23.27 4.71
CA LEU A 203 -15.74 -23.71 3.82
C LEU A 203 -15.28 -25.12 4.12
N LEU A 204 -14.93 -25.42 5.38
CA LEU A 204 -14.48 -26.77 5.72
C LEU A 204 -15.51 -27.86 5.42
N PRO A 205 -16.81 -27.69 5.68
CA PRO A 205 -17.76 -28.74 5.26
C PRO A 205 -17.71 -29.04 3.78
N ILE A 206 -17.52 -28.04 2.93
CA ILE A 206 -17.46 -28.24 1.49
C ILE A 206 -16.16 -28.90 1.08
N LEU A 207 -15.03 -28.42 1.61
CA LEU A 207 -13.73 -28.91 1.18
C LEU A 207 -13.41 -30.31 1.70
N ASN A 208 -13.92 -30.67 2.87
CA ASN A 208 -13.56 -31.92 3.50
C ASN A 208 -14.27 -33.13 2.90
N LYS A 209 -15.15 -32.91 1.92
CA LYS A 209 -15.84 -34.01 1.27
C LYS A 209 -14.87 -34.87 0.47
N GLN A 210 -15.29 -36.11 0.19
CA GLN A 210 -14.44 -37.02 -0.60
C GLN A 210 -14.26 -36.44 -2.02
N SER A 211 -13.04 -36.54 -2.57
CA SER A 211 -12.76 -35.97 -3.91
C SER A 211 -13.40 -34.58 -4.00
N CYS A 212 -13.02 -33.67 -3.09
CA CYS A 212 -13.64 -32.31 -3.06
C CYS A 212 -13.67 -31.71 -4.46
N SER A 213 -14.84 -31.26 -4.91
CA SER A 213 -14.97 -30.61 -6.23
C SER A 213 -15.99 -29.47 -6.13
N ILE A 214 -15.65 -28.41 -5.40
CA ILE A 214 -16.61 -27.28 -5.18
C ILE A 214 -17.17 -26.83 -6.53
N SER A 215 -18.49 -26.86 -6.68
CA SER A 215 -19.13 -26.44 -7.95
C SER A 215 -19.54 -24.96 -7.85
N ASN A 216 -19.58 -24.41 -6.64
CA ASN A 216 -20.01 -23.00 -6.45
C ASN A 216 -18.82 -22.07 -6.68
N ILE A 217 -18.87 -21.29 -7.76
CA ILE A 217 -17.79 -20.32 -8.06
C ILE A 217 -17.84 -19.20 -7.03
N GLU A 218 -19.00 -18.97 -6.42
CA GLU A 218 -19.16 -17.92 -5.38
C GLU A 218 -18.29 -18.29 -4.16
N THR A 219 -18.24 -19.58 -3.82
CA THR A 219 -17.47 -20.03 -2.63
C THR A 219 -16.13 -19.30 -2.56
N VAL A 220 -15.26 -19.49 -3.56
CA VAL A 220 -13.93 -18.86 -3.50
C VAL A 220 -14.06 -17.35 -3.36
N ILE A 221 -14.95 -16.74 -4.15
CA ILE A 221 -14.91 -15.29 -4.33
C ILE A 221 -15.17 -14.57 -3.01
N GLU A 222 -16.27 -14.92 -2.34
CA GLU A 222 -16.53 -14.31 -1.04
C GLU A 222 -15.45 -14.67 -0.04
N PHE A 223 -14.86 -15.87 -0.16
CA PHE A 223 -13.72 -16.21 0.67
C PHE A 223 -12.61 -15.18 0.54
N GLN A 224 -12.33 -14.74 -0.69
CA GLN A 224 -11.36 -13.68 -0.89
C GLN A 224 -11.69 -12.48 -0.01
N GLN A 225 -12.96 -12.05 -0.04
CA GLN A 225 -13.37 -10.87 0.71
C GLN A 225 -13.18 -11.08 2.21
N LYS A 226 -13.28 -12.31 2.69
CA LYS A 226 -13.10 -12.58 4.11
C LYS A 226 -11.68 -13.00 4.45
N ASN A 227 -10.77 -13.00 3.48
CA ASN A 227 -9.36 -13.27 3.73
C ASN A 227 -8.47 -12.08 3.52
N ASN A 228 -8.77 -11.25 2.50
CA ASN A 228 -7.97 -10.10 2.13
C ASN A 228 -7.51 -9.32 3.36
N ARG A 229 -8.47 -8.85 4.16
CA ARG A 229 -8.15 -8.12 5.38
C ARG A 229 -7.00 -8.76 6.13
N LEU A 230 -7.18 -10.02 6.56
CA LEU A 230 -6.15 -10.69 7.33
C LEU A 230 -4.82 -10.63 6.61
N LEU A 231 -4.81 -11.04 5.33
CA LEU A 231 -3.58 -11.02 4.56
C LEU A 231 -2.95 -9.64 4.61
N GLU A 232 -3.74 -8.61 4.31
CA GLU A 232 -3.21 -7.26 4.27
C GLU A 232 -2.64 -6.87 5.61
N ILE A 233 -3.32 -7.24 6.69
CA ILE A 233 -2.82 -6.92 8.02
C ILE A 233 -1.43 -7.51 8.20
N THR A 234 -1.27 -8.79 7.89
CA THR A 234 0.05 -9.41 8.02
C THR A 234 1.06 -8.67 7.17
N ARG A 235 0.66 -8.28 5.96
CA ARG A 235 1.55 -7.54 5.07
C ARG A 235 2.13 -6.33 5.79
N GLU A 236 1.26 -5.52 6.40
CA GLU A 236 1.74 -4.34 7.09
C GLU A 236 2.68 -4.73 8.21
N PHE A 237 2.31 -5.76 8.98
CA PHE A 237 3.11 -6.16 10.11
C PHE A 237 4.42 -6.82 9.68
N SER A 238 4.57 -7.11 8.39
CA SER A 238 5.84 -7.61 7.90
C SER A 238 6.70 -6.51 7.28
N VAL A 239 6.20 -5.30 7.18
CA VAL A 239 6.95 -4.19 6.59
C VAL A 239 7.45 -3.22 7.66
N ASN A 240 6.58 -2.86 8.60
CA ASN A 240 6.93 -1.91 9.65
C ASN A 240 7.51 -2.58 10.89
N ALA A 241 7.68 -3.91 10.87
CA ALA A 241 8.37 -4.64 11.93
C ALA A 241 7.68 -4.50 13.28
N GLY A 242 6.34 -4.44 13.25
CA GLY A 242 5.58 -4.51 14.48
C GLY A 242 4.75 -3.30 14.83
N VAL A 243 5.30 -2.10 14.65
CA VAL A 243 4.61 -0.86 14.98
C VAL A 243 4.42 -0.06 13.71
N THR A 244 3.22 0.49 13.51
CA THR A 244 2.86 1.19 12.29
C THR A 244 2.28 2.55 12.63
N THR A 245 2.70 3.57 11.88
CA THR A 245 2.14 4.92 11.97
C THR A 245 2.01 5.44 10.54
N PRO A 246 0.83 5.90 10.13
CA PRO A 246 -0.43 5.93 10.87
C PRO A 246 -1.14 4.58 10.84
N VAL A 247 -2.19 4.42 11.63
CA VAL A 247 -2.99 3.20 11.59
C VAL A 247 -3.77 3.17 10.28
N SER A 248 -3.43 2.24 9.40
CA SER A 248 -4.11 2.15 8.12
C SER A 248 -5.54 1.70 8.29
N THR A 249 -6.38 1.98 7.29
CA THR A 249 -7.79 1.65 7.39
C THR A 249 -8.03 0.14 7.35
N TYR A 250 -7.07 -0.65 6.88
CA TYR A 250 -7.12 -2.09 7.06
C TYR A 250 -7.12 -2.45 8.54
N MET A 251 -6.33 -1.73 9.33
CA MET A 251 -6.24 -2.01 10.76
C MET A 251 -7.54 -1.65 11.46
N LEU A 252 -8.23 -0.61 10.98
CA LEU A 252 -9.46 -0.15 11.62
C LEU A 252 -10.25 0.64 10.60
N THR A 253 -11.40 0.10 10.17
CA THR A 253 -12.23 0.80 9.20
C THR A 253 -12.86 2.04 9.84
N ASN A 254 -13.32 2.96 8.99
CA ASN A 254 -13.80 4.25 9.48
C ASN A 254 -15.01 4.09 10.40
N SER A 255 -16.00 3.32 9.99
CA SER A 255 -17.16 3.09 10.84
C SER A 255 -16.76 2.37 12.11
N GLU A 256 -15.78 1.47 12.02
CA GLU A 256 -15.25 0.80 13.21
C GLU A 256 -14.64 1.81 14.18
N LEU A 257 -13.85 2.75 13.64
CA LEU A 257 -13.25 3.77 14.50
C LEU A 257 -14.32 4.64 15.15
N LEU A 258 -15.34 5.01 14.38
CA LEU A 258 -16.42 5.81 14.94
C LEU A 258 -17.14 5.06 16.06
N SER A 259 -17.39 3.76 15.86
CA SER A 259 -18.04 2.96 16.91
C SER A 259 -17.16 2.86 18.14
N LEU A 260 -15.84 2.69 17.95
CA LEU A 260 -14.95 2.58 19.09
C LEU A 260 -14.78 3.92 19.81
N ILE A 261 -15.02 5.02 19.10
CA ILE A 261 -14.86 6.34 19.70
C ILE A 261 -15.93 6.58 20.77
N ASN A 262 -17.15 6.11 20.52
CA ASN A 262 -18.30 6.35 21.39
C ASN A 262 -18.37 5.38 22.56
N ASP A 263 -17.25 4.77 22.92
CA ASP A 263 -17.22 3.81 24.03
C ASP A 263 -16.24 4.18 25.12
N MET A 264 -15.11 4.79 24.77
CA MET A 264 -14.11 5.11 25.77
C MET A 264 -14.63 6.18 26.73
N PRO A 265 -14.23 6.13 28.00
CA PRO A 265 -14.80 7.04 29.01
C PRO A 265 -14.24 8.46 28.92
N ILE A 266 -14.82 9.27 28.05
CA ILE A 266 -14.44 10.67 27.91
C ILE A 266 -15.69 11.54 27.83
N THR A 267 -15.51 12.83 28.06
CA THR A 267 -16.62 13.77 28.05
C THR A 267 -17.17 13.94 26.63
N ASN A 268 -18.33 14.60 26.55
CA ASN A 268 -19.01 14.74 25.26
C ASN A 268 -18.25 15.63 24.29
N ASP A 269 -17.61 16.69 24.78
CA ASP A 269 -16.84 17.56 23.90
C ASP A 269 -15.69 16.82 23.25
N GLN A 270 -14.98 16.00 24.02
CA GLN A 270 -13.89 15.21 23.45
C GLN A 270 -14.41 14.21 22.42
N LYS A 271 -15.55 13.58 22.70
CA LYS A 271 -16.16 12.66 21.74
C LYS A 271 -16.50 13.38 20.44
N LYS A 272 -17.12 14.55 20.55
CA LYS A 272 -17.50 15.30 19.35
C LYS A 272 -16.27 15.73 18.56
N LEU A 273 -15.24 16.20 19.25
CA LEU A 273 -14.05 16.69 18.54
C LEU A 273 -13.30 15.54 17.88
N MET A 274 -13.05 14.46 18.62
CA MET A 274 -12.19 13.39 18.12
C MET A 274 -12.96 12.45 17.20
N SER A 275 -14.29 12.54 17.19
CA SER A 275 -15.08 11.77 16.24
C SER A 275 -15.28 12.49 14.92
N ASN A 276 -15.20 13.82 14.91
CA ASN A 276 -15.42 14.60 13.71
C ASN A 276 -14.16 14.80 12.87
N ASN A 277 -13.01 14.31 13.32
CA ASN A 277 -11.74 14.45 12.64
C ASN A 277 -11.01 13.12 12.58
N VAL A 278 -11.72 12.09 12.09
CA VAL A 278 -11.21 10.73 12.15
C VAL A 278 -9.90 10.57 11.40
N GLN A 279 -9.68 11.37 10.35
CA GLN A 279 -8.42 11.26 9.61
C GLN A 279 -7.23 11.69 10.47
N ILE A 280 -7.39 12.76 11.24
CA ILE A 280 -6.30 13.25 12.07
C ILE A 280 -6.02 12.29 13.23
N VAL A 281 -7.08 11.83 13.90
CA VAL A 281 -6.89 10.87 14.99
C VAL A 281 -6.38 9.55 14.44
N ARG A 282 -6.58 9.30 13.14
CA ARG A 282 -5.98 8.14 12.50
C ARG A 282 -4.49 8.36 12.25
N GLN A 283 -4.10 9.59 11.92
CA GLN A 283 -2.71 9.88 11.65
C GLN A 283 -1.84 9.89 12.91
N GLN A 284 -2.45 10.06 14.09
CA GLN A 284 -1.70 10.23 15.33
C GLN A 284 -1.74 9.00 16.23
N SER A 285 -2.25 7.88 15.75
CA SER A 285 -2.38 6.67 16.55
C SER A 285 -1.30 5.66 16.18
N TYR A 286 -1.06 4.73 17.09
CA TYR A 286 -0.05 3.69 16.90
C TYR A 286 -0.70 2.32 16.99
N SER A 287 -0.17 1.38 16.22
CA SER A 287 -0.62 -0.01 16.23
C SER A 287 0.58 -0.90 16.56
N ILE A 288 0.37 -1.86 17.46
CA ILE A 288 1.45 -2.71 17.95
C ILE A 288 1.00 -4.15 18.05
N MET A 289 1.93 -5.07 17.79
CA MET A 289 1.68 -6.49 17.96
C MET A 289 1.57 -6.89 19.42
N CYS A 290 0.65 -7.83 19.66
CA CYS A 290 0.43 -8.47 20.96
C CYS A 290 0.56 -9.97 20.76
N ILE A 291 0.14 -10.74 21.77
CA ILE A 291 0.24 -12.19 21.76
C ILE A 291 -0.57 -12.78 20.61
N ILE A 292 -0.26 -14.03 20.26
CA ILE A 292 -0.95 -14.73 19.19
C ILE A 292 -1.46 -16.10 19.62
N LYS A 293 -1.26 -16.48 20.87
CA LYS A 293 -1.62 -17.82 21.32
C LYS A 293 -3.13 -18.03 21.28
N GLU A 294 -3.51 -19.30 21.12
CA GLU A 294 -4.90 -19.74 21.11
C GLU A 294 -5.69 -19.16 19.94
N GLU A 295 -5.00 -18.85 18.84
CA GLU A 295 -5.62 -18.44 17.58
C GLU A 295 -6.54 -17.22 17.76
N VAL A 296 -6.10 -16.30 18.61
CA VAL A 296 -6.91 -15.13 18.95
C VAL A 296 -6.03 -13.92 18.63
N LEU A 297 -5.24 -14.04 17.56
CA LEU A 297 -4.29 -13.02 17.14
C LEU A 297 -4.90 -11.63 17.27
N ALA A 298 -4.28 -10.80 18.09
CA ALA A 298 -4.85 -9.51 18.46
C ALA A 298 -3.75 -8.46 18.54
N TYR A 299 -4.13 -7.22 18.30
CA TYR A 299 -3.17 -6.12 18.32
C TYR A 299 -3.75 -4.95 19.10
N VAL A 300 -2.86 -4.13 19.66
CA VAL A 300 -3.24 -2.99 20.49
C VAL A 300 -3.15 -1.73 19.66
N VAL A 301 -4.26 -1.02 19.54
CA VAL A 301 -4.27 0.32 19.00
C VAL A 301 -4.18 1.30 20.16
N GLN A 302 -3.62 2.47 19.87
CA GLN A 302 -3.23 3.45 20.87
C GLN A 302 -3.85 4.81 20.55
N LEU A 303 -5.16 4.82 20.33
CA LEU A 303 -5.84 6.04 19.92
C LEU A 303 -5.61 7.13 20.97
N PRO A 304 -5.13 8.30 20.55
CA PRO A 304 -4.72 9.32 21.53
C PRO A 304 -5.91 9.96 22.22
N LEU A 305 -5.69 10.32 23.48
CA LEU A 305 -6.66 11.08 24.24
C LEU A 305 -6.53 12.57 23.89
N TYR A 306 -7.44 13.39 24.42
CA TYR A 306 -7.36 14.83 24.19
C TYR A 306 -7.84 15.52 25.47
N GLY A 307 -6.90 15.87 26.34
CA GLY A 307 -7.22 16.48 27.60
C GLY A 307 -7.74 17.89 27.49
N VAL A 308 -6.87 18.82 27.06
CA VAL A 308 -7.23 20.22 26.94
C VAL A 308 -7.90 20.44 25.59
N ILE A 309 -9.03 21.14 25.60
CA ILE A 309 -9.82 21.39 24.39
C ILE A 309 -10.33 22.82 24.44
N ASP A 310 -10.24 23.51 23.30
CA ASP A 310 -10.80 24.84 23.11
C ASP A 310 -10.21 25.84 24.10
N THR A 311 -8.91 26.09 23.93
CA THR A 311 -8.23 27.21 24.55
C THR A 311 -7.42 27.94 23.49
N PRO A 312 -7.63 29.24 23.32
CA PRO A 312 -7.06 29.95 22.18
C PRO A 312 -5.55 29.95 22.20
N CYS A 313 -4.94 29.84 21.02
CA CYS A 313 -3.49 29.85 20.94
C CYS A 313 -3.04 30.17 19.52
N TRP A 314 -1.72 30.32 19.34
CA TRP A 314 -1.21 31.01 18.16
C TRP A 314 0.01 30.30 17.60
N LYS A 315 0.43 30.76 16.41
CA LYS A 315 1.60 30.27 15.72
C LYS A 315 2.53 31.44 15.44
N LEU A 316 3.82 31.27 15.73
CA LEU A 316 4.81 32.32 15.60
C LEU A 316 5.79 31.99 14.51
N HIS A 317 5.93 32.91 13.55
CA HIS A 317 6.88 32.81 12.46
C HIS A 317 7.92 33.93 12.58
N THR A 318 9.15 33.62 12.19
CA THR A 318 10.25 34.56 12.22
C THR A 318 10.99 34.55 10.90
N SER A 319 11.76 35.62 10.65
CA SER A 319 12.50 35.77 9.41
C SER A 319 13.79 36.51 9.71
N PRO A 320 14.82 36.37 8.88
CA PRO A 320 16.05 37.15 9.06
C PRO A 320 15.77 38.64 8.96
N LEU A 321 16.54 39.42 9.73
CA LEU A 321 16.38 40.87 9.78
C LEU A 321 17.77 41.48 9.88
N CYS A 322 18.21 42.16 8.82
CA CYS A 322 19.56 42.70 8.76
C CYS A 322 19.57 44.13 8.24
N THR A 323 20.62 44.86 8.62
CA THR A 323 20.79 46.23 8.16
C THR A 323 21.38 46.26 6.76
N THR A 324 21.09 47.34 6.04
CA THR A 324 21.42 47.46 4.62
C THR A 324 22.73 48.23 4.42
N ASN A 325 23.83 47.65 4.90
CA ASN A 325 25.14 48.28 4.76
C ASN A 325 25.67 48.11 3.34
N THR A 326 26.32 49.15 2.82
CA THR A 326 26.89 49.08 1.48
C THR A 326 28.03 48.07 1.41
N LYS A 327 28.91 48.07 2.42
CA LYS A 327 30.05 47.15 2.44
C LYS A 327 29.56 45.73 2.65
N GLU A 328 29.82 44.87 1.67
CA GLU A 328 29.36 43.48 1.75
C GLU A 328 30.10 42.75 2.86
N GLY A 329 29.35 41.96 3.63
CA GLY A 329 29.92 41.17 4.70
C GLY A 329 30.11 41.90 6.02
N SER A 330 29.65 43.15 6.13
CA SER A 330 29.78 43.91 7.36
C SER A 330 28.43 44.25 7.99
N ASN A 331 27.36 43.58 7.56
CA ASN A 331 26.02 43.83 8.08
C ASN A 331 25.65 42.73 9.07
N ILE A 332 26.11 42.92 10.32
CA ILE A 332 25.69 42.04 11.41
C ILE A 332 24.18 42.11 11.58
N CYS A 333 23.58 40.99 12.00
CA CYS A 333 22.14 40.98 12.18
C CYS A 333 21.66 39.79 12.99
N LEU A 334 20.56 40.00 13.73
CA LEU A 334 19.95 39.01 14.60
C LEU A 334 18.64 38.52 14.00
N THR A 335 18.23 37.33 14.43
CA THR A 335 16.94 36.76 14.08
C THR A 335 16.36 36.10 15.33
N ARG A 336 15.07 36.29 15.57
CA ARG A 336 14.41 35.53 16.61
C ARG A 336 14.37 34.05 16.23
N THR A 337 14.61 33.18 17.20
CA THR A 337 14.54 31.74 16.96
C THR A 337 13.46 31.16 17.88
N ASP A 338 12.22 31.28 17.42
CA ASP A 338 11.06 30.79 18.17
C ASP A 338 9.99 30.21 17.27
N ARG A 339 10.34 29.82 16.04
CA ARG A 339 9.35 29.35 15.08
C ARG A 339 8.56 28.18 15.65
N GLY A 340 7.25 28.21 15.46
CA GLY A 340 6.47 27.06 15.86
C GLY A 340 5.12 27.50 16.39
N TRP A 341 4.60 26.71 17.34
CA TRP A 341 3.28 26.93 17.91
C TRP A 341 3.40 27.18 19.40
N TYR A 342 2.56 28.09 19.91
CA TYR A 342 2.38 28.29 21.34
C TYR A 342 0.91 28.01 21.63
N CYS A 343 0.62 27.22 22.66
CA CYS A 343 -0.76 27.01 23.08
C CYS A 343 -0.94 27.19 24.58
N ASP A 344 -2.04 27.84 24.94
CA ASP A 344 -2.33 28.23 26.32
C ASP A 344 -2.94 27.04 27.05
N ASN A 345 -2.06 26.22 27.63
CA ASN A 345 -2.47 25.05 28.39
C ASN A 345 -2.24 25.31 29.87
N ALA A 346 -3.31 25.19 30.65
CA ALA A 346 -3.28 25.40 32.11
C ALA A 346 -2.76 26.82 32.38
N GLY A 347 -2.02 26.99 33.47
CA GLY A 347 -1.50 28.30 33.84
C GLY A 347 -0.15 28.60 33.25
N SER A 348 0.27 27.79 32.28
CA SER A 348 1.54 27.97 31.60
C SER A 348 1.25 27.98 30.10
N VAL A 349 2.30 27.90 29.28
CA VAL A 349 2.13 27.75 27.84
C VAL A 349 2.94 26.55 27.39
N SER A 350 2.40 25.82 26.43
CA SER A 350 3.07 24.66 25.84
C SER A 350 3.61 25.08 24.49
N PHE A 351 4.90 24.85 24.27
CA PHE A 351 5.61 25.35 23.11
C PHE A 351 6.07 24.18 22.24
N PHE A 352 5.69 24.22 20.96
CA PHE A 352 6.11 23.21 19.99
C PHE A 352 6.97 23.88 18.93
N PRO A 353 8.28 23.67 18.92
CA PRO A 353 9.12 24.28 17.87
C PRO A 353 9.09 23.48 16.58
N GLN A 354 8.86 22.18 16.67
CA GLN A 354 8.84 21.30 15.51
C GLN A 354 7.53 21.52 14.77
N ALA A 355 7.57 22.34 13.72
CA ALA A 355 6.36 22.60 12.94
C ALA A 355 5.93 21.39 12.11
N GLU A 356 6.78 20.37 12.00
CA GLU A 356 6.41 19.18 11.24
C GLU A 356 5.44 18.30 12.04
N THR A 357 5.60 18.23 13.36
CA THR A 357 4.75 17.37 14.16
C THR A 357 3.36 17.96 14.32
N CYS A 358 3.26 19.29 14.38
CA CYS A 358 1.98 19.95 14.61
C CYS A 358 1.11 19.89 13.36
N LYS A 359 -0.13 19.44 13.52
CA LYS A 359 -1.06 19.30 12.41
C LYS A 359 -2.14 20.37 12.47
N VAL A 360 -2.62 20.80 11.31
CA VAL A 360 -3.61 21.86 11.20
C VAL A 360 -4.79 21.36 10.39
N GLN A 361 -6.00 21.69 10.86
CA GLN A 361 -7.23 21.33 10.14
C GLN A 361 -8.31 22.34 10.54
N SER A 362 -8.63 23.24 9.61
CA SER A 362 -9.81 24.11 9.69
C SER A 362 -9.93 24.76 11.07
N ASN A 363 -8.95 25.62 11.36
CA ASN A 363 -8.86 26.50 12.52
C ASN A 363 -8.48 25.69 13.77
N ARG A 364 -8.48 24.36 13.72
CA ARG A 364 -8.15 23.54 14.87
C ARG A 364 -6.80 22.89 14.65
N VAL A 365 -5.92 23.01 15.63
CA VAL A 365 -4.65 22.31 15.55
C VAL A 365 -4.75 21.02 16.36
N PHE A 366 -4.07 20.00 15.85
CA PHE A 366 -3.95 18.71 16.53
C PHE A 366 -2.46 18.39 16.55
N CYS A 367 -1.86 18.39 17.73
CA CYS A 367 -0.41 18.31 17.74
C CYS A 367 0.05 17.76 19.09
N ASP A 368 1.11 16.96 19.04
CA ASP A 368 1.50 16.12 20.15
C ASP A 368 2.28 16.91 21.20
N THR A 369 1.95 16.71 22.47
CA THR A 369 2.63 17.38 23.57
C THR A 369 3.83 16.60 24.08
N MET A 370 4.05 15.37 23.60
CA MET A 370 5.19 14.59 24.07
C MET A 370 6.50 15.26 23.71
N ASN A 371 6.54 15.98 22.59
CA ASN A 371 7.70 16.80 22.22
C ASN A 371 7.30 18.26 22.33
N SER A 372 7.44 18.80 23.55
CA SER A 372 7.02 20.16 23.82
C SER A 372 7.92 20.76 24.89
N LEU A 373 7.65 22.03 25.20
CA LEU A 373 8.32 22.74 26.28
C LEU A 373 7.27 23.38 27.17
N THR A 374 7.43 23.23 28.48
CA THR A 374 6.52 23.83 29.46
C THR A 374 6.97 25.26 29.76
N LEU A 375 6.78 26.12 28.78
CA LEU A 375 7.26 27.47 28.88
C LEU A 375 6.38 28.26 29.85
N PRO A 376 6.97 29.18 30.63
CA PRO A 376 6.16 29.96 31.57
C PRO A 376 5.16 30.85 30.85
N SER A 377 4.05 31.13 31.54
CA SER A 377 2.94 31.84 30.92
C SER A 377 3.29 33.26 30.51
N GLU A 378 4.40 33.81 31.03
CA GLU A 378 4.80 35.17 30.70
C GLU A 378 5.59 35.13 29.39
N VAL A 379 4.90 34.80 28.31
CA VAL A 379 5.52 34.74 26.99
C VAL A 379 4.87 35.68 25.98
N ASN A 380 3.62 36.09 26.17
CA ASN A 380 3.02 37.04 25.25
C ASN A 380 3.61 38.44 25.43
N LEU A 381 4.07 38.76 26.63
CA LEU A 381 4.69 40.07 26.87
C LEU A 381 5.96 40.24 26.05
N CYS A 382 6.80 39.19 26.00
CA CYS A 382 7.98 39.23 25.15
C CYS A 382 7.58 39.33 23.68
N ASN A 383 6.48 38.69 23.31
CA ASN A 383 6.02 38.74 21.93
C ASN A 383 5.61 40.16 21.54
N VAL A 384 4.90 40.86 22.42
CA VAL A 384 4.44 42.20 22.11
C VAL A 384 5.60 43.19 22.11
N ASP A 385 6.28 43.30 23.26
CA ASP A 385 7.42 44.19 23.41
C ASP A 385 8.67 43.34 23.58
N ILE A 386 9.60 43.44 22.62
CA ILE A 386 10.79 42.60 22.63
C ILE A 386 11.68 42.93 23.82
N PHE A 387 11.77 44.20 24.21
CA PHE A 387 12.67 44.65 25.26
C PHE A 387 11.87 44.86 26.55
N ASN A 388 11.71 43.79 27.32
CA ASN A 388 11.08 43.88 28.63
C ASN A 388 11.91 43.08 29.64
N PRO A 389 12.06 43.59 30.87
CA PRO A 389 12.81 42.90 31.92
C PRO A 389 12.02 41.77 32.59
N LYS A 390 11.36 40.95 31.77
CA LYS A 390 10.57 39.84 32.29
C LYS A 390 10.76 38.54 31.53
N TYR A 391 11.54 38.53 30.45
CA TYR A 391 11.79 37.31 29.70
C TYR A 391 13.08 37.44 28.90
N ASP A 392 13.66 36.28 28.59
CA ASP A 392 14.93 36.22 27.87
C ASP A 392 14.78 36.67 26.42
N CYS A 393 13.71 36.24 25.74
CA CYS A 393 13.46 36.57 24.34
C CYS A 393 14.63 36.11 23.46
N LYS A 394 14.76 34.79 23.36
CA LYS A 394 15.90 34.18 22.71
C LYS A 394 16.06 34.66 21.27
N ILE A 395 17.32 34.94 20.90
CA ILE A 395 17.70 35.38 19.56
C ILE A 395 18.93 34.58 19.13
N MET A 396 19.27 34.70 17.84
CA MET A 396 20.53 34.19 17.33
C MET A 396 21.00 35.15 16.25
N THR A 397 22.27 35.58 16.32
CA THR A 397 22.78 36.62 15.46
C THR A 397 24.00 36.12 14.69
N SER A 398 24.18 36.65 13.49
CA SER A 398 25.27 36.25 12.61
C SER A 398 25.50 37.36 11.59
N LYS A 399 26.57 37.21 10.81
CA LYS A 399 26.93 38.16 9.78
C LYS A 399 26.64 37.65 8.37
N THR A 400 25.82 36.61 8.24
CA THR A 400 25.44 36.12 6.92
C THR A 400 24.20 36.86 6.42
N ASP A 401 24.26 37.29 5.16
CA ASP A 401 23.20 38.08 4.54
C ASP A 401 22.76 37.38 3.26
N VAL A 402 21.70 36.60 3.35
CA VAL A 402 21.18 35.83 2.21
C VAL A 402 19.68 36.09 2.10
N SER A 403 19.22 36.36 0.89
CA SER A 403 17.80 36.60 0.66
C SER A 403 16.98 35.36 1.01
N SER A 404 15.85 35.58 1.69
CA SER A 404 14.97 34.49 2.07
C SER A 404 13.60 35.07 2.37
N SER A 405 12.60 34.19 2.40
CA SER A 405 11.23 34.60 2.68
C SER A 405 10.47 33.44 3.30
N VAL A 406 9.42 33.77 4.04
CA VAL A 406 8.57 32.78 4.68
C VAL A 406 7.11 33.08 4.34
N ILE A 407 6.28 32.06 4.47
CA ILE A 407 4.85 32.15 4.18
C ILE A 407 4.09 31.93 5.47
N THR A 408 3.36 32.94 5.92
CA THR A 408 2.59 32.84 7.14
C THR A 408 1.21 32.26 6.82
N SER A 409 0.30 32.32 7.80
CA SER A 409 -1.06 31.88 7.55
C SER A 409 -1.81 32.78 6.58
N LEU A 410 -1.61 34.09 6.66
CA LEU A 410 -2.37 35.03 5.84
C LEU A 410 -1.49 36.03 5.10
N GLY A 411 -0.26 35.66 4.78
CA GLY A 411 0.59 36.60 4.07
C GLY A 411 1.97 36.04 3.81
N ALA A 412 2.82 36.89 3.28
CA ALA A 412 4.20 36.54 2.98
C ALA A 412 5.14 37.55 3.62
N ILE A 413 6.15 37.05 4.33
CA ILE A 413 7.22 37.88 4.89
C ILE A 413 8.44 37.70 3.99
N VAL A 414 9.03 38.82 3.58
CA VAL A 414 10.17 38.81 2.66
C VAL A 414 11.34 39.51 3.32
N SER A 415 12.50 38.87 3.32
CA SER A 415 13.70 39.43 3.91
C SER A 415 14.84 39.53 2.91
N CYS A 416 14.51 39.87 1.67
CA CYS A 416 15.53 39.94 0.62
C CYS A 416 16.49 41.10 0.88
N TYR A 417 17.77 40.86 0.67
CA TYR A 417 18.82 41.79 1.05
C TYR A 417 19.87 41.88 -0.06
N GLY A 418 20.53 43.03 -0.12
CA GLY A 418 21.60 43.24 -1.08
C GLY A 418 21.10 43.32 -2.51
N LYS A 419 22.01 42.98 -3.44
CA LYS A 419 21.72 42.98 -4.86
C LYS A 419 20.94 41.72 -5.21
N THR A 420 19.64 41.78 -4.95
CA THR A 420 18.75 40.65 -5.22
C THR A 420 17.35 41.19 -5.48
N LYS A 421 16.83 40.91 -6.67
CA LYS A 421 15.50 41.40 -7.03
C LYS A 421 14.43 40.74 -6.17
N CYS A 422 13.43 41.52 -5.78
CA CYS A 422 12.32 41.04 -4.98
C CYS A 422 11.03 41.47 -5.67
N THR A 423 10.03 40.59 -5.69
CA THR A 423 8.80 40.91 -6.38
C THR A 423 7.63 40.23 -5.71
N ALA A 424 6.47 40.89 -5.76
CA ALA A 424 5.21 40.29 -5.38
C ALA A 424 4.22 40.53 -6.51
N SER A 425 3.61 39.46 -7.01
CA SER A 425 2.74 39.57 -8.17
C SER A 425 1.49 38.72 -7.96
N ASN A 426 0.54 38.88 -8.86
CA ASN A 426 -0.69 38.09 -8.87
C ASN A 426 -1.07 37.77 -10.31
N LYS A 427 -1.99 36.83 -10.48
CA LYS A 427 -2.34 36.33 -11.80
C LYS A 427 -3.24 37.27 -12.59
N ASN A 428 -3.74 38.33 -11.97
CA ASN A 428 -4.66 39.25 -12.63
C ASN A 428 -3.93 40.43 -13.28
N ARG A 429 -3.20 41.20 -12.49
CA ARG A 429 -2.54 42.42 -12.95
C ARG A 429 -1.02 42.26 -12.97
N GLY A 430 -0.52 41.14 -12.46
CA GLY A 430 0.91 40.92 -12.51
C GLY A 430 1.63 41.58 -11.35
N ILE A 431 2.80 42.15 -11.66
CA ILE A 431 3.63 42.76 -10.62
C ILE A 431 2.87 43.91 -9.97
N ILE A 432 2.74 43.84 -8.64
CA ILE A 432 2.06 44.89 -7.89
C ILE A 432 2.96 45.60 -6.89
N LYS A 433 3.94 44.93 -6.30
CA LYS A 433 4.76 45.53 -5.26
C LYS A 433 6.21 45.10 -5.45
N THR A 434 7.13 46.03 -5.21
CA THR A 434 8.56 45.75 -5.23
C THR A 434 9.14 46.16 -3.90
N PHE A 435 9.87 45.26 -3.27
CA PHE A 435 10.46 45.50 -1.96
C PHE A 435 11.84 46.11 -2.16
N SER A 436 12.09 47.24 -1.49
CA SER A 436 13.36 47.95 -1.71
C SER A 436 14.49 47.33 -0.88
N ASN A 437 14.35 47.37 0.45
CA ASN A 437 15.34 46.79 1.34
C ASN A 437 14.73 46.69 2.74
N GLY A 438 15.30 45.80 3.55
CA GLY A 438 14.71 45.50 4.84
C GLY A 438 13.55 44.54 4.72
N CYS A 439 13.21 43.84 5.79
CA CYS A 439 12.13 42.86 5.70
C CYS A 439 10.78 43.55 5.63
N ASP A 440 9.90 43.01 4.79
CA ASP A 440 8.58 43.58 4.55
C ASP A 440 7.55 42.46 4.55
N TYR A 441 6.28 42.87 4.46
CA TYR A 441 5.14 41.97 4.56
C TYR A 441 4.14 42.32 3.46
N VAL A 442 3.54 41.29 2.86
CA VAL A 442 2.44 41.46 1.93
C VAL A 442 1.27 40.59 2.38
N SER A 443 0.09 41.20 2.45
CA SER A 443 -1.11 40.48 2.83
C SER A 443 -1.49 39.48 1.74
N ASN A 444 -2.16 38.40 2.17
CA ASN A 444 -2.49 37.33 1.23
C ASN A 444 -3.46 37.78 0.15
N LYS A 445 -4.45 38.61 0.51
CA LYS A 445 -5.43 39.06 -0.48
C LYS A 445 -5.02 40.38 -1.12
N GLY A 446 -3.76 40.48 -1.50
CA GLY A 446 -3.30 41.52 -2.40
C GLY A 446 -2.50 40.95 -3.54
N VAL A 447 -1.88 39.79 -3.30
CA VAL A 447 -0.97 39.14 -4.23
C VAL A 447 -1.32 37.65 -4.27
N ASP A 448 -0.73 36.96 -5.24
CA ASP A 448 -0.90 35.52 -5.37
C ASP A 448 0.41 34.76 -5.28
N THR A 449 1.51 35.34 -5.75
CA THR A 449 2.82 34.73 -5.65
C THR A 449 3.83 35.78 -5.22
N VAL A 450 4.90 35.31 -4.57
CA VAL A 450 6.03 36.16 -4.21
C VAL A 450 7.28 35.51 -4.79
N SER A 451 8.29 36.33 -5.08
CA SER A 451 9.52 35.83 -5.68
C SER A 451 10.69 36.58 -5.07
N VAL A 452 11.70 35.82 -4.64
CA VAL A 452 12.94 36.40 -4.15
C VAL A 452 14.09 35.79 -4.93
N GLY A 453 15.02 36.63 -5.39
CA GLY A 453 16.11 36.16 -6.21
C GLY A 453 15.64 35.46 -7.47
N ASN A 454 15.80 34.15 -7.50
CA ASN A 454 15.34 33.33 -8.62
C ASN A 454 14.34 32.27 -8.21
N THR A 455 13.78 32.36 -7.01
CA THR A 455 12.84 31.36 -6.51
C THR A 455 11.47 31.98 -6.26
N LEU A 456 10.43 31.16 -6.41
CA LEU A 456 9.05 31.59 -6.36
C LEU A 456 8.29 30.80 -5.30
N TYR A 457 7.62 31.52 -4.41
CA TYR A 457 6.76 30.94 -3.38
C TYR A 457 5.32 31.32 -3.68
N TYR A 458 4.40 30.39 -3.40
CA TYR A 458 2.98 30.65 -3.53
C TYR A 458 2.41 30.96 -2.16
N VAL A 459 1.87 32.17 -1.99
CA VAL A 459 1.37 32.60 -0.69
C VAL A 459 0.03 31.91 -0.41
N ASN A 460 -0.25 31.67 0.86
CA ASN A 460 -1.51 31.05 1.26
C ASN A 460 -2.68 31.95 0.83
N LYS A 461 -3.77 31.30 0.41
CA LYS A 461 -4.91 32.00 -0.16
C LYS A 461 -6.19 31.59 0.56
N GLN A 462 -6.18 31.62 1.89
CA GLN A 462 -7.36 31.33 2.68
C GLN A 462 -7.74 32.56 3.49
N GLU A 463 -9.04 32.82 3.58
CA GLU A 463 -9.54 34.12 4.00
C GLU A 463 -9.15 34.45 5.44
N GLY A 464 -8.92 35.72 5.68
CA GLY A 464 -8.60 36.19 7.02
C GLY A 464 -8.31 37.68 6.98
N LYS A 465 -8.22 38.27 8.17
CA LYS A 465 -7.96 39.70 8.33
C LYS A 465 -6.59 39.88 8.97
N SER A 466 -5.75 40.68 8.32
CA SER A 466 -4.40 40.92 8.80
C SER A 466 -4.16 42.42 8.90
N LEU A 467 -3.43 42.83 9.94
CA LEU A 467 -3.09 44.23 10.16
C LEU A 467 -1.58 44.36 10.34
N TYR A 468 -0.99 45.31 9.62
CA TYR A 468 0.46 45.47 9.54
C TYR A 468 0.86 46.68 10.37
N VAL A 469 1.26 46.41 11.63
CA VAL A 469 1.66 47.49 12.52
C VAL A 469 3.01 48.03 12.10
N LYS A 470 3.27 49.29 12.46
CA LYS A 470 4.53 49.94 12.11
C LYS A 470 5.50 49.86 13.28
N GLY A 471 6.73 49.45 13.01
CA GLY A 471 7.75 49.36 14.03
C GLY A 471 9.03 50.07 13.65
N GLU A 472 10.15 49.60 14.18
CA GLU A 472 11.45 50.19 13.92
C GLU A 472 12.48 49.09 13.73
N PRO A 473 13.53 49.33 12.94
CA PRO A 473 14.55 48.30 12.70
C PRO A 473 15.49 48.12 13.88
N ILE A 474 15.13 47.22 14.80
CA ILE A 474 15.83 47.01 16.07
C ILE A 474 17.34 46.88 15.90
N ILE A 475 17.79 46.34 14.74
CA ILE A 475 19.22 46.14 14.53
C ILE A 475 19.97 47.47 14.55
N ASN A 476 19.28 48.57 14.21
CA ASN A 476 19.93 49.86 14.24
C ASN A 476 20.12 50.42 15.65
N PHE A 477 19.42 49.88 16.64
CA PHE A 477 19.67 50.31 18.02
C PHE A 477 21.06 49.91 18.49
N TYR A 478 21.51 48.73 18.09
CA TYR A 478 22.78 48.19 18.54
C TYR A 478 23.95 48.89 17.82
N ASP A 479 25.14 48.72 18.40
CA ASP A 479 26.34 49.25 17.79
C ASP A 479 26.59 48.54 16.46
N PRO A 480 27.18 49.22 15.48
CA PRO A 480 27.36 48.58 14.16
C PRO A 480 28.13 47.27 14.20
N LEU A 481 29.15 47.13 15.03
CA LEU A 481 29.89 45.87 15.08
C LEU A 481 30.42 45.67 16.50
N VAL A 482 29.62 45.01 17.32
CA VAL A 482 30.06 44.49 18.62
C VAL A 482 29.51 43.08 18.80
N PHE A 483 28.54 42.70 17.98
CA PHE A 483 27.89 41.41 18.15
C PHE A 483 28.89 40.28 17.95
N PRO A 484 28.80 39.22 18.74
CA PRO A 484 29.34 37.93 18.31
C PRO A 484 28.48 37.37 17.18
N SER A 485 29.09 36.51 16.38
CA SER A 485 28.39 35.84 15.30
C SER A 485 28.65 34.35 15.36
N ASP A 486 28.69 33.81 16.58
CA ASP A 486 29.23 32.49 16.84
C ASP A 486 28.36 31.74 17.86
N GLU A 487 27.04 31.79 17.67
CA GLU A 487 26.14 31.07 18.56
C GLU A 487 24.86 30.72 17.85
N PHE A 488 24.20 29.66 18.33
CA PHE A 488 22.87 29.27 17.89
C PHE A 488 21.86 29.31 19.03
N ASP A 489 22.31 29.50 20.27
CA ASP A 489 21.42 29.46 21.43
C ASP A 489 21.82 30.61 22.34
N ALA A 490 21.10 31.72 22.24
CA ALA A 490 21.40 32.89 23.04
C ALA A 490 20.10 33.65 23.29
N SER A 491 20.14 34.52 24.28
CA SER A 491 19.00 35.36 24.63
C SER A 491 19.40 36.83 24.58
N ILE A 492 18.40 37.69 24.74
CA ILE A 492 18.64 39.13 24.75
C ILE A 492 19.55 39.50 25.91
N SER A 493 19.32 38.91 27.09
CA SER A 493 20.11 39.23 28.26
C SER A 493 21.58 38.85 28.06
N GLN A 494 21.84 37.68 27.49
CA GLN A 494 23.22 37.26 27.27
C GLN A 494 23.94 38.19 26.31
N VAL A 495 23.29 38.55 25.21
CA VAL A 495 23.91 39.44 24.22
C VAL A 495 24.15 40.81 24.84
N ASN A 496 23.18 41.32 25.61
CA ASN A 496 23.35 42.62 26.23
C ASN A 496 24.48 42.61 27.25
N GLU A 497 24.59 41.54 28.04
CA GLU A 497 25.69 41.44 29.00
C GLU A 497 27.04 41.33 28.29
N LYS A 498 27.09 40.59 27.17
CA LYS A 498 28.33 40.51 26.41
C LYS A 498 28.71 41.87 25.85
N ILE A 499 27.72 42.64 25.37
CA ILE A 499 27.99 43.99 24.88
C ILE A 499 28.51 44.87 26.01
N ASN A 500 27.90 44.77 27.19
CA ASN A 500 28.35 45.56 28.34
C ASN A 500 29.79 45.20 28.71
N GLN A 501 30.11 43.91 28.73
CA GLN A 501 31.46 43.49 29.10
C GLN A 501 32.48 43.89 28.03
N SER A 502 32.08 43.90 26.75
CA SER A 502 33.01 44.34 25.71
C SER A 502 33.23 45.84 25.76
N LEU A 503 32.19 46.60 26.10
CA LEU A 503 32.37 48.04 26.31
C LEU A 503 33.28 48.31 27.50
N ALA A 504 33.10 47.56 28.58
CA ALA A 504 34.02 47.67 29.71
C ALA A 504 35.44 47.32 29.31
N PHE A 505 35.59 46.29 28.48
CA PHE A 505 36.89 45.95 27.91
C PHE A 505 37.52 47.13 27.17
N ILE A 506 36.78 47.73 26.24
CA ILE A 506 37.38 48.75 25.39
C ILE A 506 37.67 50.01 26.18
N ARG A 507 36.89 50.30 27.22
CA ARG A 507 37.21 51.47 28.02
C ARG A 507 38.38 51.21 28.96
N LYS A 508 38.47 49.99 29.53
CA LYS A 508 39.57 49.68 30.44
C LYS A 508 40.90 49.59 29.70
N SER A 509 40.89 49.06 28.47
CA SER A 509 42.12 48.97 27.71
C SER A 509 42.70 50.34 27.42
N ASP A 510 41.84 51.31 27.08
CA ASP A 510 42.31 52.66 26.86
C ASP A 510 42.70 53.35 28.16
N GLU A 511 41.98 53.07 29.25
CA GLU A 511 42.31 53.67 30.54
C GLU A 511 43.68 53.22 31.03
N LEU A 512 44.00 51.94 30.83
CA LEU A 512 45.30 51.42 31.25
C LEU A 512 46.44 52.10 30.49
N LEU A 513 46.27 52.32 29.20
CA LEU A 513 47.28 52.97 28.38
C LEU A 513 47.05 54.49 28.36
N GLN B 1 -2.59 -44.49 32.88
CA GLN B 1 -3.85 -44.71 33.59
C GLN B 1 -4.88 -43.65 33.25
N VAL B 2 -5.73 -43.94 32.26
CA VAL B 2 -6.76 -43.04 31.81
C VAL B 2 -8.10 -43.58 32.29
N GLN B 3 -8.83 -42.76 33.05
CA GLN B 3 -10.11 -43.18 33.61
C GLN B 3 -10.90 -41.93 33.98
N LEU B 4 -12.22 -42.02 33.79
CA LEU B 4 -13.13 -40.93 34.13
C LEU B 4 -14.04 -41.38 35.27
N VAL B 5 -14.30 -40.46 36.19
CA VAL B 5 -15.14 -40.71 37.35
C VAL B 5 -16.33 -39.76 37.31
N GLU B 6 -17.52 -40.31 37.54
CA GLU B 6 -18.76 -39.57 37.41
C GLU B 6 -19.30 -39.22 38.79
N SER B 7 -20.19 -38.22 38.82
CA SER B 7 -20.84 -37.80 40.06
C SER B 7 -22.19 -37.19 39.71
N GLY B 8 -23.15 -37.38 40.62
CA GLY B 8 -24.48 -36.82 40.44
C GLY B 8 -25.42 -37.78 39.72
N GLY B 9 -26.71 -37.45 39.77
CA GLY B 9 -27.76 -38.20 39.12
C GLY B 9 -28.86 -38.55 40.10
N GLY B 10 -29.69 -39.52 39.71
CA GLY B 10 -30.76 -39.99 40.56
C GLY B 10 -32.15 -39.70 40.04
N VAL B 11 -33.09 -39.50 40.97
CA VAL B 11 -34.50 -39.28 40.63
C VAL B 11 -34.78 -37.79 40.69
N VAL B 12 -35.31 -37.25 39.59
CA VAL B 12 -35.60 -35.82 39.47
C VAL B 12 -37.05 -35.67 39.02
N GLN B 13 -37.78 -34.77 39.68
CA GLN B 13 -39.13 -34.46 39.27
C GLN B 13 -39.11 -33.69 37.95
N PRO B 14 -40.22 -33.68 37.22
CA PRO B 14 -40.28 -32.87 35.98
C PRO B 14 -39.97 -31.42 36.27
N GLY B 15 -39.22 -30.80 35.35
CA GLY B 15 -38.59 -29.53 35.69
C GLY B 15 -37.37 -29.79 36.55
N THR B 16 -37.15 -28.91 37.53
CA THR B 16 -36.12 -29.10 38.56
C THR B 16 -34.75 -29.29 37.93
N SER B 17 -34.27 -28.22 37.30
CA SER B 17 -33.01 -28.25 36.58
C SER B 17 -31.86 -28.71 37.48
N LEU B 18 -31.09 -29.67 36.97
CA LEU B 18 -29.98 -30.27 37.69
C LEU B 18 -28.71 -30.11 36.87
N THR B 19 -27.61 -29.79 37.55
CA THR B 19 -26.31 -29.65 36.91
C THR B 19 -25.51 -30.95 37.10
N LEU B 20 -24.94 -31.45 36.00
CA LEU B 20 -24.22 -32.71 35.98
C LEU B 20 -22.73 -32.42 35.89
N SER B 21 -21.94 -33.20 36.62
CA SER B 21 -20.51 -32.97 36.73
C SER B 21 -19.73 -34.21 36.33
N CYS B 22 -18.75 -34.02 35.45
CA CYS B 22 -17.78 -35.05 35.12
C CYS B 22 -16.46 -34.74 35.81
N ALA B 23 -15.47 -35.61 35.61
CA ALA B 23 -14.16 -35.41 36.19
C ALA B 23 -13.14 -36.21 35.38
N ALA B 24 -11.87 -35.85 35.56
CA ALA B 24 -10.80 -36.50 34.80
C ALA B 24 -9.51 -36.43 35.61
N SER B 25 -8.62 -37.37 35.31
CA SER B 25 -7.32 -37.44 35.98
C SER B 25 -6.39 -38.33 35.17
N GLY B 26 -5.09 -38.16 35.39
CA GLY B 26 -4.10 -38.99 34.74
C GLY B 26 -3.69 -38.56 33.35
N PHE B 27 -4.19 -37.42 32.86
CA PHE B 27 -3.84 -36.94 31.54
C PHE B 27 -4.08 -35.44 31.47
N THR B 28 -3.46 -34.81 30.48
CA THR B 28 -3.67 -33.38 30.26
C THR B 28 -5.12 -33.11 29.87
N PHE B 29 -5.73 -32.13 30.53
CA PHE B 29 -7.14 -31.84 30.31
C PHE B 29 -7.40 -30.53 29.58
N ARG B 30 -6.42 -29.66 29.47
CA ARG B 30 -6.59 -28.37 28.80
C ARG B 30 -6.25 -28.41 27.32
N THR B 31 -5.89 -29.58 26.79
CA THR B 31 -5.52 -29.72 25.39
C THR B 31 -6.54 -30.52 24.59
N TYR B 32 -6.96 -31.68 25.09
CA TYR B 32 -7.92 -32.49 24.37
C TYR B 32 -9.30 -31.84 24.43
N ALA B 33 -10.28 -32.50 23.82
CA ALA B 33 -11.65 -32.01 23.86
C ALA B 33 -12.57 -33.07 24.43
N PHE B 34 -13.68 -32.61 25.02
CA PHE B 34 -14.65 -33.50 25.64
C PHE B 34 -16.04 -33.18 25.12
N HIS B 35 -16.94 -34.15 25.23
CA HIS B 35 -18.34 -33.92 24.89
C HIS B 35 -19.23 -34.89 25.68
N TRP B 36 -20.54 -34.72 25.52
CA TRP B 36 -21.54 -35.43 26.30
C TRP B 36 -22.50 -36.17 25.38
N VAL B 37 -22.79 -37.43 25.73
CA VAL B 37 -23.77 -38.24 25.00
C VAL B 37 -24.67 -38.90 26.03
N ARG B 38 -25.79 -39.45 25.57
CA ARG B 38 -26.67 -40.18 26.47
C ARG B 38 -27.31 -41.34 25.74
N GLN B 39 -27.85 -42.26 26.55
CA GLN B 39 -28.50 -43.46 26.03
C GLN B 39 -29.74 -43.76 26.85
N ALA B 40 -30.81 -44.10 26.17
CA ALA B 40 -32.05 -44.41 26.87
C ALA B 40 -32.28 -45.92 26.86
N PRO B 41 -32.89 -46.46 27.92
CA PRO B 41 -33.18 -47.90 27.94
C PRO B 41 -34.09 -48.29 26.79
N GLY B 42 -33.75 -49.40 26.15
CA GLY B 42 -34.49 -49.86 24.99
C GLY B 42 -34.19 -49.14 23.69
N LYS B 43 -33.27 -48.17 23.71
CA LYS B 43 -32.92 -47.44 22.50
C LYS B 43 -31.40 -47.39 22.34
N GLY B 44 -30.93 -46.67 21.33
CA GLY B 44 -29.51 -46.54 21.05
C GLY B 44 -28.92 -45.28 21.64
N LEU B 45 -27.74 -44.91 21.13
CA LEU B 45 -27.08 -43.70 21.57
C LEU B 45 -27.66 -42.48 20.85
N GLU B 46 -27.68 -41.36 21.56
CA GLU B 46 -28.20 -40.11 21.00
C GLU B 46 -27.24 -38.99 21.38
N TRP B 47 -26.69 -38.34 20.36
CA TRP B 47 -25.73 -37.26 20.59
C TRP B 47 -26.37 -36.11 21.35
N LEU B 48 -25.63 -35.57 22.32
CA LEU B 48 -26.15 -34.52 23.18
C LEU B 48 -25.44 -33.19 23.00
N ALA B 49 -24.12 -33.12 23.19
CA ALA B 49 -23.44 -31.83 23.05
C ALA B 49 -21.94 -32.04 22.93
N LEU B 50 -21.26 -31.01 22.42
CA LEU B 50 -19.82 -31.07 22.25
C LEU B 50 -19.20 -29.70 22.50
N VAL B 51 -18.07 -29.69 23.20
CA VAL B 51 -17.26 -28.50 23.38
C VAL B 51 -15.83 -28.78 22.95
N THR B 52 -14.95 -27.79 23.11
CA THR B 52 -13.55 -27.91 22.73
C THR B 52 -12.73 -27.22 23.83
N TYR B 53 -11.47 -26.91 23.52
CA TYR B 53 -10.61 -26.26 24.50
C TYR B 53 -11.24 -24.95 25.00
N ASP B 54 -11.14 -24.72 26.31
CA ASP B 54 -11.78 -23.58 26.97
C ASP B 54 -13.27 -23.62 26.65
N GLY B 55 -13.93 -22.46 26.67
CA GLY B 55 -15.30 -22.40 26.19
C GLY B 55 -15.40 -21.59 24.91
N THR B 56 -15.57 -22.27 23.79
CA THR B 56 -15.61 -21.62 22.49
C THR B 56 -16.30 -22.55 21.50
N THR B 57 -17.11 -21.96 20.62
CA THR B 57 -17.73 -22.66 19.50
C THR B 57 -18.36 -23.99 19.94
N GLN B 58 -19.19 -23.91 20.98
CA GLN B 58 -19.89 -25.08 21.46
C GLN B 58 -20.90 -25.56 20.43
N TYR B 59 -21.01 -26.87 20.28
CA TYR B 59 -21.87 -27.49 19.28
C TYR B 59 -22.98 -28.27 19.98
N TYR B 60 -24.18 -28.22 19.41
CA TYR B 60 -25.34 -28.86 20.00
C TYR B 60 -26.06 -29.70 18.96
N ALA B 61 -26.82 -30.68 19.45
CA ALA B 61 -27.64 -31.50 18.57
C ALA B 61 -28.91 -30.74 18.15
N ASP B 62 -29.49 -31.18 17.03
CA ASP B 62 -30.66 -30.50 16.49
C ASP B 62 -31.86 -30.64 17.44
N SER B 63 -32.07 -31.82 18.00
CA SER B 63 -33.24 -32.08 18.83
C SER B 63 -33.07 -31.64 20.27
N VAL B 64 -31.90 -31.12 20.63
CA VAL B 64 -31.61 -30.73 22.01
C VAL B 64 -31.24 -29.26 22.14
N LYS B 65 -30.88 -28.60 21.04
CA LYS B 65 -30.40 -27.22 21.08
C LYS B 65 -31.38 -26.30 21.78
N GLY B 66 -30.85 -25.40 22.60
CA GLY B 66 -31.67 -24.48 23.38
C GLY B 66 -31.94 -24.94 24.80
N ARG B 67 -32.36 -26.20 24.95
CA ARG B 67 -32.68 -26.72 26.27
C ARG B 67 -31.44 -27.04 27.10
N LEU B 68 -30.26 -27.06 26.49
CA LEU B 68 -29.06 -27.56 27.12
C LEU B 68 -27.92 -26.55 27.01
N THR B 69 -27.07 -26.51 28.04
CA THR B 69 -25.81 -25.80 28.00
C THR B 69 -24.71 -26.69 28.54
N ILE B 70 -23.51 -26.56 27.98
CA ILE B 70 -22.36 -27.32 28.42
C ILE B 70 -21.17 -26.37 28.53
N TYR B 71 -20.49 -26.41 29.67
CA TYR B 71 -19.35 -25.54 29.89
C TYR B 71 -18.36 -26.24 30.80
N ARG B 72 -17.08 -25.98 30.58
CA ARG B 72 -16.01 -26.65 31.30
C ARG B 72 -15.20 -25.65 32.11
N ASP B 73 -14.65 -26.13 33.22
CA ASP B 73 -13.79 -25.34 34.08
C ASP B 73 -12.39 -25.95 34.06
N ASN B 74 -11.39 -25.14 33.69
CA ASN B 74 -10.03 -25.63 33.52
C ASN B 74 -9.27 -25.76 34.83
N SER B 75 -9.73 -25.11 35.91
CA SER B 75 -8.99 -25.15 37.17
C SER B 75 -9.31 -26.43 37.96
N LYS B 76 -10.59 -26.76 38.07
CA LYS B 76 -11.02 -27.92 38.82
C LYS B 76 -11.04 -29.20 37.98
N ASN B 77 -10.84 -29.09 36.66
CA ASN B 77 -10.87 -30.23 35.75
C ASN B 77 -12.18 -31.00 35.88
N THR B 78 -13.29 -30.27 36.01
CA THR B 78 -14.61 -30.85 36.17
C THR B 78 -15.56 -30.22 35.16
N LEU B 79 -15.87 -30.96 34.09
CA LEU B 79 -16.75 -30.44 33.05
C LEU B 79 -18.19 -30.45 33.54
N PHE B 80 -18.99 -29.49 33.07
CA PHE B 80 -20.31 -29.21 33.64
C PHE B 80 -21.39 -29.20 32.55
N LEU B 81 -22.52 -29.82 32.86
CA LEU B 81 -23.73 -29.79 32.05
C LEU B 81 -24.85 -29.11 32.84
N HIS B 82 -25.69 -28.35 32.15
CA HIS B 82 -26.85 -27.72 32.78
C HIS B 82 -28.00 -27.74 31.80
N LEU B 83 -29.07 -28.44 32.17
CA LEU B 83 -30.24 -28.59 31.30
C LEU B 83 -31.47 -28.09 32.03
N ASN B 84 -32.39 -27.53 31.26
CA ASN B 84 -33.61 -26.93 31.80
C ASN B 84 -34.83 -27.62 31.21
N SER B 85 -35.98 -27.34 31.81
CA SER B 85 -37.29 -27.83 31.36
C SER B 85 -37.25 -29.34 31.08
N LEU B 86 -36.91 -30.09 32.11
CA LEU B 86 -36.81 -31.54 31.99
C LEU B 86 -38.17 -32.13 31.67
N ARG B 87 -38.23 -32.96 30.64
CA ARG B 87 -39.45 -33.60 30.21
C ARG B 87 -39.48 -35.06 30.67
N ARG B 88 -40.51 -35.79 30.27
CA ARG B 88 -40.67 -37.18 30.69
C ARG B 88 -39.73 -38.14 29.94
N ASP B 89 -39.18 -37.72 28.81
CA ASP B 89 -38.40 -38.60 27.96
C ASP B 89 -36.89 -38.52 28.21
N ASP B 90 -36.45 -37.77 29.22
CA ASP B 90 -35.02 -37.62 29.48
C ASP B 90 -34.47 -38.68 30.41
N THR B 91 -35.29 -39.63 30.87
CA THR B 91 -34.81 -40.72 31.70
C THR B 91 -33.79 -41.54 30.91
N ALA B 92 -32.53 -41.46 31.30
CA ALA B 92 -31.46 -42.05 30.50
C ALA B 92 -30.18 -42.11 31.34
N ILE B 93 -29.15 -42.70 30.75
CA ILE B 93 -27.81 -42.74 31.33
C ILE B 93 -26.92 -41.83 30.50
N TYR B 94 -26.16 -40.98 31.19
CA TYR B 94 -25.33 -39.96 30.56
C TYR B 94 -23.86 -40.35 30.63
N PHE B 95 -23.16 -40.12 29.53
CA PHE B 95 -21.77 -40.55 29.36
C PHE B 95 -20.91 -39.38 28.88
N CYS B 96 -19.75 -39.22 29.50
CA CYS B 96 -18.74 -38.29 29.03
C CYS B 96 -17.90 -38.97 27.95
N ALA B 97 -17.31 -38.16 27.08
CA ALA B 97 -16.49 -38.68 26.00
C ALA B 97 -15.29 -37.77 25.78
N ARG B 98 -14.15 -38.38 25.47
CA ARG B 98 -12.89 -37.71 25.26
C ARG B 98 -12.46 -37.92 23.81
N GLY B 99 -12.16 -36.83 23.12
CA GLY B 99 -11.81 -36.91 21.70
C GLY B 99 -10.97 -35.74 21.26
N GLY B 100 -10.52 -35.83 20.02
CA GLY B 100 -9.65 -34.81 19.45
C GLY B 100 -8.18 -35.07 19.74
N GLU B 101 -7.34 -34.33 19.04
CA GLU B 101 -5.90 -34.44 19.26
C GLU B 101 -5.23 -33.11 19.55
N GLY B 102 -5.64 -32.03 18.88
CA GLY B 102 -4.98 -30.75 19.00
C GLY B 102 -5.95 -29.61 19.31
N SER B 103 -5.42 -28.40 19.18
CA SER B 103 -6.18 -27.17 19.42
C SER B 103 -6.97 -26.82 18.16
N PHE B 104 -8.04 -27.57 17.93
CA PHE B 104 -8.89 -27.40 16.76
C PHE B 104 -10.34 -27.24 17.19
N SER B 105 -11.09 -26.46 16.42
CA SER B 105 -12.48 -26.18 16.73
C SER B 105 -13.47 -26.79 15.75
N TRP B 106 -13.03 -27.10 14.53
CA TRP B 106 -13.92 -27.67 13.54
C TRP B 106 -14.33 -29.09 13.93
N LEU B 107 -15.64 -29.37 13.85
CA LEU B 107 -16.17 -30.59 14.41
C LEU B 107 -15.67 -31.84 13.70
N GLY B 108 -15.26 -31.71 12.44
CA GLY B 108 -14.78 -32.88 11.71
C GLY B 108 -13.58 -33.52 12.35
N TYR B 109 -12.62 -32.70 12.79
CA TYR B 109 -11.49 -33.23 13.55
C TYR B 109 -11.92 -33.75 14.93
N LEU B 110 -13.07 -33.31 15.42
CA LEU B 110 -13.53 -33.69 16.76
C LEU B 110 -14.63 -34.73 16.63
N GLN B 111 -14.21 -35.99 16.47
CA GLN B 111 -15.16 -37.09 16.39
C GLN B 111 -14.69 -38.37 17.06
N TYR B 112 -13.49 -38.39 17.64
CA TYR B 112 -12.93 -39.62 18.19
C TYR B 112 -13.44 -39.86 19.61
N MET B 113 -13.43 -41.14 20.00
CA MET B 113 -13.72 -41.55 21.38
C MET B 113 -12.60 -42.50 21.79
N ASP B 114 -11.49 -41.96 22.27
CA ASP B 114 -10.38 -42.82 22.68
C ASP B 114 -10.70 -43.56 23.98
N VAL B 115 -11.46 -42.93 24.87
CA VAL B 115 -11.92 -43.54 26.11
C VAL B 115 -13.35 -43.09 26.35
N TRP B 116 -13.95 -43.60 27.41
CA TRP B 116 -15.32 -43.27 27.80
C TRP B 116 -15.35 -43.10 29.31
N GLY B 117 -16.56 -43.03 29.87
CA GLY B 117 -16.70 -42.95 31.31
C GLY B 117 -17.53 -44.09 31.87
N GLN B 118 -18.17 -43.86 33.00
CA GLN B 118 -19.05 -44.86 33.57
C GLN B 118 -20.51 -44.43 33.52
N GLY B 119 -20.78 -43.13 33.47
CA GLY B 119 -22.11 -42.62 33.24
C GLY B 119 -22.90 -42.44 34.52
N THR B 120 -23.88 -41.54 34.46
CA THR B 120 -24.79 -41.28 35.57
C THR B 120 -26.20 -41.56 35.11
N THR B 121 -26.98 -42.24 35.94
CA THR B 121 -28.37 -42.56 35.61
C THR B 121 -29.29 -41.49 36.17
N VAL B 122 -30.14 -40.93 35.32
CA VAL B 122 -31.11 -39.91 35.71
C VAL B 122 -32.48 -40.37 35.27
N THR B 123 -33.42 -40.41 36.20
CA THR B 123 -34.78 -40.87 35.92
C THR B 123 -35.78 -39.88 36.48
N VAL B 124 -36.93 -39.78 35.81
CA VAL B 124 -38.01 -38.88 36.18
C VAL B 124 -39.23 -39.70 36.55
N SER B 125 -39.93 -39.29 37.61
CA SER B 125 -41.13 -39.97 38.06
C SER B 125 -42.01 -38.99 38.80
N SER B 126 -43.28 -39.36 38.93
CA SER B 126 -44.25 -38.51 39.61
C SER B 126 -45.02 -39.30 40.67
N GLN C 1 -37.17 -37.78 16.12
CA GLN C 1 -35.72 -37.65 16.23
C GLN C 1 -35.01 -38.33 15.05
N SER C 2 -34.30 -37.54 14.26
CA SER C 2 -33.56 -38.07 13.13
C SER C 2 -32.40 -38.93 13.62
N ALA C 3 -32.15 -40.03 12.91
CA ALA C 3 -31.07 -40.95 13.26
C ALA C 3 -30.69 -41.73 12.01
N LEU C 4 -29.90 -42.78 12.19
CA LEU C 4 -29.46 -43.63 11.10
C LEU C 4 -30.09 -45.01 11.27
N THR C 5 -30.80 -45.47 10.24
CA THR C 5 -31.49 -46.75 10.32
C THR C 5 -30.48 -47.89 10.33
N GLN C 6 -30.80 -48.94 11.08
CA GLN C 6 -29.97 -50.13 11.21
C GLN C 6 -30.87 -51.35 11.36
N PRO C 7 -30.37 -52.54 11.02
CA PRO C 7 -31.17 -53.75 11.22
C PRO C 7 -31.51 -53.95 12.69
N ALA C 8 -32.69 -54.53 12.93
CA ALA C 8 -33.13 -54.76 14.31
C ALA C 8 -32.24 -55.76 15.02
N SER C 9 -31.89 -56.86 14.35
CA SER C 9 -31.06 -57.89 14.96
C SER C 9 -30.44 -58.75 13.88
N VAL C 10 -29.28 -59.33 14.21
CA VAL C 10 -28.57 -60.26 13.33
C VAL C 10 -28.07 -61.43 14.18
N SER C 11 -28.17 -62.64 13.62
CA SER C 11 -27.74 -63.86 14.27
C SER C 11 -26.75 -64.58 13.36
N GLY C 12 -25.69 -65.11 13.96
CA GLY C 12 -24.66 -65.80 13.20
C GLY C 12 -24.12 -67.00 13.93
N SER C 13 -23.62 -67.96 13.17
CA SER C 13 -22.95 -69.11 13.76
C SER C 13 -21.50 -68.75 14.07
N PRO C 14 -20.88 -69.43 15.04
CA PRO C 14 -19.47 -69.17 15.33
C PRO C 14 -18.59 -69.46 14.11
N GLY C 15 -17.57 -68.61 13.93
CA GLY C 15 -16.69 -68.74 12.78
C GLY C 15 -17.37 -68.46 11.45
N GLN C 16 -18.26 -67.47 11.40
CA GLN C 16 -18.93 -67.11 10.15
C GLN C 16 -18.77 -65.62 9.88
N SER C 17 -19.48 -65.12 8.88
CA SER C 17 -19.36 -63.72 8.46
C SER C 17 -20.73 -63.08 8.36
N ILE C 18 -20.79 -61.79 8.70
CA ILE C 18 -21.99 -60.98 8.55
C ILE C 18 -21.59 -59.71 7.81
N THR C 19 -22.59 -59.07 7.20
CA THR C 19 -22.36 -57.92 6.32
C THR C 19 -23.34 -56.80 6.68
N LEU C 20 -23.39 -56.45 7.97
CA LEU C 20 -24.44 -55.53 8.39
C LEU C 20 -24.11 -54.11 7.94
N SER C 21 -25.14 -53.26 7.88
CA SER C 21 -24.96 -51.94 7.29
C SER C 21 -25.96 -50.96 7.88
N CYS C 22 -25.66 -49.67 7.68
CA CYS C 22 -26.56 -48.58 8.01
C CYS C 22 -26.50 -47.54 6.91
N THR C 23 -27.66 -46.98 6.57
CA THR C 23 -27.83 -46.13 5.39
C THR C 23 -28.28 -44.74 5.80
N GLY C 24 -27.88 -43.75 5.00
CA GLY C 24 -28.29 -42.37 5.23
C GLY C 24 -28.34 -41.54 3.96
N THR C 25 -28.52 -40.24 4.10
CA THR C 25 -28.61 -39.33 2.96
C THR C 25 -27.21 -38.85 2.58
N SER C 26 -27.14 -37.92 1.62
CA SER C 26 -25.83 -37.45 1.15
C SER C 26 -25.09 -36.67 2.22
N SER C 27 -25.78 -35.75 2.91
CA SER C 27 -25.19 -34.96 3.98
C SER C 27 -25.27 -35.73 5.30
N ASP C 28 -24.76 -36.95 5.25
CA ASP C 28 -24.89 -37.92 6.33
C ASP C 28 -23.78 -38.95 6.17
N ILE C 29 -23.97 -40.13 6.79
CA ILE C 29 -23.03 -41.25 6.76
C ILE C 29 -22.46 -41.45 5.36
N GLY C 30 -23.27 -41.21 4.33
CA GLY C 30 -22.79 -41.29 2.97
C GLY C 30 -21.66 -40.31 2.70
N ASP C 31 -20.52 -40.84 2.26
CA ASP C 31 -19.32 -40.05 1.97
C ASP C 31 -18.81 -39.34 3.21
N TYR C 32 -17.99 -38.29 3.00
CA TYR C 32 -17.36 -37.47 4.02
C TYR C 32 -16.23 -38.20 4.73
N ASP C 33 -16.07 -39.49 4.48
CA ASP C 33 -15.03 -40.33 5.08
C ASP C 33 -14.92 -40.09 6.59
N TYR C 34 -16.05 -40.30 7.27
CA TYR C 34 -16.08 -40.19 8.71
C TYR C 34 -16.89 -41.33 9.33
N VAL C 35 -16.78 -42.53 8.75
CA VAL C 35 -17.50 -43.69 9.27
C VAL C 35 -16.85 -44.15 10.56
N SER C 36 -17.67 -44.39 11.58
CA SER C 36 -17.19 -44.95 12.84
C SER C 36 -18.09 -46.09 13.27
N TRP C 37 -17.49 -47.20 13.70
CA TRP C 37 -18.22 -48.35 14.17
C TRP C 37 -17.88 -48.60 15.63
N TYR C 38 -18.90 -48.80 16.46
CA TYR C 38 -18.77 -48.65 17.89
C TYR C 38 -19.50 -49.79 18.60
N GLN C 39 -18.87 -50.28 19.67
CA GLN C 39 -19.29 -51.49 20.36
C GLN C 39 -20.08 -51.14 21.62
N LYS C 40 -20.89 -52.10 22.07
CA LYS C 40 -21.58 -51.93 23.36
C LYS C 40 -21.92 -53.29 23.96
N TYR C 41 -21.31 -53.61 25.11
CA TYR C 41 -21.88 -54.68 25.90
C TYR C 41 -22.78 -54.10 26.98
N PRO C 42 -23.78 -54.86 27.43
CA PRO C 42 -24.63 -54.39 28.53
C PRO C 42 -23.81 -54.15 29.79
N ASP C 43 -24.20 -53.11 30.54
CA ASP C 43 -23.64 -52.72 31.83
C ASP C 43 -22.25 -52.08 31.71
N THR C 44 -21.67 -52.03 30.52
CA THR C 44 -20.34 -51.46 30.34
C THR C 44 -20.39 -50.32 29.33
N ALA C 45 -19.37 -49.45 29.41
CA ALA C 45 -19.26 -48.34 28.49
C ALA C 45 -18.86 -48.81 27.10
N PRO C 46 -19.24 -48.08 26.07
CA PRO C 46 -18.82 -48.43 24.70
C PRO C 46 -17.31 -48.32 24.53
N LYS C 47 -16.79 -49.11 23.59
CA LYS C 47 -15.38 -49.09 23.26
C LYS C 47 -15.22 -48.80 21.77
N LEU C 48 -14.12 -48.16 21.43
CA LEU C 48 -13.82 -47.80 20.05
C LEU C 48 -13.33 -49.02 19.30
N VAL C 49 -13.95 -49.32 18.16
CA VAL C 49 -13.51 -50.47 17.37
C VAL C 49 -13.07 -50.02 15.98
N ILE C 50 -13.80 -49.09 15.36
CA ILE C 50 -13.42 -48.60 14.02
C ILE C 50 -13.67 -47.10 13.93
N TYR C 51 -12.70 -46.38 13.37
CA TYR C 51 -12.85 -44.97 13.05
C TYR C 51 -12.29 -44.73 11.65
N ASP C 52 -12.78 -43.68 11.00
CA ASP C 52 -12.30 -43.24 9.70
C ASP C 52 -12.45 -44.33 8.64
N VAL C 53 -13.68 -44.84 8.51
CA VAL C 53 -14.10 -45.78 7.47
C VAL C 53 -13.47 -47.16 7.66
N SER C 54 -12.15 -47.26 7.48
CA SER C 54 -11.47 -48.54 7.54
C SER C 54 -10.33 -48.59 8.54
N GLU C 55 -9.93 -47.45 9.11
CA GLU C 55 -8.83 -47.45 10.06
C GLU C 55 -9.27 -48.05 11.39
N ARG C 56 -8.29 -48.56 12.14
CA ARG C 56 -8.53 -49.21 13.42
C ARG C 56 -7.59 -48.65 14.46
N PRO C 57 -8.02 -48.61 15.72
CA PRO C 57 -7.17 -48.06 16.78
C PRO C 57 -6.18 -49.10 17.29
N SER C 58 -5.38 -48.69 18.27
CA SER C 58 -4.41 -49.58 18.89
C SER C 58 -5.09 -50.51 19.89
N GLY C 59 -4.51 -51.69 20.05
CA GLY C 59 -5.04 -52.66 20.98
C GLY C 59 -6.40 -53.21 20.62
N VAL C 60 -6.67 -53.43 19.33
CA VAL C 60 -7.91 -54.01 18.87
C VAL C 60 -7.60 -55.05 17.80
N SER C 61 -8.50 -56.01 17.65
CA SER C 61 -8.31 -57.06 16.66
C SER C 61 -8.51 -56.52 15.24
N THR C 62 -7.86 -57.18 14.28
CA THR C 62 -7.99 -56.83 12.88
C THR C 62 -9.13 -57.55 12.18
N ARG C 63 -9.94 -58.31 12.93
CA ARG C 63 -10.99 -59.12 12.32
C ARG C 63 -12.09 -58.27 11.69
N PHE C 64 -12.35 -57.07 12.22
CA PHE C 64 -13.39 -56.22 11.67
C PHE C 64 -12.93 -55.61 10.34
N SER C 65 -13.91 -55.28 9.50
CA SER C 65 -13.61 -54.61 8.23
C SER C 65 -14.77 -53.69 7.90
N GLY C 66 -14.51 -52.38 7.88
CA GLY C 66 -15.52 -51.39 7.56
C GLY C 66 -15.30 -50.78 6.19
N SER C 67 -16.39 -50.41 5.54
CA SER C 67 -16.33 -49.84 4.20
C SER C 67 -17.57 -49.00 3.97
N LYS C 68 -17.53 -48.19 2.91
CA LYS C 68 -18.69 -47.40 2.52
C LYS C 68 -18.89 -47.51 1.02
N SER C 69 -20.14 -47.40 0.60
CA SER C 69 -20.50 -47.48 -0.81
C SER C 69 -21.76 -46.67 -1.05
N GLY C 70 -21.68 -45.67 -1.94
CA GLY C 70 -22.80 -44.82 -2.21
C GLY C 70 -23.27 -44.06 -0.98
N ASN C 71 -24.42 -44.46 -0.45
CA ASN C 71 -24.96 -43.86 0.78
C ASN C 71 -25.10 -44.91 1.87
N THR C 72 -24.25 -45.92 1.87
CA THR C 72 -24.33 -47.02 2.82
C THR C 72 -22.98 -47.20 3.49
N ALA C 73 -22.99 -47.53 4.78
CA ALA C 73 -21.79 -47.95 5.49
C ALA C 73 -21.96 -49.38 5.98
N SER C 74 -20.93 -50.19 5.75
CA SER C 74 -21.04 -51.62 5.98
C SER C 74 -19.90 -52.11 6.85
N LEU C 75 -20.24 -53.08 7.70
CA LEU C 75 -19.31 -53.74 8.59
C LEU C 75 -19.38 -55.25 8.37
N THR C 76 -18.20 -55.84 8.20
CA THR C 76 -18.02 -57.27 7.99
C THR C 76 -17.08 -57.83 9.04
N ILE C 77 -17.34 -59.06 9.46
CA ILE C 77 -16.51 -59.74 10.45
C ILE C 77 -16.17 -61.13 9.92
N SER C 78 -15.02 -61.65 10.35
CA SER C 78 -14.59 -62.98 10.00
C SER C 78 -14.20 -63.72 11.28
N GLY C 79 -14.59 -64.98 11.38
CA GLY C 79 -14.32 -65.75 12.58
C GLY C 79 -15.11 -65.27 13.77
N LEU C 80 -16.42 -65.49 13.72
CA LEU C 80 -17.32 -65.02 14.78
C LEU C 80 -16.96 -65.68 16.10
N GLN C 81 -17.13 -64.93 17.19
CA GLN C 81 -16.82 -65.37 18.54
C GLN C 81 -18.05 -65.24 19.41
N PRO C 82 -18.18 -66.10 20.44
CA PRO C 82 -19.35 -66.00 21.32
C PRO C 82 -19.47 -64.67 22.04
N GLU C 83 -18.35 -63.97 22.27
CA GLU C 83 -18.38 -62.68 22.95
C GLU C 83 -18.87 -61.56 22.05
N ASP C 84 -19.13 -61.81 20.78
CA ASP C 84 -19.58 -60.78 19.86
C ASP C 84 -21.05 -60.42 20.00
N GLU C 85 -21.79 -61.14 20.85
CA GLU C 85 -23.18 -60.78 21.13
C GLU C 85 -23.18 -59.43 21.84
N ALA C 86 -23.55 -58.38 21.12
CA ALA C 86 -23.39 -57.02 21.62
C ALA C 86 -24.25 -56.08 20.78
N ASP C 87 -24.07 -54.78 20.97
CA ASP C 87 -24.77 -53.76 20.21
C ASP C 87 -23.77 -52.99 19.37
N TYR C 88 -24.15 -52.75 18.11
CA TYR C 88 -23.32 -52.11 17.11
C TYR C 88 -23.94 -50.76 16.76
N TYR C 89 -23.10 -49.72 16.69
CA TYR C 89 -23.57 -48.40 16.28
C TYR C 89 -22.63 -47.81 15.25
N CYS C 90 -23.20 -47.01 14.33
CA CYS C 90 -22.41 -46.24 13.38
C CYS C 90 -22.53 -44.77 13.70
N ASN C 91 -21.39 -44.08 13.70
CA ASN C 91 -21.28 -42.66 13.99
C ASN C 91 -20.72 -41.96 12.76
N SER C 92 -21.36 -40.86 12.36
CA SER C 92 -20.93 -40.14 11.18
C SER C 92 -21.23 -38.66 11.34
N TYR C 93 -20.49 -37.84 10.60
CA TYR C 93 -20.62 -36.39 10.68
C TYR C 93 -21.63 -35.91 9.64
N SER C 94 -22.66 -35.22 10.11
CA SER C 94 -23.63 -34.59 9.22
C SER C 94 -23.19 -33.17 8.89
N SER C 95 -23.50 -32.75 7.66
CA SER C 95 -22.92 -31.51 7.12
C SER C 95 -23.37 -30.28 7.91
N THR C 96 -24.44 -30.39 8.69
CA THR C 96 -24.91 -29.25 9.48
C THR C 96 -24.28 -29.23 10.87
N ASN C 97 -22.97 -29.36 10.93
CA ASN C 97 -22.18 -29.23 12.17
C ASN C 97 -22.78 -30.05 13.31
N THR C 98 -22.87 -31.36 13.09
CA THR C 98 -23.33 -32.27 14.13
C THR C 98 -22.78 -33.65 13.87
N LEU C 99 -22.72 -34.46 14.93
CA LEU C 99 -22.19 -35.82 14.86
C LEU C 99 -23.31 -36.78 15.26
N LYS C 100 -23.83 -37.52 14.29
CA LYS C 100 -25.01 -38.35 14.48
C LYS C 100 -24.63 -39.81 14.67
N PHE C 101 -25.32 -40.48 15.59
CA PHE C 101 -25.15 -41.90 15.83
C PHE C 101 -26.17 -42.69 15.03
N GLY C 102 -26.17 -44.01 15.20
CA GLY C 102 -27.09 -44.89 14.52
C GLY C 102 -28.27 -45.28 15.40
N GLY C 103 -28.98 -46.31 14.95
CA GLY C 103 -30.11 -46.83 15.69
C GLY C 103 -29.83 -48.01 16.59
N GLY C 104 -28.66 -48.64 16.44
CA GLY C 104 -28.31 -49.77 17.27
C GLY C 104 -28.74 -51.11 16.71
N THR C 105 -27.78 -52.00 16.48
CA THR C 105 -28.06 -53.35 16.03
C THR C 105 -27.60 -54.35 17.09
N LYS C 106 -28.31 -55.46 17.21
CA LYS C 106 -27.96 -56.50 18.17
C LYS C 106 -27.37 -57.68 17.42
N LEU C 107 -26.12 -58.02 17.74
CA LEU C 107 -25.44 -59.16 17.15
C LEU C 107 -25.43 -60.31 18.14
N THR C 108 -25.92 -61.47 17.70
CA THR C 108 -25.99 -62.65 18.55
C THR C 108 -25.38 -63.84 17.82
N VAL C 109 -24.87 -64.78 18.61
CA VAL C 109 -24.29 -66.01 18.10
C VAL C 109 -25.21 -67.16 18.46
N LEU C 110 -25.16 -68.20 17.63
CA LEU C 110 -26.03 -69.36 17.80
C LEU C 110 -25.23 -70.59 18.21
N GLN D 26 16.47 -10.29 28.99
CA GLN D 26 17.48 -11.13 29.62
C GLN D 26 17.95 -10.51 30.93
N ASN D 27 19.06 -9.80 30.89
CA ASN D 27 19.66 -9.16 32.06
C ASN D 27 19.93 -7.69 31.78
N ILE D 28 18.93 -7.00 31.22
CA ILE D 28 19.09 -5.58 30.90
C ILE D 28 19.20 -4.79 32.20
N THR D 29 20.38 -4.24 32.45
CA THR D 29 20.66 -3.52 33.69
C THR D 29 21.28 -2.17 33.36
N GLU D 30 21.19 -1.24 34.31
CA GLU D 30 21.79 0.06 34.10
C GLU D 30 22.22 0.65 35.44
N GLU D 31 23.14 1.61 35.36
CA GLU D 31 23.74 2.26 36.52
C GLU D 31 23.68 3.77 36.30
N PHE D 32 22.64 4.41 36.83
CA PHE D 32 22.50 5.85 36.68
C PHE D 32 23.55 6.56 37.54
N TYR D 33 24.32 7.44 36.91
CA TYR D 33 25.34 8.21 37.62
C TYR D 33 24.86 9.64 37.81
N GLN D 34 24.92 10.13 39.05
CA GLN D 34 24.51 11.50 39.34
C GLN D 34 25.59 12.52 39.03
N SER D 35 26.80 12.07 38.68
CA SER D 35 27.87 13.00 38.30
C SER D 35 27.38 13.89 37.17
N THR D 36 27.04 13.29 36.04
CA THR D 36 26.29 13.93 34.97
C THR D 36 25.09 13.05 34.67
N CYS D 37 23.91 13.67 34.54
CA CYS D 37 22.69 12.89 34.42
C CYS D 37 22.74 12.04 33.16
N SER D 38 22.87 10.73 33.33
CA SER D 38 23.09 9.83 32.21
C SER D 38 22.74 8.42 32.63
N ALA D 39 22.07 7.72 31.72
CA ALA D 39 21.70 6.33 31.90
C ALA D 39 22.47 5.45 30.94
N VAL D 40 23.06 4.38 31.47
CA VAL D 40 23.91 3.47 30.69
C VAL D 40 23.28 2.09 30.79
N SER D 41 22.51 1.70 29.77
CA SER D 41 21.79 0.43 29.78
C SER D 41 22.74 -0.68 29.37
N LYS D 42 23.61 -1.06 30.31
CA LYS D 42 24.57 -2.13 30.05
C LYS D 42 23.85 -3.46 29.83
N GLY D 43 24.34 -4.24 28.88
CA GLY D 43 23.81 -5.56 28.63
C GLY D 43 22.88 -5.60 27.44
N TYR D 44 23.41 -6.03 26.30
CA TYR D 44 22.65 -6.17 25.05
C TYR D 44 23.47 -7.07 24.14
N LEU D 45 23.05 -7.16 22.88
CA LEU D 45 23.80 -7.90 21.86
C LEU D 45 23.89 -7.04 20.62
N SER D 46 25.09 -6.93 20.05
CA SER D 46 25.35 -5.92 19.02
C SER D 46 24.71 -6.28 17.68
N ALA D 47 25.15 -7.39 17.09
CA ALA D 47 24.65 -7.84 15.79
C ALA D 47 24.67 -6.70 14.76
N LEU D 48 25.84 -6.08 14.63
CA LEU D 48 26.00 -4.96 13.71
C LEU D 48 25.90 -5.44 12.26
N ARG D 49 25.69 -4.49 11.36
CA ARG D 49 25.52 -4.74 9.94
C ARG D 49 26.67 -4.06 9.19
N THR D 50 27.71 -4.82 8.88
CA THR D 50 28.92 -4.29 8.26
C THR D 50 29.23 -5.00 6.94
N GLY D 51 28.20 -5.27 6.13
CA GLY D 51 28.42 -5.89 4.84
C GLY D 51 27.17 -5.84 3.99
N TRP D 52 27.39 -5.79 2.68
CA TRP D 52 26.32 -5.78 1.69
C TRP D 52 26.41 -7.04 0.84
N TYR D 53 25.27 -7.69 0.60
CA TYR D 53 25.20 -8.85 -0.28
C TYR D 53 24.10 -8.64 -1.30
N THR D 54 24.44 -8.69 -2.58
CA THR D 54 23.48 -8.52 -3.64
C THR D 54 22.85 -9.86 -4.02
N SER D 55 21.64 -9.79 -4.59
CA SER D 55 20.97 -10.96 -5.14
C SER D 55 20.04 -10.47 -6.24
N VAL D 56 19.86 -11.29 -7.26
CA VAL D 56 19.00 -10.95 -8.39
C VAL D 56 17.76 -11.83 -8.32
N ILE D 57 16.59 -11.19 -8.26
CA ILE D 57 15.31 -11.86 -8.34
C ILE D 57 14.77 -11.68 -9.74
N THR D 58 14.36 -12.77 -10.37
CA THR D 58 13.95 -12.79 -11.76
C THR D 58 12.47 -13.13 -11.85
N ILE D 59 11.70 -12.28 -12.53
CA ILE D 59 10.32 -12.56 -12.91
C ILE D 59 10.30 -12.71 -14.42
N GLU D 60 9.90 -13.88 -14.89
CA GLU D 60 9.79 -14.12 -16.31
C GLU D 60 8.41 -13.74 -16.81
N LEU D 61 8.35 -13.29 -18.06
CA LEU D 61 7.09 -12.93 -18.70
C LEU D 61 7.24 -13.14 -20.20
N SER D 62 6.11 -13.32 -20.86
CA SER D 62 6.08 -13.61 -22.29
C SER D 62 5.56 -12.41 -23.07
N ASN D 63 6.28 -12.03 -24.13
CA ASN D 63 5.90 -10.89 -24.96
C ASN D 63 4.74 -11.32 -25.85
N ILE D 64 3.53 -11.13 -25.32
CA ILE D 64 2.33 -11.53 -26.04
C ILE D 64 1.98 -10.48 -27.10
N LYS D 65 1.58 -10.95 -28.27
CA LYS D 65 1.20 -10.09 -29.37
C LYS D 65 -0.23 -9.57 -29.16
N GLU D 66 -0.83 -9.01 -30.20
CA GLU D 66 -2.16 -8.42 -30.09
C GLU D 66 -3.20 -9.50 -29.74
N ASN D 67 -4.42 -9.03 -29.47
CA ASN D 67 -5.44 -9.91 -28.90
C ASN D 67 -5.91 -10.96 -29.88
N LYS D 68 -6.21 -10.57 -31.12
CA LYS D 68 -6.69 -11.47 -32.16
C LYS D 68 -7.99 -12.18 -31.72
N CYS D 69 -9.03 -11.37 -31.53
CA CYS D 69 -10.35 -11.89 -31.21
C CYS D 69 -11.40 -10.94 -31.77
N ASN D 70 -12.61 -11.48 -31.92
CA ASN D 70 -13.77 -10.70 -32.34
C ASN D 70 -14.95 -11.07 -31.46
N GLY D 71 -15.63 -10.07 -30.92
CA GLY D 71 -16.75 -10.30 -30.02
C GLY D 71 -16.43 -9.94 -28.59
N THR D 72 -17.19 -8.98 -28.03
CA THR D 72 -16.92 -8.53 -26.67
C THR D 72 -17.32 -9.57 -25.64
N ASP D 73 -18.51 -10.16 -25.80
CA ASP D 73 -19.03 -11.17 -24.87
C ASP D 73 -19.03 -10.64 -23.44
N ALA D 74 -18.80 -11.51 -22.46
CA ALA D 74 -18.73 -11.10 -21.06
C ALA D 74 -17.37 -11.41 -20.44
N LYS D 75 -16.91 -12.65 -20.52
CA LYS D 75 -15.61 -13.00 -19.93
C LYS D 75 -14.47 -12.54 -20.82
N VAL D 76 -14.71 -12.43 -22.13
CA VAL D 76 -13.69 -11.91 -23.03
C VAL D 76 -13.33 -10.48 -22.66
N LYS D 77 -14.31 -9.69 -22.21
CA LYS D 77 -14.02 -8.35 -21.75
C LYS D 77 -13.08 -8.37 -20.55
N LEU D 78 -13.30 -9.29 -19.62
CA LEU D 78 -12.44 -9.40 -18.44
C LEU D 78 -11.02 -9.79 -18.84
N ILE D 79 -10.89 -10.78 -19.74
CA ILE D 79 -9.57 -11.21 -20.19
C ILE D 79 -8.86 -10.06 -20.90
N LYS D 80 -9.58 -9.33 -21.75
CA LYS D 80 -8.97 -8.23 -22.48
C LYS D 80 -8.52 -7.13 -21.52
N GLN D 81 -9.35 -6.82 -20.52
CA GLN D 81 -8.95 -5.80 -19.54
C GLN D 81 -7.70 -6.23 -18.79
N GLU D 82 -7.65 -7.49 -18.37
CA GLU D 82 -6.48 -7.97 -17.62
C GLU D 82 -5.22 -7.97 -18.48
N LEU D 83 -5.34 -8.42 -19.74
CA LEU D 83 -4.18 -8.42 -20.62
C LEU D 83 -3.71 -7.01 -20.93
N ASP D 84 -4.66 -6.09 -21.13
CA ASP D 84 -4.29 -4.69 -21.36
C ASP D 84 -3.58 -4.11 -20.14
N LYS D 85 -4.06 -4.42 -18.94
CA LYS D 85 -3.41 -3.93 -17.73
C LYS D 85 -2.01 -4.51 -17.60
N TYR D 86 -1.84 -5.79 -17.90
CA TYR D 86 -0.52 -6.42 -17.81
C TYR D 86 0.45 -5.80 -18.81
N LYS D 87 0.00 -5.59 -20.05
CA LYS D 87 0.86 -4.97 -21.05
C LYS D 87 1.18 -3.53 -20.69
N ASN D 88 0.20 -2.80 -20.13
CA ASN D 88 0.47 -1.44 -19.68
C ASN D 88 1.49 -1.43 -18.56
N ALA D 89 1.41 -2.37 -17.63
CA ALA D 89 2.39 -2.46 -16.56
C ALA D 89 3.78 -2.74 -17.10
N VAL D 90 3.89 -3.68 -18.04
CA VAL D 90 5.21 -4.02 -18.56
C VAL D 90 5.79 -2.87 -19.37
N THR D 91 4.95 -2.15 -20.12
CA THR D 91 5.47 -1.03 -20.91
C THR D 91 5.80 0.17 -20.03
N GLU D 92 5.08 0.36 -18.91
CA GLU D 92 5.43 1.40 -17.97
C GLU D 92 6.75 1.10 -17.28
N LEU D 93 6.96 -0.16 -16.89
CA LEU D 93 8.23 -0.53 -16.28
C LEU D 93 9.36 -0.46 -17.29
N GLN D 94 9.07 -0.68 -18.58
CA GLN D 94 10.06 -0.41 -19.62
C GLN D 94 10.38 1.07 -19.69
N LEU D 95 9.35 1.91 -19.67
CA LEU D 95 9.55 3.36 -19.71
C LEU D 95 10.22 3.89 -18.45
N LEU D 96 10.31 3.07 -17.40
CA LEU D 96 11.07 3.46 -16.22
C LEU D 96 12.53 3.73 -16.57
N MET D 97 13.14 2.89 -17.40
CA MET D 97 14.45 3.17 -17.98
C MET D 97 14.29 3.60 -19.44
N PHE D 137 22.66 14.23 19.01
CA PHE D 137 23.24 15.57 19.00
C PHE D 137 24.48 15.63 18.11
N LEU D 138 25.06 14.46 17.83
CA LEU D 138 26.33 14.37 17.10
C LEU D 138 26.13 14.03 15.63
N GLY D 139 25.07 14.51 15.01
CA GLY D 139 24.82 14.21 13.60
C GLY D 139 25.71 14.95 12.63
N PHE D 140 26.23 16.13 13.01
CA PHE D 140 27.05 16.90 12.08
C PHE D 140 28.41 16.23 11.85
N LEU D 141 29.00 15.68 12.91
CA LEU D 141 30.28 15.00 12.79
C LEU D 141 30.17 13.75 11.93
N LEU D 142 28.98 13.17 11.83
CA LEU D 142 28.78 11.95 11.08
C LEU D 142 29.17 12.09 9.61
N GLY D 143 29.75 11.03 9.05
CA GLY D 143 30.04 10.98 7.64
C GLY D 143 28.82 10.56 6.83
N VAL D 144 28.99 10.61 5.51
CA VAL D 144 27.93 10.25 4.58
C VAL D 144 28.49 9.27 3.56
N GLY D 145 27.60 8.50 2.95
CA GLY D 145 28.01 7.52 1.95
C GLY D 145 26.83 7.05 1.14
N SER D 146 27.12 6.44 0.00
CA SER D 146 26.07 5.90 -0.85
C SER D 146 25.55 4.58 -0.29
N ALA D 147 24.23 4.46 -0.21
CA ALA D 147 23.61 3.23 0.27
C ALA D 147 23.38 2.23 -0.85
N ILE D 148 22.84 2.69 -1.98
CA ILE D 148 22.64 1.83 -3.16
C ILE D 148 23.91 1.95 -4.00
N ALA D 149 24.91 1.15 -3.65
CA ALA D 149 26.15 1.08 -4.42
C ALA D 149 26.40 -0.31 -4.97
N SER D 150 26.08 -1.35 -4.21
CA SER D 150 26.20 -2.71 -4.72
C SER D 150 25.12 -3.00 -5.75
N GLY D 151 23.90 -2.53 -5.49
CA GLY D 151 22.82 -2.76 -6.44
C GLY D 151 23.08 -2.11 -7.79
N VAL D 152 23.57 -0.87 -7.78
CA VAL D 152 23.87 -0.18 -9.03
C VAL D 152 25.03 -0.85 -9.76
N ALA D 153 26.04 -1.32 -9.02
CA ALA D 153 27.14 -2.04 -9.66
C ALA D 153 26.66 -3.33 -10.32
N VAL D 154 25.79 -4.08 -9.63
CA VAL D 154 25.27 -5.31 -10.22
C VAL D 154 24.39 -5.00 -11.43
N CYS D 155 23.66 -3.89 -11.38
CA CYS D 155 22.89 -3.45 -12.54
C CYS D 155 23.79 -3.13 -13.72
N LYS D 156 24.90 -2.44 -13.47
CA LYS D 156 25.83 -2.12 -14.55
C LYS D 156 26.45 -3.39 -15.13
N VAL D 157 26.72 -4.38 -14.28
CA VAL D 157 27.22 -5.66 -14.77
C VAL D 157 26.17 -6.35 -15.63
N LEU D 158 24.91 -6.34 -15.17
CA LEU D 158 23.84 -7.00 -15.92
C LEU D 158 23.56 -6.30 -17.24
N HIS D 159 23.80 -5.00 -17.33
CA HIS D 159 23.55 -4.26 -18.57
C HIS D 159 24.49 -4.70 -19.69
N LEU D 160 25.59 -5.35 -19.34
CA LEU D 160 26.54 -5.81 -20.35
C LEU D 160 25.89 -6.85 -21.25
N GLU D 161 26.27 -6.84 -22.53
CA GLU D 161 25.67 -7.73 -23.51
C GLU D 161 26.01 -9.19 -23.18
N GLY D 162 25.02 -10.06 -23.41
CA GLY D 162 25.20 -11.48 -23.15
C GLY D 162 25.39 -11.82 -21.69
N GLU D 163 24.67 -11.17 -20.79
CA GLU D 163 24.76 -11.46 -19.36
C GLU D 163 23.45 -11.99 -18.79
N VAL D 164 22.34 -11.30 -19.04
CA VAL D 164 21.04 -11.81 -18.60
C VAL D 164 20.72 -13.13 -19.30
N ASN D 165 21.30 -13.34 -20.49
CA ASN D 165 21.15 -14.62 -21.17
C ASN D 165 21.72 -15.75 -20.32
N LYS D 166 22.86 -15.51 -19.66
CA LYS D 166 23.40 -16.51 -18.74
C LYS D 166 22.44 -16.75 -17.57
N ILE D 167 21.82 -15.68 -17.06
CA ILE D 167 20.89 -15.81 -15.95
C ILE D 167 19.74 -16.72 -16.34
N LYS D 168 19.19 -16.52 -17.54
CA LYS D 168 18.04 -17.33 -17.96
C LYS D 168 18.45 -18.75 -18.35
N SER D 169 19.56 -18.91 -19.05
CA SER D 169 19.94 -20.22 -19.57
C SER D 169 20.46 -21.13 -18.45
N ALA D 170 21.32 -20.60 -17.58
CA ALA D 170 21.90 -21.42 -16.52
C ALA D 170 20.83 -21.94 -15.56
N LEU D 171 19.86 -21.11 -15.24
CA LEU D 171 18.71 -21.54 -14.43
C LEU D 171 17.52 -21.83 -15.34
N LEU D 172 17.48 -23.08 -15.79
CA LEU D 172 16.42 -23.49 -16.72
C LEU D 172 15.20 -24.00 -15.96
N SER D 173 15.40 -24.90 -15.00
CA SER D 173 14.28 -25.47 -14.26
C SER D 173 14.35 -25.30 -12.75
N THR D 174 15.52 -25.36 -12.13
CA THR D 174 15.61 -25.18 -10.68
C THR D 174 15.34 -23.72 -10.32
N ASN D 175 14.59 -23.51 -9.24
CA ASN D 175 14.21 -22.17 -8.83
C ASN D 175 15.42 -21.36 -8.36
N LYS D 176 16.32 -21.99 -7.62
CA LYS D 176 17.51 -21.33 -7.08
C LYS D 176 18.76 -21.91 -7.72
N ALA D 177 19.68 -21.04 -8.10
CA ALA D 177 20.94 -21.45 -8.69
C ALA D 177 21.99 -20.37 -8.45
N VAL D 178 23.26 -20.75 -8.59
CA VAL D 178 24.38 -19.84 -8.44
C VAL D 178 25.08 -19.72 -9.79
N VAL D 179 25.21 -18.50 -10.28
CA VAL D 179 25.81 -18.23 -11.58
C VAL D 179 26.91 -17.20 -11.41
N SER D 180 27.79 -17.15 -12.41
CA SER D 180 28.93 -16.23 -12.42
C SER D 180 28.71 -15.15 -13.46
N LEU D 181 28.89 -13.89 -13.04
CA LEU D 181 28.72 -12.75 -13.93
C LEU D 181 30.04 -12.50 -14.68
N SER D 182 30.14 -11.34 -15.34
CA SER D 182 31.30 -11.00 -16.16
C SER D 182 32.39 -10.30 -15.36
N ASN D 183 32.40 -10.43 -14.04
CA ASN D 183 33.45 -9.81 -13.23
C ASN D 183 33.95 -10.73 -12.12
N GLY D 184 33.80 -12.04 -12.28
CA GLY D 184 34.26 -12.96 -11.25
C GLY D 184 33.41 -12.96 -9.99
N VAL D 185 32.15 -12.54 -10.10
CA VAL D 185 31.23 -12.48 -8.96
C VAL D 185 30.13 -13.50 -9.17
N SER D 186 29.75 -14.18 -8.10
CA SER D 186 28.84 -15.33 -8.14
C SER D 186 27.77 -15.22 -7.07
N VAL D 187 27.08 -14.08 -7.01
CA VAL D 187 26.22 -13.75 -5.88
C VAL D 187 25.05 -14.74 -5.71
N LEU D 188 24.11 -14.75 -6.65
CA LEU D 188 22.93 -15.61 -6.56
C LEU D 188 22.07 -15.37 -7.79
N THR D 189 21.03 -16.19 -7.93
CA THR D 189 19.99 -16.02 -8.93
C THR D 189 18.78 -16.83 -8.51
N PHE D 190 17.59 -16.26 -8.69
CA PHE D 190 16.37 -16.92 -8.21
C PHE D 190 15.21 -16.55 -9.12
N LYS D 191 14.24 -17.46 -9.23
CA LYS D 191 12.98 -17.15 -9.90
C LYS D 191 11.83 -17.11 -8.90
N VAL D 192 11.13 -15.98 -8.88
CA VAL D 192 10.07 -15.78 -7.89
C VAL D 192 8.71 -16.04 -8.53
N LEU D 193 8.64 -15.98 -9.85
CA LEU D 193 7.37 -16.16 -10.54
C LEU D 193 7.62 -16.87 -11.86
N ASP D 194 6.57 -17.51 -12.38
CA ASP D 194 6.65 -18.36 -13.56
C ASP D 194 5.56 -18.01 -14.57
N LEU D 195 5.44 -16.71 -14.87
CA LEU D 195 4.39 -16.29 -15.81
C LEU D 195 4.58 -16.86 -17.20
N LYS D 196 5.81 -17.25 -17.56
CA LYS D 196 6.05 -17.83 -18.87
C LYS D 196 5.20 -19.07 -19.09
N ASN D 197 5.24 -20.01 -18.14
CA ASN D 197 4.53 -21.27 -18.30
C ASN D 197 3.02 -21.05 -18.36
N TYR D 198 2.49 -20.24 -17.43
CA TYR D 198 1.05 -19.99 -17.40
C TYR D 198 0.58 -19.29 -18.68
N ILE D 199 1.34 -18.30 -19.15
CA ILE D 199 0.93 -17.57 -20.35
C ILE D 199 1.03 -18.44 -21.60
N ASP D 200 2.07 -19.27 -21.72
CA ASP D 200 2.28 -20.05 -22.92
C ASP D 200 1.65 -21.44 -22.86
N LYS D 201 0.94 -21.78 -21.79
CA LYS D 201 0.32 -23.09 -21.68
C LYS D 201 -1.14 -23.09 -21.25
N GLN D 202 -1.64 -22.02 -20.64
CA GLN D 202 -2.99 -22.04 -20.09
C GLN D 202 -3.90 -20.93 -20.56
N LEU D 203 -3.38 -19.80 -21.05
CA LEU D 203 -4.22 -18.68 -21.45
C LEU D 203 -4.17 -18.42 -22.95
N LEU D 204 -2.98 -18.43 -23.54
CA LEU D 204 -2.88 -18.20 -24.99
C LEU D 204 -3.65 -19.22 -25.82
N PRO D 205 -3.60 -20.53 -25.55
CA PRO D 205 -4.41 -21.45 -26.36
C PRO D 205 -5.91 -21.16 -26.30
N ILE D 206 -6.42 -20.74 -25.15
CA ILE D 206 -7.85 -20.46 -25.03
C ILE D 206 -8.22 -19.20 -25.79
N LEU D 207 -7.40 -18.16 -25.68
CA LEU D 207 -7.75 -16.87 -26.26
C LEU D 207 -7.63 -16.89 -27.78
N ASN D 208 -6.63 -17.59 -28.31
CA ASN D 208 -6.35 -17.53 -29.74
C ASN D 208 -7.38 -18.26 -30.59
N LYS D 209 -8.31 -18.99 -29.99
CA LYS D 209 -9.33 -19.69 -30.77
C LYS D 209 -10.20 -18.68 -31.52
N GLN D 210 -10.71 -19.10 -32.67
CA GLN D 210 -11.62 -18.25 -33.47
C GLN D 210 -12.97 -18.18 -32.76
N SER D 211 -13.76 -17.13 -33.00
CA SER D 211 -15.04 -16.96 -32.27
C SER D 211 -14.77 -17.16 -30.77
N CYS D 212 -13.77 -16.45 -30.25
CA CYS D 212 -13.37 -16.62 -28.83
C CYS D 212 -14.60 -16.55 -27.91
N SER D 213 -14.82 -17.60 -27.11
CA SER D 213 -15.96 -17.62 -26.16
C SER D 213 -15.57 -18.46 -24.94
N ILE D 214 -14.95 -17.82 -23.94
CA ILE D 214 -14.49 -18.56 -22.73
C ILE D 214 -15.67 -19.35 -22.17
N SER D 215 -15.45 -20.63 -21.82
CA SER D 215 -16.57 -21.49 -21.33
C SER D 215 -16.54 -21.57 -19.80
N ASN D 216 -15.56 -20.93 -19.16
CA ASN D 216 -15.44 -21.02 -17.68
C ASN D 216 -15.08 -19.65 -17.11
N ILE D 217 -15.51 -19.36 -15.88
CA ILE D 217 -15.21 -18.06 -15.22
C ILE D 217 -14.00 -18.27 -14.30
N GLU D 218 -13.53 -19.50 -14.16
CA GLU D 218 -12.33 -19.79 -13.33
C GLU D 218 -11.09 -19.24 -14.02
N THR D 219 -10.98 -19.43 -15.34
CA THR D 219 -9.78 -18.97 -16.10
C THR D 219 -9.33 -17.61 -15.58
N VAL D 220 -10.20 -16.58 -15.68
CA VAL D 220 -9.80 -15.24 -15.27
C VAL D 220 -9.34 -15.24 -13.82
N ILE D 221 -10.04 -15.95 -12.95
CA ILE D 221 -9.88 -15.75 -11.50
C ILE D 221 -8.46 -16.09 -11.07
N GLU D 222 -8.02 -17.32 -11.35
CA GLU D 222 -6.65 -17.68 -11.02
C GLU D 222 -5.66 -16.80 -11.77
N PHE D 223 -6.03 -16.33 -12.96
CA PHE D 223 -5.19 -15.39 -13.67
C PHE D 223 -4.89 -14.17 -12.81
N GLN D 224 -5.92 -13.64 -12.14
CA GLN D 224 -5.70 -12.53 -11.21
C GLN D 224 -4.60 -12.86 -10.23
N GLN D 225 -4.67 -14.06 -9.63
CA GLN D 225 -3.70 -14.43 -8.61
C GLN D 225 -2.28 -14.50 -9.19
N LYS D 226 -2.16 -14.82 -10.47
CA LYS D 226 -0.84 -14.90 -11.09
C LYS D 226 -0.44 -13.61 -11.79
N ASN D 227 -1.28 -12.57 -11.72
CA ASN D 227 -0.93 -11.27 -12.28
C ASN D 227 -0.67 -10.22 -11.21
N ASN D 228 -1.50 -10.21 -10.16
CA ASN D 228 -1.44 -9.21 -9.10
C ASN D 228 -0.01 -8.85 -8.73
N ARG D 229 0.75 -9.86 -8.28
CA ARG D 229 2.14 -9.66 -7.90
C ARG D 229 2.87 -8.77 -8.89
N LEU D 230 2.99 -9.23 -10.14
CA LEU D 230 3.73 -8.47 -11.13
C LEU D 230 3.21 -7.05 -11.21
N LEU D 231 1.89 -6.91 -11.36
CA LEU D 231 1.30 -5.59 -11.49
C LEU D 231 1.72 -4.71 -10.33
N GLU D 232 1.52 -5.20 -9.11
CA GLU D 232 1.79 -4.34 -7.97
C GLU D 232 3.28 -4.13 -7.76
N ILE D 233 4.11 -5.04 -8.26
CA ILE D 233 5.55 -4.78 -8.24
C ILE D 233 5.84 -3.50 -9.01
N THR D 234 5.26 -3.37 -10.20
CA THR D 234 5.40 -2.13 -10.95
C THR D 234 4.91 -0.96 -10.12
N ARG D 235 3.80 -1.16 -9.40
CA ARG D 235 3.32 -0.16 -8.44
C ARG D 235 4.47 0.36 -7.59
N GLU D 236 5.13 -0.54 -6.87
CA GLU D 236 6.14 -0.11 -5.91
C GLU D 236 7.39 0.40 -6.59
N PHE D 237 7.53 0.19 -7.90
CA PHE D 237 8.65 0.76 -8.62
C PHE D 237 8.29 2.08 -9.31
N SER D 238 7.01 2.46 -9.28
CA SER D 238 6.63 3.75 -9.86
C SER D 238 6.49 4.81 -8.78
N VAL D 239 5.95 4.45 -7.62
CA VAL D 239 5.80 5.40 -6.54
C VAL D 239 7.15 5.78 -5.96
N ASN D 240 8.01 4.79 -5.75
CA ASN D 240 9.31 5.02 -5.11
C ASN D 240 10.41 5.38 -6.09
N ALA D 241 10.15 5.30 -7.39
CA ALA D 241 11.07 5.77 -8.44
C ALA D 241 12.39 5.02 -8.40
N GLY D 242 12.30 3.69 -8.46
CA GLY D 242 13.48 2.87 -8.69
C GLY D 242 14.00 2.09 -7.50
N VAL D 243 14.04 2.71 -6.32
CA VAL D 243 14.55 2.08 -5.12
C VAL D 243 13.48 2.13 -4.04
N THR D 244 13.33 1.02 -3.30
CA THR D 244 12.31 0.90 -2.27
C THR D 244 12.95 0.41 -0.98
N THR D 245 12.63 1.08 0.13
CA THR D 245 13.01 0.63 1.45
C THR D 245 11.78 0.81 2.34
N PRO D 246 11.37 -0.21 3.09
CA PRO D 246 11.92 -1.57 3.13
C PRO D 246 11.42 -2.42 1.97
N VAL D 247 11.99 -3.61 1.79
CA VAL D 247 11.53 -4.52 0.74
C VAL D 247 10.18 -5.10 1.16
N SER D 248 9.13 -4.75 0.42
CA SER D 248 7.80 -5.21 0.77
C SER D 248 7.65 -6.70 0.49
N THR D 249 6.62 -7.30 1.07
CA THR D 249 6.41 -8.73 0.93
C THR D 249 6.16 -9.13 -0.52
N TYR D 250 5.63 -8.22 -1.33
CA TYR D 250 5.47 -8.49 -2.76
C TYR D 250 6.81 -8.68 -3.44
N MET D 251 7.80 -7.86 -3.07
CA MET D 251 9.12 -8.00 -3.67
C MET D 251 9.85 -9.23 -3.16
N LEU D 252 9.48 -9.74 -1.98
CA LEU D 252 10.09 -10.96 -1.45
C LEU D 252 9.15 -11.52 -0.39
N THR D 253 8.55 -12.67 -0.67
CA THR D 253 7.68 -13.32 0.30
C THR D 253 8.49 -13.90 1.45
N ASN D 254 7.83 -14.13 2.58
CA ASN D 254 8.54 -14.55 3.78
C ASN D 254 9.24 -15.90 3.58
N SER D 255 8.53 -16.88 3.02
CA SER D 255 9.16 -18.17 2.75
C SER D 255 10.29 -18.02 1.73
N GLU D 256 10.11 -17.14 0.76
CA GLU D 256 11.17 -16.85 -0.19
C GLU D 256 12.40 -16.28 0.51
N LEU D 257 12.19 -15.36 1.45
CA LEU D 257 13.32 -14.79 2.19
C LEU D 257 14.01 -15.86 3.01
N LEU D 258 13.24 -16.71 3.69
CA LEU D 258 13.84 -17.77 4.49
C LEU D 258 14.65 -18.73 3.63
N SER D 259 14.14 -19.06 2.44
CA SER D 259 14.89 -19.92 1.54
C SER D 259 16.15 -19.24 1.03
N LEU D 260 16.09 -17.93 0.80
CA LEU D 260 17.25 -17.22 0.27
C LEU D 260 18.33 -17.02 1.33
N ILE D 261 17.93 -16.89 2.60
CA ILE D 261 18.91 -16.72 3.67
C ILE D 261 19.78 -17.97 3.83
N ASN D 262 19.18 -19.15 3.66
CA ASN D 262 19.89 -20.41 3.85
C ASN D 262 20.70 -20.83 2.63
N ASP D 263 20.99 -19.88 1.72
CA ASP D 263 21.82 -20.15 0.55
C ASP D 263 23.05 -19.26 0.58
N MET D 264 23.02 -18.22 1.41
CA MET D 264 24.13 -17.29 1.47
C MET D 264 25.38 -17.96 2.04
N PRO D 265 26.56 -17.59 1.56
CA PRO D 265 27.80 -18.17 2.09
C PRO D 265 28.21 -17.55 3.42
N ILE D 266 27.49 -17.89 4.49
CA ILE D 266 27.75 -17.33 5.81
C ILE D 266 27.73 -18.44 6.85
N THR D 267 28.27 -18.15 8.03
CA THR D 267 28.35 -19.12 9.09
C THR D 267 26.97 -19.43 9.66
N ASN D 268 26.91 -20.47 10.50
CA ASN D 268 25.62 -20.92 11.02
C ASN D 268 25.01 -19.93 12.00
N ASP D 269 25.83 -19.24 12.79
CA ASP D 269 25.30 -18.26 13.73
C ASP D 269 24.61 -17.11 13.00
N GLN D 270 25.21 -16.63 11.91
CA GLN D 270 24.58 -15.57 11.14
C GLN D 270 23.28 -16.03 10.51
N LYS D 271 23.25 -17.26 9.99
CA LYS D 271 22.02 -17.81 9.43
C LYS D 271 20.93 -17.90 10.48
N LYS D 272 21.28 -18.37 11.68
CA LYS D 272 20.30 -18.46 12.75
C LYS D 272 19.79 -17.09 13.17
N LEU D 273 20.69 -16.11 13.29
CA LEU D 273 20.27 -14.78 13.72
C LEU D 273 19.38 -14.11 12.68
N MET D 274 19.77 -14.16 11.40
CA MET D 274 19.07 -13.43 10.36
C MET D 274 17.86 -14.19 9.84
N SER D 275 17.73 -15.49 10.14
CA SER D 275 16.53 -16.22 9.79
C SER D 275 15.43 -16.06 10.83
N ASN D 276 15.80 -15.75 12.08
CA ASN D 276 14.82 -15.63 13.15
C ASN D 276 14.28 -14.22 13.33
N ASN D 277 14.77 -13.26 12.56
CA ASN D 277 14.37 -11.85 12.67
C ASN D 277 14.10 -11.29 11.28
N VAL D 278 13.26 -11.99 10.51
CA VAL D 278 13.06 -11.65 9.10
C VAL D 278 12.49 -10.25 8.92
N GLN D 279 11.70 -9.77 9.89
CA GLN D 279 11.11 -8.44 9.73
C GLN D 279 12.18 -7.35 9.82
N ILE D 280 13.15 -7.51 10.72
CA ILE D 280 14.19 -6.50 10.88
C ILE D 280 15.12 -6.50 9.67
N VAL D 281 15.52 -7.69 9.21
CA VAL D 281 16.35 -7.77 8.01
C VAL D 281 15.54 -7.34 6.79
N ARG D 282 14.22 -7.33 6.91
CA ARG D 282 13.38 -6.78 5.85
C ARG D 282 13.42 -5.25 5.87
N GLN D 283 13.44 -4.66 7.07
CA GLN D 283 13.48 -3.20 7.16
C GLN D 283 14.80 -2.63 6.66
N GLN D 284 15.89 -3.38 6.76
CA GLN D 284 17.22 -2.86 6.49
C GLN D 284 17.71 -3.18 5.07
N SER D 285 16.86 -3.76 4.23
CA SER D 285 17.26 -4.15 2.89
C SER D 285 16.76 -3.16 1.86
N TYR D 286 17.52 -3.03 0.78
CA TYR D 286 17.19 -2.13 -0.32
C TYR D 286 16.91 -2.95 -1.57
N SER D 287 16.07 -2.41 -2.45
CA SER D 287 15.70 -3.07 -3.69
C SER D 287 15.75 -2.09 -4.83
N ILE D 288 16.45 -2.45 -5.90
CA ILE D 288 16.59 -1.62 -7.09
C ILE D 288 16.23 -2.46 -8.32
N MET D 289 15.35 -1.92 -9.17
CA MET D 289 14.95 -2.61 -10.38
C MET D 289 16.08 -2.47 -11.40
N CYS D 290 16.45 -3.60 -12.01
CA CYS D 290 17.75 -3.68 -12.70
C CYS D 290 17.63 -3.78 -14.21
N ILE D 291 16.94 -4.79 -14.73
CA ILE D 291 16.95 -5.10 -16.16
C ILE D 291 15.57 -5.52 -16.61
N ILE D 292 15.16 -5.06 -17.79
CA ILE D 292 13.91 -5.47 -18.40
C ILE D 292 14.10 -6.07 -19.79
N LYS D 293 15.33 -6.12 -20.30
CA LYS D 293 15.58 -6.61 -21.63
C LYS D 293 15.29 -8.12 -21.72
N GLU D 294 14.92 -8.54 -22.93
CA GLU D 294 14.64 -9.94 -23.25
C GLU D 294 13.54 -10.44 -22.32
N GLU D 295 12.51 -9.60 -22.13
CA GLU D 295 11.26 -9.96 -21.46
C GLU D 295 11.50 -10.65 -20.11
N VAL D 296 12.56 -10.24 -19.43
CA VAL D 296 12.89 -10.80 -18.12
C VAL D 296 13.09 -9.67 -17.12
N LEU D 297 12.14 -9.51 -16.20
CA LEU D 297 12.22 -8.45 -15.20
C LEU D 297 13.13 -8.90 -14.06
N ALA D 298 14.37 -8.45 -14.06
CA ALA D 298 15.33 -8.82 -13.03
C ALA D 298 15.58 -7.59 -12.16
N TYR D 299 15.47 -7.76 -10.85
CA TYR D 299 15.76 -6.67 -9.92
C TYR D 299 16.63 -7.17 -8.79
N VAL D 300 17.52 -6.29 -8.31
CA VAL D 300 18.52 -6.66 -7.33
C VAL D 300 18.02 -6.28 -5.95
N VAL D 301 17.90 -7.28 -5.07
CA VAL D 301 17.74 -7.03 -3.66
C VAL D 301 19.12 -6.98 -3.02
N GLN D 302 19.20 -6.34 -1.86
CA GLN D 302 20.46 -5.99 -1.22
C GLN D 302 20.44 -6.42 0.24
N LEU D 303 20.11 -7.68 0.48
CA LEU D 303 19.98 -8.20 1.84
C LEU D 303 21.26 -7.93 2.62
N PRO D 304 21.18 -7.32 3.81
CA PRO D 304 22.40 -6.93 4.52
C PRO D 304 23.07 -8.11 5.16
N LEU D 305 24.40 -8.04 5.23
CA LEU D 305 25.21 -9.04 5.91
C LEU D 305 25.26 -8.71 7.41
N TYR D 306 25.92 -9.56 8.18
CA TYR D 306 26.06 -9.33 9.61
C TYR D 306 27.41 -9.87 10.04
N GLY D 307 28.41 -9.00 10.08
CA GLY D 307 29.77 -9.41 10.40
C GLY D 307 29.97 -9.81 11.83
N VAL D 308 29.86 -8.85 12.75
CA VAL D 308 30.10 -9.09 14.17
C VAL D 308 28.78 -9.45 14.83
N ILE D 309 28.80 -10.49 15.66
CA ILE D 309 27.60 -11.01 16.31
C ILE D 309 27.94 -11.34 17.76
N ASP D 310 27.05 -10.99 18.67
CA ASP D 310 27.15 -11.36 20.08
C ASP D 310 28.42 -10.81 20.72
N THR D 311 28.48 -9.48 20.81
CA THR D 311 29.46 -8.79 21.62
C THR D 311 28.74 -7.74 22.47
N PRO D 312 28.90 -7.79 23.79
CA PRO D 312 28.08 -6.97 24.68
C PRO D 312 28.26 -5.49 24.41
N CYS D 313 27.16 -4.75 24.50
CA CYS D 313 27.22 -3.31 24.27
C CYS D 313 25.97 -2.63 24.80
N TRP D 314 25.98 -1.30 24.82
CA TRP D 314 25.06 -0.54 25.67
C TRP D 314 24.49 0.68 24.94
N LYS D 315 23.54 1.33 25.62
CA LYS D 315 22.91 2.55 25.15
C LYS D 315 23.09 3.63 26.22
N LEU D 316 23.38 4.85 25.79
CA LEU D 316 23.65 5.96 26.68
C LEU D 316 22.66 7.09 26.43
N HIS D 317 22.00 7.53 27.50
CA HIS D 317 21.08 8.65 27.49
C HIS D 317 21.61 9.75 28.40
N THR D 318 21.31 11.00 28.03
CA THR D 318 21.72 12.16 28.81
C THR D 318 20.50 13.03 29.08
N SER D 319 20.66 14.01 29.96
CA SER D 319 19.59 14.91 30.34
C SER D 319 20.19 16.24 30.79
N PRO D 320 19.42 17.32 30.79
CA PRO D 320 19.92 18.59 31.33
C PRO D 320 20.22 18.47 32.81
N LEU D 321 21.19 19.27 33.27
CA LEU D 321 21.61 19.25 34.67
C LEU D 321 22.07 20.67 35.01
N CYS D 322 21.27 21.38 35.80
CA CYS D 322 21.49 22.80 36.08
C CYS D 322 21.34 23.10 37.57
N THR D 323 21.96 24.19 38.00
CA THR D 323 21.90 24.61 39.38
C THR D 323 20.55 25.23 39.71
N THR D 324 20.19 25.19 40.99
CA THR D 324 18.89 25.70 41.46
C THR D 324 19.06 27.10 42.02
N ASN D 325 19.44 28.03 41.13
CA ASN D 325 19.68 29.40 41.54
C ASN D 325 18.35 30.16 41.65
N THR D 326 18.24 31.00 42.68
CA THR D 326 17.04 31.81 42.85
C THR D 326 16.89 32.82 41.72
N LYS D 327 17.98 33.47 41.34
CA LYS D 327 17.94 34.48 40.29
C LYS D 327 17.72 33.79 38.94
N GLU D 328 16.62 34.12 38.29
CA GLU D 328 16.30 33.51 37.00
C GLU D 328 17.28 33.97 35.94
N GLY D 329 17.73 33.04 35.10
CA GLY D 329 18.64 33.34 34.03
C GLY D 329 20.12 33.37 34.40
N SER D 330 20.46 33.03 35.64
CA SER D 330 21.85 33.01 36.08
C SER D 330 22.32 31.61 36.44
N ASN D 331 21.61 30.58 36.00
CA ASN D 331 21.95 29.19 36.30
C ASN D 331 22.60 28.56 35.07
N ILE D 332 23.91 28.80 34.93
CA ILE D 332 24.69 28.15 33.89
C ILE D 332 24.73 26.65 34.14
N CYS D 333 24.81 25.87 33.06
CA CYS D 333 24.81 24.42 33.24
C CYS D 333 25.25 23.69 31.99
N LEU D 334 25.92 22.55 32.19
CA LEU D 334 26.44 21.70 31.15
C LEU D 334 25.61 20.42 31.03
N THR D 335 25.69 19.80 29.86
CA THR D 335 25.04 18.51 29.59
C THR D 335 25.98 17.67 28.75
N ARG D 336 26.07 16.39 29.07
CA ARG D 336 26.79 15.47 28.20
C ARG D 336 26.05 15.35 26.88
N THR D 337 26.80 15.34 25.77
CA THR D 337 26.21 15.20 24.44
C THR D 337 26.78 13.93 23.81
N ASP D 338 26.19 12.80 24.19
CA ASP D 338 26.64 11.50 23.68
C ASP D 338 25.47 10.53 23.48
N ARG D 339 24.24 11.04 23.34
CA ARG D 339 23.08 10.17 23.26
C ARG D 339 23.23 9.16 22.12
N GLY D 340 22.86 7.92 22.38
CA GLY D 340 22.86 6.96 21.30
C GLY D 340 23.32 5.60 21.80
N TRP D 341 23.95 4.86 20.90
CA TRP D 341 24.38 3.49 21.17
C TRP D 341 25.90 3.37 21.05
N TYR D 342 26.49 2.57 21.92
CA TYR D 342 27.90 2.20 21.83
C TYR D 342 27.94 0.69 21.72
N CYS D 343 28.69 0.17 20.75
CA CYS D 343 28.87 -1.28 20.65
C CYS D 343 30.33 -1.65 20.47
N ASP D 344 30.74 -2.71 21.17
CA ASP D 344 32.14 -3.14 21.25
C ASP D 344 32.44 -4.01 20.04
N ASN D 345 32.89 -3.36 18.97
CA ASN D 345 33.28 -4.03 17.74
C ASN D 345 34.79 -4.00 17.59
N ALA D 346 35.40 -5.17 17.46
CA ALA D 346 36.85 -5.33 17.29
C ALA D 346 37.53 -4.69 18.51
N GLY D 347 38.71 -4.10 18.35
CA GLY D 347 39.42 -3.50 19.47
C GLY D 347 39.06 -2.04 19.70
N SER D 348 38.01 -1.58 19.04
CA SER D 348 37.54 -0.20 19.19
C SER D 348 36.08 -0.26 19.59
N VAL D 349 35.40 0.89 19.57
CA VAL D 349 33.97 0.95 19.81
C VAL D 349 33.31 1.68 18.64
N SER D 350 32.16 1.18 18.22
CA SER D 350 31.36 1.79 17.18
C SER D 350 30.26 2.59 17.84
N PHE D 351 30.18 3.88 17.51
CA PHE D 351 29.27 4.82 18.16
C PHE D 351 28.22 5.27 17.17
N PHE D 352 26.95 5.07 17.52
CA PHE D 352 25.82 5.54 16.72
C PHE D 352 25.14 6.67 17.45
N PRO D 353 25.23 7.91 16.98
CA PRO D 353 24.51 9.01 17.66
C PRO D 353 23.06 9.08 17.26
N GLN D 354 22.75 8.63 16.03
CA GLN D 354 21.38 8.68 15.53
C GLN D 354 20.59 7.54 16.16
N ALA D 355 19.78 7.86 17.17
CA ALA D 355 18.98 6.83 17.83
C ALA D 355 17.83 6.36 16.97
N GLU D 356 17.48 7.09 15.91
CA GLU D 356 16.39 6.68 15.04
C GLU D 356 16.79 5.56 14.08
N THR D 357 18.08 5.49 13.71
CA THR D 357 18.52 4.45 12.79
C THR D 357 18.65 3.10 13.50
N CYS D 358 19.04 3.12 14.77
CA CYS D 358 19.22 1.89 15.52
C CYS D 358 17.88 1.23 15.81
N LYS D 359 17.77 -0.06 15.53
CA LYS D 359 16.56 -0.82 15.78
C LYS D 359 16.77 -1.76 16.98
N VAL D 360 15.71 -2.00 17.74
CA VAL D 360 15.79 -2.83 18.93
C VAL D 360 14.71 -3.90 18.85
N GLN D 361 15.12 -5.14 19.16
CA GLN D 361 14.18 -6.26 19.19
C GLN D 361 14.70 -7.28 20.21
N SER D 362 14.00 -7.38 21.33
CA SER D 362 14.19 -8.45 22.32
C SER D 362 15.66 -8.67 22.65
N ASN D 363 16.25 -7.64 23.26
CA ASN D 363 17.59 -7.61 23.83
C ASN D 363 18.63 -7.52 22.70
N ARG D 364 18.25 -7.70 21.45
CA ARG D 364 19.19 -7.62 20.33
C ARG D 364 19.00 -6.32 19.58
N VAL D 365 20.08 -5.60 19.35
CA VAL D 365 20.00 -4.40 18.53
C VAL D 365 20.42 -4.76 17.11
N PHE D 366 19.84 -4.04 16.15
CA PHE D 366 20.20 -4.18 14.75
C PHE D 366 20.42 -2.76 14.24
N CYS D 367 21.67 -2.41 13.93
CA CYS D 367 21.97 -1.03 13.63
C CYS D 367 23.00 -0.97 12.52
N ASP D 368 22.78 -0.08 11.58
CA ASP D 368 23.62 0.06 10.40
C ASP D 368 24.91 0.78 10.76
N THR D 369 26.05 0.20 10.40
CA THR D 369 27.34 0.84 10.64
C THR D 369 27.72 1.81 9.54
N MET D 370 26.88 1.96 8.51
CA MET D 370 27.14 2.95 7.47
C MET D 370 27.25 4.35 8.07
N ASN D 371 26.47 4.62 9.12
CA ASN D 371 26.49 5.91 9.81
C ASN D 371 26.94 5.67 11.26
N SER D 372 28.25 5.72 11.46
CA SER D 372 28.83 5.41 12.76
C SER D 372 30.13 6.19 12.93
N LEU D 373 30.69 6.08 14.13
CA LEU D 373 31.98 6.66 14.46
C LEU D 373 32.86 5.59 15.07
N THR D 374 34.15 5.60 14.71
CA THR D 374 35.10 4.60 15.18
C THR D 374 35.87 5.15 16.38
N LEU D 375 35.20 5.17 17.52
CA LEU D 375 35.81 5.75 18.70
C LEU D 375 36.80 4.76 19.32
N PRO D 376 37.85 5.26 19.97
CA PRO D 376 38.82 4.35 20.59
C PRO D 376 38.21 3.58 21.74
N SER D 377 38.82 2.44 22.07
CA SER D 377 38.27 1.54 23.06
C SER D 377 38.21 2.17 24.45
N GLU D 378 38.94 3.26 24.68
CA GLU D 378 38.92 3.95 25.97
C GLU D 378 37.71 4.87 26.00
N VAL D 379 36.53 4.27 26.09
CA VAL D 379 35.29 5.02 26.21
C VAL D 379 34.49 4.69 27.46
N ASN D 380 34.64 3.49 28.03
CA ASN D 380 33.93 3.17 29.27
C ASN D 380 34.54 3.90 30.46
N LEU D 381 35.84 4.22 30.40
CA LEU D 381 36.47 4.96 31.49
C LEU D 381 35.85 6.35 31.63
N CYS D 382 35.59 7.02 30.51
CA CYS D 382 34.91 8.31 30.57
C CYS D 382 33.49 8.16 31.11
N ASN D 383 32.83 7.05 30.77
CA ASN D 383 31.48 6.82 31.27
C ASN D 383 31.47 6.65 32.78
N VAL D 384 32.43 5.90 33.33
CA VAL D 384 32.45 5.65 34.76
C VAL D 384 32.87 6.92 35.51
N ASP D 385 34.08 7.42 35.23
CA ASP D 385 34.59 8.62 35.87
C ASP D 385 34.71 9.70 34.81
N ILE D 386 33.90 10.76 34.95
CA ILE D 386 33.88 11.82 33.95
C ILE D 386 35.21 12.56 33.90
N PHE D 387 35.85 12.77 35.05
CA PHE D 387 37.08 13.57 35.12
C PHE D 387 38.28 12.62 35.14
N ASN D 388 38.72 12.25 33.94
CA ASN D 388 39.93 11.44 33.77
C ASN D 388 40.75 12.00 32.61
N PRO D 389 42.09 11.95 32.71
CA PRO D 389 42.97 12.44 31.65
C PRO D 389 43.21 11.41 30.54
N LYS D 390 42.13 10.79 30.07
CA LYS D 390 42.22 9.78 29.03
C LYS D 390 41.17 9.91 27.94
N TYR D 391 40.26 10.88 28.04
CA TYR D 391 39.25 11.07 27.01
C TYR D 391 38.76 12.51 27.07
N ASP D 392 38.18 12.97 25.95
CA ASP D 392 37.64 14.32 25.89
C ASP D 392 36.36 14.47 26.70
N CYS D 393 35.47 13.48 26.65
CA CYS D 393 34.20 13.51 27.37
C CYS D 393 33.39 14.75 26.98
N LYS D 394 32.97 14.75 25.71
CA LYS D 394 32.34 15.92 25.12
C LYS D 394 31.13 16.38 25.91
N ILE D 395 31.01 17.69 26.09
CA ILE D 395 29.92 18.34 26.79
C ILE D 395 29.42 19.51 25.95
N MET D 396 28.27 20.06 26.34
CA MET D 396 27.78 21.32 25.79
C MET D 396 27.08 22.06 26.92
N THR D 397 27.45 23.33 27.12
CA THR D 397 26.95 24.09 28.25
C THR D 397 26.26 25.36 27.78
N SER D 398 25.24 25.76 28.52
CA SER D 398 24.40 26.91 28.18
C SER D 398 23.72 27.39 29.45
N LYS D 399 23.16 28.60 29.38
CA LYS D 399 22.44 29.20 30.49
C LYS D 399 20.92 29.07 30.35
N THR D 400 20.44 28.25 29.42
CA THR D 400 19.00 28.04 29.29
C THR D 400 18.54 26.96 30.26
N ASP D 401 17.43 27.24 30.95
CA ASP D 401 16.88 26.35 31.97
C ASP D 401 15.44 26.01 31.59
N VAL D 402 15.25 24.85 30.96
CA VAL D 402 13.95 24.40 30.51
C VAL D 402 13.67 23.03 31.10
N SER D 403 12.50 22.87 31.70
CA SER D 403 12.11 21.57 32.26
C SER D 403 12.01 20.53 31.16
N SER D 404 12.58 19.36 31.41
CA SER D 404 12.57 18.28 30.43
C SER D 404 12.85 16.97 31.15
N SER D 405 12.49 15.87 30.48
CA SER D 405 12.72 14.54 31.02
C SER D 405 12.91 13.57 29.86
N VAL D 406 13.59 12.46 30.15
CA VAL D 406 13.83 11.41 29.17
C VAL D 406 13.39 10.08 29.77
N ILE D 407 13.14 9.12 28.88
CA ILE D 407 12.70 7.78 29.27
C ILE D 407 13.75 6.79 28.79
N THR D 408 14.48 6.20 29.73
CA THR D 408 15.51 5.24 29.41
C THR D 408 14.89 3.84 29.33
N SER D 409 15.75 2.82 29.25
CA SER D 409 15.26 1.46 29.06
C SER D 409 14.50 0.93 30.27
N LEU D 410 14.90 1.30 31.49
CA LEU D 410 14.24 0.74 32.68
C LEU D 410 13.80 1.82 33.66
N GLY D 411 13.55 3.04 33.20
CA GLY D 411 13.13 4.07 34.12
C GLY D 411 13.00 5.42 33.43
N ALA D 412 12.77 6.43 34.24
CA ALA D 412 12.62 7.79 33.76
C ALA D 412 13.60 8.71 34.48
N ILE D 413 14.29 9.53 33.69
CA ILE D 413 15.19 10.57 34.20
C ILE D 413 14.45 11.90 34.08
N VAL D 414 14.45 12.66 35.17
CA VAL D 414 13.73 13.93 35.23
C VAL D 414 14.73 15.05 35.48
N SER D 415 14.57 16.16 34.75
CA SER D 415 15.48 17.30 34.86
C SER D 415 14.72 18.59 35.03
N CYS D 416 13.58 18.55 35.71
CA CYS D 416 12.75 19.75 35.87
C CYS D 416 13.41 20.74 36.81
N TYR D 417 13.27 22.03 36.49
CA TYR D 417 13.94 23.09 37.22
C TYR D 417 12.98 24.27 37.39
N GLY D 418 13.26 25.11 38.38
CA GLY D 418 12.48 26.31 38.60
C GLY D 418 11.07 26.03 39.10
N LYS D 419 10.20 27.02 38.85
CA LYS D 419 8.79 26.93 39.24
C LYS D 419 8.06 26.07 38.22
N THR D 420 8.18 24.77 38.41
CA THR D 420 7.55 23.79 37.52
C THR D 420 7.28 22.52 38.31
N LYS D 421 6.00 22.14 38.41
CA LYS D 421 5.64 20.95 39.16
C LYS D 421 6.16 19.70 38.46
N CYS D 422 6.68 18.76 39.25
CA CYS D 422 7.19 17.50 38.75
C CYS D 422 6.54 16.38 39.54
N THR D 423 6.11 15.32 38.86
CA THR D 423 5.42 14.25 39.55
C THR D 423 5.72 12.91 38.90
N ALA D 424 5.65 11.85 39.69
CA ALA D 424 5.73 10.49 39.20
C ALA D 424 4.63 9.70 39.88
N SER D 425 3.77 9.06 39.09
CA SER D 425 2.59 8.38 39.62
C SER D 425 2.43 7.03 38.93
N ASN D 426 1.48 6.25 39.43
CA ASN D 426 1.13 4.96 38.85
C ASN D 426 -0.38 4.77 38.91
N LYS D 427 -0.87 3.80 38.13
CA LYS D 427 -2.30 3.58 38.01
C LYS D 427 -2.93 2.96 39.25
N ASN D 428 -2.13 2.49 40.21
CA ASN D 428 -2.66 1.78 41.37
C ASN D 428 -2.98 2.72 42.53
N ARG D 429 -1.97 3.42 43.04
CA ARG D 429 -2.13 4.29 44.20
C ARG D 429 -2.00 5.77 43.82
N GLY D 430 -1.79 6.05 42.54
CA GLY D 430 -1.74 7.44 42.11
C GLY D 430 -0.37 8.04 42.32
N ILE D 431 -0.37 9.30 42.76
CA ILE D 431 0.87 10.04 42.92
C ILE D 431 1.74 9.36 43.99
N ILE D 432 2.96 9.01 43.61
CA ILE D 432 3.91 8.40 44.55
C ILE D 432 5.12 9.27 44.81
N LYS D 433 5.77 9.83 43.81
CA LYS D 433 7.01 10.56 44.05
C LYS D 433 6.87 12.00 43.55
N THR D 434 7.42 12.92 44.33
CA THR D 434 7.50 14.33 43.96
C THR D 434 8.96 14.74 43.91
N PHE D 435 9.33 15.49 42.88
CA PHE D 435 10.71 15.86 42.62
C PHE D 435 10.92 17.29 43.10
N SER D 436 11.93 17.49 43.95
CA SER D 436 12.19 18.83 44.48
C SER D 436 13.01 19.66 43.50
N ASN D 437 14.24 19.25 43.22
CA ASN D 437 15.13 19.98 42.34
C ASN D 437 16.25 19.04 41.90
N GLY D 438 16.94 19.43 40.83
CA GLY D 438 18.00 18.62 40.28
C GLY D 438 17.47 17.43 39.52
N CYS D 439 18.29 16.83 38.66
CA CYS D 439 17.85 15.66 37.92
C CYS D 439 17.77 14.45 38.85
N ASP D 440 16.70 13.68 38.69
CA ASP D 440 16.44 12.51 39.53
C ASP D 440 16.05 11.34 38.64
N TYR D 441 15.94 10.17 39.26
CA TYR D 441 15.66 8.93 38.56
C TYR D 441 14.53 8.20 39.26
N VAL D 442 13.60 7.66 38.47
CA VAL D 442 12.56 6.78 38.98
C VAL D 442 12.62 5.46 38.23
N SER D 443 12.68 4.36 38.99
CA SER D 443 12.72 3.03 38.40
C SER D 443 11.38 2.71 37.75
N ASN D 444 11.43 1.87 36.71
CA ASN D 444 10.23 1.57 35.94
C ASN D 444 9.20 0.81 36.78
N LYS D 445 9.65 -0.12 37.62
CA LYS D 445 8.71 -0.88 38.43
C LYS D 445 8.50 -0.24 39.80
N GLY D 446 8.32 1.08 39.81
CA GLY D 446 7.79 1.78 40.96
C GLY D 446 6.64 2.68 40.57
N VAL D 447 6.66 3.12 39.31
CA VAL D 447 5.72 4.09 38.78
C VAL D 447 5.25 3.60 37.42
N ASP D 448 4.18 4.22 36.92
CA ASP D 448 3.68 3.93 35.58
C ASP D 448 3.79 5.12 34.64
N THR D 449 3.60 6.34 35.14
CA THR D 449 3.73 7.53 34.31
C THR D 449 4.54 8.58 35.08
N VAL D 450 5.21 9.44 34.31
CA VAL D 450 5.92 10.58 34.87
C VAL D 450 5.34 11.82 34.21
N SER D 451 5.44 12.96 34.89
CA SER D 451 4.89 14.19 34.36
C SER D 451 5.78 15.36 34.76
N VAL D 452 6.12 16.20 33.80
CA VAL D 452 6.87 17.43 34.07
C VAL D 452 6.07 18.60 33.51
N GLY D 453 5.93 19.63 34.32
CA GLY D 453 5.12 20.77 33.95
C GLY D 453 3.70 20.41 33.58
N ASN D 454 3.38 20.48 32.30
CA ASN D 454 2.05 20.12 31.80
C ASN D 454 2.08 18.96 30.82
N THR D 455 3.21 18.26 30.70
CA THR D 455 3.32 17.15 29.76
C THR D 455 3.57 15.86 30.51
N LEU D 456 3.09 14.76 29.93
CA LEU D 456 3.06 13.46 30.56
C LEU D 456 3.75 12.42 29.68
N TYR D 457 4.71 11.71 30.24
CA TYR D 457 5.42 10.64 29.57
C TYR D 457 5.07 9.31 30.20
N TYR D 458 5.00 8.27 29.36
CA TYR D 458 4.77 6.91 29.82
C TYR D 458 6.10 6.18 29.85
N VAL D 459 6.52 5.75 31.04
CA VAL D 459 7.80 5.07 31.21
C VAL D 459 7.69 3.65 30.68
N ASN D 460 8.80 3.13 30.17
CA ASN D 460 8.83 1.76 29.68
C ASN D 460 8.57 0.79 30.83
N LYS D 461 7.94 -0.33 30.50
CA LYS D 461 7.50 -1.31 31.49
C LYS D 461 8.04 -2.69 31.15
N GLN D 462 9.33 -2.76 30.85
CA GLN D 462 9.99 -4.02 30.53
C GLN D 462 10.82 -4.47 31.73
N GLU D 463 10.76 -5.76 32.04
CA GLU D 463 11.36 -6.28 33.26
C GLU D 463 12.88 -6.15 33.22
N GLY D 464 13.45 -5.79 34.36
CA GLY D 464 14.90 -5.66 34.47
C GLY D 464 15.26 -5.14 35.83
N LYS D 465 16.57 -5.16 36.10
CA LYS D 465 17.12 -4.72 37.38
C LYS D 465 17.94 -3.46 37.17
N SER D 466 17.65 -2.43 37.95
CA SER D 466 18.35 -1.16 37.87
C SER D 466 18.87 -0.77 39.25
N LEU D 467 20.03 -0.11 39.28
CA LEU D 467 20.64 0.34 40.51
C LEU D 467 21.01 1.81 40.37
N TYR D 468 20.63 2.60 41.37
CA TYR D 468 20.75 4.06 41.34
C TYR D 468 21.89 4.45 42.28
N VAL D 469 23.09 4.62 41.72
CA VAL D 469 24.25 4.98 42.53
C VAL D 469 24.20 6.46 42.86
N LYS D 470 24.78 6.81 44.01
CA LYS D 470 24.82 8.20 44.47
C LYS D 470 26.08 8.87 43.94
N GLY D 471 25.93 10.10 43.46
CA GLY D 471 27.05 10.85 42.95
C GLY D 471 27.13 12.26 43.48
N GLU D 472 27.76 13.16 42.71
CA GLU D 472 27.91 14.56 43.09
C GLU D 472 27.56 15.44 41.90
N PRO D 473 26.83 16.54 42.13
CA PRO D 473 26.49 17.44 41.03
C PRO D 473 27.67 18.28 40.57
N ILE D 474 28.44 17.76 39.63
CA ILE D 474 29.71 18.37 39.17
C ILE D 474 29.53 19.82 38.73
N ILE D 475 28.31 20.23 38.42
CA ILE D 475 28.06 21.62 38.06
C ILE D 475 28.43 22.55 39.22
N ASN D 476 28.34 22.05 40.45
CA ASN D 476 28.74 22.87 41.60
C ASN D 476 30.25 22.93 41.75
N PHE D 477 30.99 21.99 41.15
CA PHE D 477 32.44 22.08 41.16
C PHE D 477 32.92 23.32 40.40
N TYR D 478 32.28 23.61 39.27
CA TYR D 478 32.70 24.68 38.40
C TYR D 478 32.29 26.04 38.96
N ASP D 479 32.96 27.09 38.48
CA ASP D 479 32.70 28.43 38.97
C ASP D 479 31.28 28.87 38.58
N PRO D 480 30.65 29.71 39.41
CA PRO D 480 29.26 30.11 39.11
C PRO D 480 29.06 30.72 37.73
N LEU D 481 29.98 31.55 37.24
CA LEU D 481 29.81 32.11 35.90
C LEU D 481 31.20 32.35 35.28
N VAL D 482 31.70 31.34 34.57
CA VAL D 482 32.86 31.49 33.70
C VAL D 482 32.55 30.78 32.38
N PHE D 483 31.52 29.94 32.38
CA PHE D 483 31.25 29.09 31.24
C PHE D 483 30.85 29.93 30.02
N PRO D 484 31.35 29.60 28.83
CA PRO D 484 30.72 30.09 27.60
C PRO D 484 29.36 29.44 27.42
N SER D 485 28.50 30.12 26.67
CA SER D 485 27.14 29.64 26.44
C SER D 485 26.78 29.77 24.97
N ASP D 486 27.71 29.38 24.09
CA ASP D 486 27.49 29.56 22.66
C ASP D 486 27.99 28.41 21.80
N GLU D 487 28.23 27.24 22.38
CA GLU D 487 28.81 26.12 21.63
C GLU D 487 27.88 24.92 21.64
N PHE D 488 27.93 24.15 20.55
CA PHE D 488 27.25 22.86 20.45
C PHE D 488 28.23 21.70 20.40
N ASP D 489 29.53 21.99 20.28
CA ASP D 489 30.53 20.94 20.12
C ASP D 489 31.75 21.35 20.94
N ALA D 490 31.87 20.78 22.13
CA ALA D 490 32.98 21.08 23.02
C ALA D 490 33.27 19.85 23.87
N SER D 491 34.43 19.86 24.50
CA SER D 491 34.85 18.78 25.38
C SER D 491 35.25 19.35 26.74
N ILE D 492 35.51 18.43 27.68
CA ILE D 492 35.91 18.84 29.03
C ILE D 492 37.24 19.58 28.97
N SER D 493 38.18 19.08 28.16
CA SER D 493 39.50 19.70 28.09
C SER D 493 39.42 21.14 27.59
N GLN D 494 38.63 21.38 26.53
CA GLN D 494 38.52 22.73 26.00
C GLN D 494 37.89 23.68 27.00
N VAL D 495 36.83 23.25 27.68
CA VAL D 495 36.18 24.10 28.67
C VAL D 495 37.12 24.41 29.83
N ASN D 496 37.86 23.39 30.29
CA ASN D 496 38.80 23.60 31.39
C ASN D 496 39.93 24.55 30.98
N GLU D 497 40.42 24.40 29.75
CA GLU D 497 41.47 25.31 29.27
C GLU D 497 40.95 26.73 29.13
N LYS D 498 39.70 26.88 28.67
CA LYS D 498 39.11 28.22 28.59
C LYS D 498 38.95 28.84 29.97
N ILE D 499 38.55 28.03 30.95
CA ILE D 499 38.45 28.53 32.32
C ILE D 499 39.82 28.96 32.85
N ASN D 500 40.85 28.15 32.58
CA ASN D 500 42.19 28.50 33.01
C ASN D 500 42.67 29.79 32.36
N GLN D 501 42.41 29.94 31.05
CA GLN D 501 42.85 31.14 30.35
C GLN D 501 42.08 32.37 30.82
N SER D 502 40.80 32.21 31.19
CA SER D 502 40.05 33.35 31.70
C SER D 502 40.48 33.73 33.12
N LEU D 503 40.85 32.73 33.92
CA LEU D 503 41.40 33.04 35.24
C LEU D 503 42.72 33.79 35.12
N ALA D 504 43.59 33.33 34.21
CA ALA D 504 44.83 34.07 33.95
C ALA D 504 44.54 35.46 33.42
N PHE D 505 43.51 35.58 32.57
CA PHE D 505 43.01 36.86 32.12
C PHE D 505 42.73 37.80 33.28
N ILE D 506 41.85 37.38 34.20
CA ILE D 506 41.41 38.29 35.25
C ILE D 506 42.53 38.54 36.24
N ARG D 507 43.48 37.62 36.37
CA ARG D 507 44.61 37.87 37.26
C ARG D 507 45.58 38.88 36.64
N LYS D 508 45.86 38.74 35.33
CA LYS D 508 46.72 39.69 34.64
C LYS D 508 46.10 41.08 34.60
N SER D 509 44.79 41.17 34.35
CA SER D 509 44.15 42.47 34.23
C SER D 509 44.24 43.25 35.54
N ASP D 510 44.04 42.56 36.67
CA ASP D 510 44.20 43.21 37.96
C ASP D 510 45.66 43.52 38.27
N GLU D 511 46.59 42.66 37.82
CA GLU D 511 48.01 42.93 38.06
C GLU D 511 48.47 44.18 37.33
N LEU D 512 48.00 44.38 36.09
CA LEU D 512 48.43 45.53 35.32
C LEU D 512 48.01 46.83 35.98
N LEU D 513 46.80 46.89 36.51
CA LEU D 513 46.32 48.08 37.20
C LEU D 513 46.67 48.03 38.68
N GLN E 1 20.05 -12.61 -50.07
CA GLN E 1 20.51 -13.98 -50.27
C GLN E 1 20.30 -14.82 -49.03
N VAL E 2 19.16 -15.52 -48.97
CA VAL E 2 18.82 -16.38 -47.84
C VAL E 2 18.99 -17.82 -48.29
N GLN E 3 19.84 -18.57 -47.58
CA GLN E 3 20.12 -19.95 -47.93
C GLN E 3 20.65 -20.67 -46.69
N LEU E 4 20.30 -21.95 -46.58
CA LEU E 4 20.74 -22.78 -45.48
C LEU E 4 21.60 -23.92 -46.01
N VAL E 5 22.70 -24.18 -45.32
CA VAL E 5 23.63 -25.24 -45.68
C VAL E 5 23.67 -26.26 -44.56
N GLU E 6 23.59 -27.53 -44.93
CA GLU E 6 23.48 -28.63 -43.98
C GLU E 6 24.83 -29.33 -43.83
N SER E 7 24.92 -30.16 -42.79
CA SER E 7 26.13 -30.92 -42.53
C SER E 7 25.77 -32.17 -41.74
N GLY E 8 26.55 -33.23 -41.93
CA GLY E 8 26.36 -34.46 -41.20
C GLY E 8 25.39 -35.40 -41.89
N GLY E 9 25.31 -36.64 -41.39
CA GLY E 9 24.40 -37.63 -41.87
C GLY E 9 25.13 -38.91 -42.23
N GLY E 10 24.45 -39.78 -42.97
CA GLY E 10 25.05 -41.02 -43.43
C GLY E 10 24.45 -42.27 -42.83
N VAL E 11 25.27 -43.31 -42.70
CA VAL E 11 24.84 -44.60 -42.18
C VAL E 11 25.24 -44.69 -40.71
N VAL E 12 24.25 -44.92 -39.85
CA VAL E 12 24.47 -45.02 -38.40
C VAL E 12 23.86 -46.33 -37.92
N GLN E 13 24.63 -47.08 -37.15
CA GLN E 13 24.14 -48.32 -36.56
C GLN E 13 23.09 -48.01 -35.49
N PRO E 14 22.26 -49.00 -35.14
CA PRO E 14 21.29 -48.77 -34.06
C PRO E 14 21.98 -48.36 -32.77
N GLY E 15 21.36 -47.42 -32.06
CA GLY E 15 22.05 -46.72 -31.01
C GLY E 15 22.98 -45.68 -31.62
N THR E 16 24.18 -45.52 -31.07
CA THR E 16 25.22 -44.69 -31.67
C THR E 16 24.72 -43.26 -31.87
N SER E 17 24.50 -42.60 -30.74
CA SER E 17 23.95 -41.24 -30.74
C SER E 17 24.75 -40.32 -31.65
N LEU E 18 24.05 -39.68 -32.59
CA LEU E 18 24.65 -38.81 -33.58
C LEU E 18 24.08 -37.41 -33.43
N THR E 19 24.96 -36.41 -33.50
CA THR E 19 24.56 -35.01 -33.43
C THR E 19 24.57 -34.41 -34.83
N LEU E 20 23.52 -33.69 -35.17
CA LEU E 20 23.37 -33.03 -36.46
C LEU E 20 23.51 -31.53 -36.30
N SER E 21 24.13 -30.90 -37.29
CA SER E 21 24.42 -29.47 -37.24
C SER E 21 23.84 -28.77 -38.46
N CYS E 22 23.14 -27.67 -38.22
CA CYS E 22 22.64 -26.80 -39.27
C CYS E 22 23.55 -25.59 -39.38
N ALA E 23 23.25 -24.69 -40.31
CA ALA E 23 24.01 -23.46 -40.47
C ALA E 23 23.15 -22.43 -41.18
N ALA E 24 23.55 -21.17 -41.07
CA ALA E 24 22.79 -20.09 -41.68
C ALA E 24 23.73 -18.92 -41.98
N SER E 25 23.32 -18.10 -42.94
CA SER E 25 24.09 -16.93 -43.33
C SER E 25 23.19 -16.00 -44.15
N GLY E 26 23.61 -14.74 -44.22
CA GLY E 26 22.91 -13.76 -45.03
C GLY E 26 21.72 -13.10 -44.36
N PHE E 27 21.46 -13.38 -43.08
CA PHE E 27 20.36 -12.76 -42.38
C PHE E 27 20.63 -12.79 -40.89
N THR E 28 19.91 -11.94 -40.15
CA THR E 28 20.03 -11.92 -38.71
C THR E 28 19.56 -13.25 -38.12
N PHE E 29 20.35 -13.82 -37.24
CA PHE E 29 20.08 -15.15 -36.71
C PHE E 29 19.65 -15.17 -35.25
N ARG E 30 19.97 -14.14 -34.47
CA ARG E 30 19.64 -14.12 -33.06
C ARG E 30 18.24 -13.59 -32.79
N THR E 31 17.50 -13.18 -33.82
CA THR E 31 16.15 -12.65 -33.65
C THR E 31 15.09 -13.63 -34.10
N TYR E 32 15.26 -14.26 -35.25
CA TYR E 32 14.27 -15.19 -35.78
C TYR E 32 14.32 -16.49 -34.98
N ALA E 33 13.48 -17.46 -35.36
CA ALA E 33 13.46 -18.74 -34.68
C ALA E 33 13.61 -19.87 -35.68
N PHE E 34 14.13 -20.99 -35.21
CA PHE E 34 14.36 -22.16 -36.05
C PHE E 34 13.72 -23.39 -35.41
N HIS E 35 13.46 -24.39 -36.25
CA HIS E 35 12.94 -25.67 -35.78
C HIS E 35 13.36 -26.77 -36.74
N TRP E 36 13.19 -28.02 -36.29
CA TRP E 36 13.68 -29.19 -37.00
C TRP E 36 12.50 -30.07 -37.39
N VAL E 37 12.51 -30.53 -38.64
CA VAL E 37 11.50 -31.44 -39.15
C VAL E 37 12.20 -32.60 -39.84
N ARG E 38 11.46 -33.68 -40.06
CA ARG E 38 12.03 -34.82 -40.77
C ARG E 38 10.94 -35.50 -41.58
N GLN E 39 11.37 -36.20 -42.64
CA GLN E 39 10.44 -36.92 -43.50
C GLN E 39 11.06 -38.26 -43.89
N ALA E 40 10.24 -39.31 -43.85
CA ALA E 40 10.70 -40.65 -44.20
C ALA E 40 10.22 -41.04 -45.59
N PRO E 41 11.00 -41.83 -46.32
CA PRO E 41 10.58 -42.26 -47.66
C PRO E 41 9.27 -43.03 -47.61
N GLY E 42 8.41 -42.75 -48.58
CA GLY E 42 7.10 -43.36 -48.65
C GLY E 42 6.07 -42.75 -47.73
N LYS E 43 6.42 -41.71 -46.97
CA LYS E 43 5.48 -41.07 -46.06
C LYS E 43 5.55 -39.55 -46.23
N GLY E 44 4.80 -38.82 -45.39
CA GLY E 44 4.78 -37.38 -45.43
C GLY E 44 5.71 -36.76 -44.41
N LEU E 45 5.48 -35.48 -44.14
CA LEU E 45 6.27 -34.76 -43.16
C LEU E 45 5.80 -35.11 -41.75
N GLU E 46 6.69 -34.89 -40.79
CA GLU E 46 6.39 -35.21 -39.40
C GLU E 46 7.14 -34.24 -38.51
N TRP E 47 6.40 -33.53 -37.65
CA TRP E 47 7.00 -32.57 -36.74
C TRP E 47 8.04 -33.24 -35.85
N LEU E 48 9.19 -32.59 -35.69
CA LEU E 48 10.27 -33.16 -34.90
C LEU E 48 10.55 -32.33 -33.66
N ALA E 49 10.85 -31.04 -33.79
CA ALA E 49 11.08 -30.20 -32.61
C ALA E 49 11.08 -28.74 -33.01
N LEU E 50 10.87 -27.87 -32.02
CA LEU E 50 10.90 -26.43 -32.24
C LEU E 50 11.59 -25.73 -31.08
N VAL E 51 12.43 -24.75 -31.41
CA VAL E 51 13.04 -23.88 -30.40
C VAL E 51 12.82 -22.43 -30.80
N THR E 52 13.25 -21.51 -29.94
CA THR E 52 13.22 -20.09 -30.21
C THR E 52 14.63 -19.55 -29.96
N TYR E 53 14.77 -18.23 -29.93
CA TYR E 53 16.08 -17.63 -29.68
C TYR E 53 16.65 -18.10 -28.34
N ASP E 54 17.95 -18.34 -28.33
CA ASP E 54 18.64 -18.91 -27.18
C ASP E 54 18.01 -20.25 -26.80
N GLY E 55 18.18 -20.66 -25.54
CA GLY E 55 17.50 -21.84 -25.07
C GLY E 55 16.40 -21.49 -24.10
N THR E 56 15.15 -21.54 -24.55
CA THR E 56 14.01 -21.18 -23.72
C THR E 56 12.77 -21.82 -24.29
N THR E 57 11.98 -22.45 -23.41
CA THR E 57 10.67 -23.02 -23.76
C THR E 57 10.71 -23.85 -25.03
N GLN E 58 11.66 -24.78 -25.08
CA GLN E 58 11.75 -25.68 -26.22
C GLN E 58 10.52 -26.57 -26.29
N TYR E 59 10.05 -26.81 -27.50
CA TYR E 59 8.82 -27.58 -27.75
C TYR E 59 9.16 -28.85 -28.51
N TYR E 60 8.49 -29.95 -28.15
CA TYR E 60 8.75 -31.25 -28.74
C TYR E 60 7.45 -31.89 -29.19
N ALA E 61 7.57 -32.82 -30.13
CA ALA E 61 6.42 -33.58 -30.59
C ALA E 61 6.07 -34.68 -29.58
N ASP E 62 4.82 -35.15 -29.65
CA ASP E 62 4.36 -36.16 -28.70
C ASP E 62 5.09 -37.48 -28.87
N SER E 63 5.33 -37.90 -30.10
CA SER E 63 5.94 -39.20 -30.36
C SER E 63 7.47 -39.15 -30.32
N VAL E 64 8.06 -38.00 -30.02
CA VAL E 64 9.50 -37.85 -30.02
C VAL E 64 10.04 -37.35 -28.68
N LYS E 65 9.21 -36.74 -27.85
CA LYS E 65 9.63 -36.17 -26.58
C LYS E 65 10.39 -37.18 -25.73
N GLY E 66 11.47 -36.72 -25.10
CA GLY E 66 12.32 -37.58 -24.30
C GLY E 66 13.52 -38.11 -25.05
N ARG E 67 13.30 -38.65 -26.24
CA ARG E 67 14.38 -39.22 -27.03
C ARG E 67 15.23 -38.18 -27.75
N LEU E 68 14.82 -36.91 -27.73
CA LEU E 68 15.47 -35.89 -28.55
C LEU E 68 15.76 -34.64 -27.73
N THR E 69 16.88 -34.00 -28.03
CA THR E 69 17.19 -32.67 -27.51
C THR E 69 17.62 -31.78 -28.67
N ILE E 70 17.37 -30.49 -28.54
CA ILE E 70 17.75 -29.53 -29.57
C ILE E 70 18.17 -28.23 -28.89
N TYR E 71 19.34 -27.73 -29.26
CA TYR E 71 19.85 -26.49 -28.69
C TYR E 71 20.67 -25.76 -29.75
N ARG E 72 20.71 -24.44 -29.64
CA ARG E 72 21.37 -23.60 -30.62
C ARG E 72 22.48 -22.79 -29.96
N ASP E 73 23.51 -22.48 -30.74
CA ASP E 73 24.63 -21.66 -30.30
C ASP E 73 24.63 -20.36 -31.10
N ASN E 74 24.59 -19.23 -30.39
CA ASN E 74 24.48 -17.94 -31.05
C ASN E 74 25.80 -17.42 -31.60
N SER E 75 26.94 -17.94 -31.13
CA SER E 75 28.23 -17.43 -31.61
C SER E 75 28.60 -18.05 -32.95
N LYS E 76 28.40 -19.35 -33.11
CA LYS E 76 28.71 -20.05 -34.35
C LYS E 76 27.55 -20.06 -35.34
N ASN E 77 26.37 -19.60 -34.93
CA ASN E 77 25.18 -19.55 -35.78
C ASN E 77 24.88 -20.92 -36.39
N THR E 78 24.96 -21.96 -35.56
CA THR E 78 24.74 -23.34 -36.01
C THR E 78 23.81 -24.04 -35.04
N LEU E 79 22.71 -24.60 -35.55
CA LEU E 79 21.83 -25.42 -34.73
C LEU E 79 22.51 -26.73 -34.37
N PHE E 80 22.09 -27.32 -33.25
CA PHE E 80 22.63 -28.59 -32.78
C PHE E 80 21.48 -29.48 -32.33
N LEU E 81 21.24 -30.57 -33.08
CA LEU E 81 20.21 -31.54 -32.78
C LEU E 81 20.88 -32.82 -32.26
N HIS E 82 20.38 -33.36 -31.16
CA HIS E 82 20.93 -34.59 -30.61
C HIS E 82 19.81 -35.61 -30.42
N LEU E 83 20.02 -36.81 -30.96
CA LEU E 83 19.09 -37.91 -30.77
C LEU E 83 19.87 -39.15 -30.34
N ASN E 84 19.31 -39.86 -29.36
CA ASN E 84 19.92 -41.06 -28.81
C ASN E 84 18.90 -42.19 -28.85
N SER E 85 19.37 -43.39 -28.49
CA SER E 85 18.56 -44.61 -28.50
C SER E 85 17.86 -44.78 -29.86
N LEU E 86 18.65 -44.62 -30.92
CA LEU E 86 18.13 -44.65 -32.27
C LEU E 86 17.49 -46.01 -32.57
N ARG E 87 16.28 -45.97 -33.13
CA ARG E 87 15.54 -47.17 -33.48
C ARG E 87 15.65 -47.44 -34.97
N ARG E 88 14.94 -48.47 -35.45
CA ARG E 88 15.00 -48.86 -36.85
C ARG E 88 14.17 -47.94 -37.75
N ASP E 89 13.26 -47.15 -37.18
CA ASP E 89 12.33 -46.36 -37.97
C ASP E 89 12.79 -44.92 -38.18
N ASP E 90 13.98 -44.54 -37.75
CA ASP E 90 14.46 -43.18 -37.88
C ASP E 90 15.15 -42.90 -39.20
N THR E 91 15.25 -43.88 -40.09
CA THR E 91 15.83 -43.66 -41.40
C THR E 91 14.99 -42.65 -42.17
N ALA E 92 15.54 -41.45 -42.40
CA ALA E 92 14.75 -40.36 -42.96
C ALA E 92 15.70 -39.22 -43.34
N ILE E 93 15.13 -38.16 -43.87
CA ILE E 93 15.85 -36.95 -44.23
C ILE E 93 15.41 -35.84 -43.29
N TYR E 94 16.38 -35.10 -42.76
CA TYR E 94 16.16 -34.08 -41.75
C TYR E 94 16.35 -32.69 -42.37
N PHE E 95 15.42 -31.79 -42.06
CA PHE E 95 15.41 -30.44 -42.61
C PHE E 95 15.33 -29.43 -41.48
N CYS E 96 16.01 -28.31 -41.66
CA CYS E 96 15.85 -27.14 -40.79
C CYS E 96 14.80 -26.23 -41.38
N ALA E 97 14.09 -25.51 -40.52
CA ALA E 97 13.07 -24.57 -40.95
C ALA E 97 13.18 -23.29 -40.15
N ARG E 98 12.91 -22.17 -40.81
CA ARG E 98 13.05 -20.84 -40.24
C ARG E 98 11.68 -20.18 -40.15
N GLY E 99 11.34 -19.67 -38.98
CA GLY E 99 10.03 -19.09 -38.76
C GLY E 99 10.03 -18.10 -37.63
N GLY E 100 8.89 -17.42 -37.49
CA GLY E 100 8.73 -16.38 -36.49
C GLY E 100 9.29 -15.06 -36.94
N GLU E 101 8.75 -13.96 -36.42
CA GLU E 101 9.23 -12.62 -36.76
C GLU E 101 9.83 -11.88 -35.57
N GLY E 102 9.08 -11.76 -34.48
CA GLY E 102 9.51 -11.00 -33.33
C GLY E 102 10.08 -11.85 -32.22
N SER E 103 10.26 -11.21 -31.07
CA SER E 103 10.79 -11.86 -29.87
C SER E 103 9.62 -12.47 -29.09
N PHE E 104 9.10 -13.58 -29.62
CA PHE E 104 7.97 -14.27 -29.03
C PHE E 104 8.32 -15.73 -28.79
N SER E 105 7.72 -16.29 -27.74
CA SER E 105 7.95 -17.68 -27.37
C SER E 105 6.73 -18.57 -27.52
N TRP E 106 5.53 -17.99 -27.51
CA TRP E 106 4.31 -18.77 -27.66
C TRP E 106 4.25 -19.40 -29.05
N LEU E 107 3.95 -20.69 -29.10
CA LEU E 107 4.07 -21.46 -30.33
C LEU E 107 3.08 -21.01 -31.41
N GLY E 108 1.98 -20.38 -31.04
CA GLY E 108 1.01 -19.96 -32.04
C GLY E 108 1.59 -18.99 -33.05
N TYR E 109 2.35 -18.00 -32.58
CA TYR E 109 3.05 -17.12 -33.49
C TYR E 109 4.17 -17.84 -34.24
N LEU E 110 4.65 -18.96 -33.71
CA LEU E 110 5.75 -19.71 -34.31
C LEU E 110 5.19 -20.91 -35.08
N GLN E 111 4.65 -20.62 -36.26
CA GLN E 111 4.24 -21.68 -37.17
C GLN E 111 4.60 -21.39 -38.61
N TYR E 112 5.15 -20.22 -38.92
CA TYR E 112 5.55 -19.88 -40.29
C TYR E 112 6.84 -20.61 -40.62
N MET E 113 7.02 -20.93 -41.90
CA MET E 113 8.26 -21.50 -42.41
C MET E 113 8.59 -20.73 -43.68
N ASP E 114 9.25 -19.58 -43.54
CA ASP E 114 9.45 -18.72 -44.71
C ASP E 114 10.51 -19.29 -45.65
N VAL E 115 11.51 -19.99 -45.11
CA VAL E 115 12.55 -20.64 -45.91
C VAL E 115 12.72 -22.06 -45.39
N TRP E 116 13.43 -22.87 -46.17
CA TRP E 116 13.70 -24.26 -45.81
C TRP E 116 15.18 -24.52 -46.04
N GLY E 117 15.59 -25.78 -45.88
CA GLY E 117 16.97 -26.15 -46.10
C GLY E 117 17.13 -27.12 -47.25
N GLN E 118 18.17 -27.95 -47.19
CA GLN E 118 18.38 -28.98 -48.20
C GLN E 118 18.25 -30.35 -47.57
N GLY E 119 18.54 -30.44 -46.28
CA GLY E 119 18.32 -31.66 -45.52
C GLY E 119 19.52 -32.59 -45.58
N THR E 120 19.63 -33.45 -44.57
CA THR E 120 20.64 -34.49 -44.51
C THR E 120 19.95 -35.84 -44.42
N THR E 121 20.48 -36.83 -45.12
CA THR E 121 19.91 -38.17 -45.12
C THR E 121 20.61 -39.02 -44.07
N VAL E 122 19.82 -39.67 -43.21
CA VAL E 122 20.35 -40.55 -42.17
C VAL E 122 19.64 -41.89 -42.29
N THR E 123 20.42 -42.97 -42.39
CA THR E 123 19.86 -44.30 -42.55
C THR E 123 20.54 -45.27 -41.58
N VAL E 124 19.79 -46.28 -41.17
CA VAL E 124 20.27 -47.30 -40.23
C VAL E 124 20.25 -48.65 -40.94
N SER E 125 21.29 -49.44 -40.71
CA SER E 125 21.40 -50.76 -41.31
C SER E 125 22.24 -51.65 -40.40
N SER E 126 22.12 -52.96 -40.61
CA SER E 126 22.86 -53.94 -39.82
C SER E 126 23.57 -54.93 -40.72
N GLN F 1 1.43 -43.43 -34.52
CA GLN F 1 1.72 -42.01 -34.67
C GLN F 1 0.49 -41.25 -35.16
N SER F 2 -0.01 -40.34 -34.33
CA SER F 2 -1.15 -39.52 -34.72
C SER F 2 -0.75 -38.54 -35.81
N ALA F 3 -1.64 -38.32 -36.77
CA ALA F 3 -1.39 -37.38 -37.85
C ALA F 3 -2.71 -37.01 -38.51
N LEU F 4 -2.69 -35.89 -39.23
CA LEU F 4 -3.84 -35.48 -40.01
C LEU F 4 -3.96 -36.36 -41.25
N THR F 5 -5.17 -36.84 -41.52
CA THR F 5 -5.40 -37.74 -42.64
C THR F 5 -5.74 -36.96 -43.90
N GLN F 6 -5.28 -37.45 -45.03
CA GLN F 6 -5.47 -36.82 -46.33
C GLN F 6 -5.77 -37.89 -47.37
N PRO F 7 -6.41 -37.51 -48.48
CA PRO F 7 -6.63 -38.48 -49.55
C PRO F 7 -5.32 -39.04 -50.09
N ALA F 8 -5.37 -40.30 -50.54
CA ALA F 8 -4.17 -40.95 -51.03
C ALA F 8 -3.65 -40.29 -52.30
N SER F 9 -4.54 -39.96 -53.23
CA SER F 9 -4.12 -39.37 -54.50
C SER F 9 -5.29 -38.62 -55.13
N VAL F 10 -4.94 -37.74 -56.06
CA VAL F 10 -5.94 -36.96 -56.81
C VAL F 10 -5.35 -36.65 -58.18
N SER F 11 -6.19 -36.76 -59.20
CA SER F 11 -5.81 -36.52 -60.59
C SER F 11 -6.76 -35.50 -61.21
N GLY F 12 -6.22 -34.64 -62.07
CA GLY F 12 -7.02 -33.62 -62.70
C GLY F 12 -6.55 -33.33 -64.11
N SER F 13 -7.47 -32.84 -64.93
CA SER F 13 -7.11 -32.40 -66.27
C SER F 13 -6.56 -30.98 -66.21
N PRO F 14 -5.74 -30.60 -67.19
CA PRO F 14 -5.25 -29.22 -67.23
C PRO F 14 -6.40 -28.23 -67.33
N GLY F 15 -6.26 -27.10 -66.63
CA GLY F 15 -7.33 -26.11 -66.58
C GLY F 15 -8.59 -26.59 -65.89
N GLN F 16 -8.44 -27.33 -64.80
CA GLN F 16 -9.58 -27.83 -64.03
C GLN F 16 -9.35 -27.55 -62.55
N SER F 17 -10.44 -27.56 -61.80
CA SER F 17 -10.43 -27.22 -60.38
C SER F 17 -10.56 -28.47 -59.52
N ILE F 18 -9.81 -28.50 -58.42
CA ILE F 18 -9.93 -29.55 -57.41
C ILE F 18 -10.15 -28.89 -56.06
N THR F 19 -10.69 -29.67 -55.12
CA THR F 19 -11.14 -29.17 -53.84
C THR F 19 -10.61 -30.05 -52.71
N LEU F 20 -9.29 -30.28 -52.69
CA LEU F 20 -8.80 -31.30 -51.78
C LEU F 20 -8.86 -30.80 -50.35
N SER F 21 -8.88 -31.75 -49.41
CA SER F 21 -9.11 -31.40 -48.02
C SER F 21 -8.42 -32.40 -47.10
N CYS F 22 -8.24 -31.99 -45.85
CA CYS F 22 -7.77 -32.87 -44.79
C CYS F 22 -8.60 -32.64 -43.54
N THR F 23 -8.89 -33.74 -42.85
CA THR F 23 -9.88 -33.78 -41.78
C THR F 23 -9.20 -34.08 -40.45
N GLY F 24 -9.70 -33.46 -39.39
CA GLY F 24 -9.20 -33.72 -38.06
C GLY F 24 -10.25 -33.46 -36.99
N THR F 25 -9.81 -32.94 -35.84
CA THR F 25 -10.70 -32.60 -34.74
C THR F 25 -10.62 -31.11 -34.48
N SER F 26 -11.62 -30.60 -33.75
CA SER F 26 -11.66 -29.17 -33.45
C SER F 26 -10.45 -28.75 -32.62
N SER F 27 -9.85 -29.67 -31.87
CA SER F 27 -8.69 -29.33 -31.06
C SER F 27 -7.47 -29.03 -31.92
N ASP F 28 -7.25 -29.82 -32.97
CA ASP F 28 -6.03 -29.69 -33.77
C ASP F 28 -6.24 -28.80 -34.99
N ILE F 29 -7.16 -29.18 -35.88
CA ILE F 29 -7.36 -28.43 -37.11
C ILE F 29 -8.45 -27.37 -36.96
N GLY F 30 -9.45 -27.61 -36.11
CA GLY F 30 -10.50 -26.63 -35.92
C GLY F 30 -9.97 -25.38 -35.23
N ASP F 31 -10.49 -24.23 -35.66
CA ASP F 31 -10.17 -22.94 -35.06
C ASP F 31 -8.69 -22.60 -35.12
N TYR F 32 -8.28 -21.60 -34.35
CA TYR F 32 -6.91 -21.15 -34.17
C TYR F 32 -6.36 -20.42 -35.39
N ASP F 33 -7.10 -20.44 -36.51
CA ASP F 33 -6.71 -19.74 -37.74
C ASP F 33 -5.27 -20.02 -38.13
N TYR F 34 -4.78 -21.23 -37.84
CA TYR F 34 -3.41 -21.61 -38.14
C TYR F 34 -3.37 -22.75 -39.15
N VAL F 35 -4.19 -22.68 -40.19
CA VAL F 35 -4.16 -23.68 -41.25
C VAL F 35 -3.19 -23.24 -42.34
N SER F 36 -2.28 -24.12 -42.71
CA SER F 36 -1.31 -23.83 -43.75
C SER F 36 -1.29 -24.97 -44.75
N TRP F 37 -1.01 -24.65 -46.01
CA TRP F 37 -0.94 -25.64 -47.07
C TRP F 37 0.44 -25.57 -47.73
N TYR F 38 1.05 -26.75 -47.89
CA TYR F 38 2.45 -26.90 -48.24
C TYR F 38 2.60 -27.85 -49.42
N GLN F 39 3.57 -27.53 -50.28
CA GLN F 39 3.85 -28.26 -51.51
C GLN F 39 5.26 -28.83 -51.47
N LYS F 40 5.44 -29.96 -52.16
CA LYS F 40 6.77 -30.56 -52.26
C LYS F 40 6.91 -31.30 -53.58
N TYR F 41 7.92 -30.92 -54.36
CA TYR F 41 8.38 -31.75 -55.46
C TYR F 41 9.44 -32.72 -54.96
N PRO F 42 9.63 -33.86 -55.62
CA PRO F 42 10.71 -34.76 -55.24
C PRO F 42 12.07 -34.08 -55.38
N ASP F 43 12.97 -34.41 -54.46
CA ASP F 43 14.35 -33.94 -54.46
C ASP F 43 14.43 -32.43 -54.21
N THR F 44 13.30 -31.79 -53.95
CA THR F 44 13.23 -30.35 -53.73
C THR F 44 12.56 -30.06 -52.39
N ALA F 45 13.13 -29.11 -51.65
CA ALA F 45 12.58 -28.72 -50.36
C ALA F 45 11.21 -28.05 -50.53
N PRO F 46 10.32 -28.21 -49.57
CA PRO F 46 8.99 -27.61 -49.67
C PRO F 46 9.03 -26.09 -49.67
N LYS F 47 8.02 -25.50 -50.31
CA LYS F 47 7.85 -24.05 -50.34
C LYS F 47 6.46 -23.70 -49.86
N LEU F 48 6.35 -22.55 -49.19
CA LEU F 48 5.09 -22.12 -48.57
C LEU F 48 4.16 -21.57 -49.64
N VAL F 49 2.93 -22.08 -49.68
CA VAL F 49 1.92 -21.62 -50.61
C VAL F 49 0.71 -21.02 -49.90
N ILE F 50 0.31 -21.60 -48.77
CA ILE F 50 -0.83 -21.09 -48.01
C ILE F 50 -0.48 -21.03 -46.53
N TYR F 51 -0.80 -19.89 -45.91
CA TYR F 51 -0.68 -19.78 -44.45
C TYR F 51 -1.83 -18.91 -43.95
N ASP F 52 -2.17 -19.11 -42.68
CA ASP F 52 -3.23 -18.35 -42.00
C ASP F 52 -4.56 -18.47 -42.74
N VAL F 53 -4.94 -19.73 -43.00
CA VAL F 53 -6.22 -20.12 -43.61
C VAL F 53 -6.30 -19.69 -45.07
N SER F 54 -6.39 -18.37 -45.31
CA SER F 54 -6.58 -17.86 -46.66
C SER F 54 -5.47 -16.93 -47.13
N GLU F 55 -4.57 -16.50 -46.25
CA GLU F 55 -3.52 -15.57 -46.64
C GLU F 55 -2.45 -16.28 -47.46
N ARG F 56 -1.73 -15.50 -48.25
CA ARG F 56 -0.70 -16.02 -49.14
C ARG F 56 0.59 -15.23 -48.96
N PRO F 57 1.73 -15.87 -49.13
CA PRO F 57 3.01 -15.18 -48.97
C PRO F 57 3.38 -14.38 -50.21
N SER F 58 4.52 -13.73 -50.16
CA SER F 58 5.02 -12.96 -51.29
C SER F 58 5.68 -13.86 -52.31
N GLY F 59 5.64 -13.43 -53.57
CA GLY F 59 6.25 -14.21 -54.64
C GLY F 59 5.56 -15.52 -54.93
N VAL F 60 4.23 -15.57 -54.79
CA VAL F 60 3.46 -16.76 -55.11
C VAL F 60 2.20 -16.32 -55.84
N SER F 61 1.66 -17.22 -56.67
CA SER F 61 0.48 -16.88 -57.45
C SER F 61 -0.78 -16.92 -56.60
N THR F 62 -1.82 -16.26 -57.10
CA THR F 62 -3.10 -16.15 -56.41
C THR F 62 -4.07 -17.26 -56.79
N ARG F 63 -3.64 -18.25 -57.59
CA ARG F 63 -4.57 -19.28 -58.05
C ARG F 63 -5.07 -20.17 -56.92
N PHE F 64 -4.35 -20.22 -55.80
CA PHE F 64 -4.72 -21.09 -54.69
C PHE F 64 -5.70 -20.37 -53.76
N SER F 65 -6.52 -21.16 -53.06
CA SER F 65 -7.46 -20.59 -52.10
C SER F 65 -7.68 -21.60 -50.98
N GLY F 66 -7.37 -21.19 -49.75
CA GLY F 66 -7.56 -22.04 -48.58
C GLY F 66 -8.75 -21.60 -47.75
N SER F 67 -9.36 -22.57 -47.07
CA SER F 67 -10.55 -22.30 -46.26
C SER F 67 -10.68 -23.40 -45.21
N LYS F 68 -11.51 -23.16 -44.20
CA LYS F 68 -11.83 -24.17 -43.22
C LYS F 68 -13.33 -24.17 -42.96
N SER F 69 -13.85 -25.33 -42.59
CA SER F 69 -15.27 -25.48 -42.28
C SER F 69 -15.44 -26.58 -41.25
N GLY F 70 -15.97 -26.23 -40.10
CA GLY F 70 -16.14 -27.23 -39.05
C GLY F 70 -14.79 -27.78 -38.64
N ASN F 71 -14.53 -29.03 -39.03
CA ASN F 71 -13.26 -29.70 -38.75
C ASN F 71 -12.57 -30.16 -40.04
N THR F 72 -12.75 -29.42 -41.13
CA THR F 72 -12.13 -29.78 -42.40
C THR F 72 -11.38 -28.59 -42.95
N ALA F 73 -10.11 -28.78 -43.28
CA ALA F 73 -9.35 -27.77 -44.00
C ALA F 73 -9.30 -28.10 -45.48
N SER F 74 -9.45 -27.08 -46.32
CA SER F 74 -9.63 -27.31 -47.74
C SER F 74 -8.78 -26.35 -48.55
N LEU F 75 -8.24 -26.86 -49.65
CA LEU F 75 -7.48 -26.10 -50.63
C LEU F 75 -8.12 -26.30 -52.00
N THR F 76 -8.28 -25.19 -52.71
CA THR F 76 -8.87 -25.16 -54.03
C THR F 76 -7.94 -24.46 -55.01
N ILE F 77 -7.91 -24.97 -56.23
CA ILE F 77 -7.08 -24.44 -57.30
C ILE F 77 -7.95 -24.23 -58.52
N SER F 78 -7.54 -23.29 -59.37
CA SER F 78 -8.19 -23.04 -60.65
C SER F 78 -7.12 -22.97 -61.73
N GLY F 79 -7.47 -23.43 -62.93
CA GLY F 79 -6.52 -23.43 -64.02
C GLY F 79 -5.31 -24.32 -63.76
N LEU F 80 -5.53 -25.63 -63.74
CA LEU F 80 -4.46 -26.57 -63.41
C LEU F 80 -3.32 -26.47 -64.40
N GLN F 81 -2.11 -26.71 -63.90
CA GLN F 81 -0.89 -26.67 -64.69
C GLN F 81 -0.16 -28.00 -64.58
N PRO F 82 0.60 -28.38 -65.62
CA PRO F 82 1.32 -29.66 -65.56
C PRO F 82 2.32 -29.75 -64.42
N GLU F 83 2.85 -28.61 -63.96
CA GLU F 83 3.84 -28.61 -62.88
C GLU F 83 3.21 -28.79 -61.51
N ASP F 84 1.90 -28.98 -61.42
CA ASP F 84 1.23 -29.14 -60.13
C ASP F 84 1.31 -30.55 -59.58
N GLU F 85 1.90 -31.49 -60.31
CA GLU F 85 2.08 -32.85 -59.84
C GLU F 85 3.11 -32.83 -58.70
N ALA F 86 2.64 -32.95 -57.47
CA ALA F 86 3.51 -32.81 -56.31
C ALA F 86 2.82 -33.43 -55.10
N ASP F 87 3.38 -33.19 -53.91
CA ASP F 87 2.82 -33.68 -52.66
C ASP F 87 2.32 -32.50 -51.84
N TYR F 88 1.11 -32.64 -51.30
CA TYR F 88 0.41 -31.56 -50.60
C TYR F 88 0.24 -31.96 -49.14
N TYR F 89 0.44 -31.00 -48.23
CA TYR F 89 0.29 -31.25 -46.80
C TYR F 89 -0.41 -30.08 -46.14
N CYS F 90 -1.08 -30.36 -45.02
CA CYS F 90 -1.69 -29.33 -44.20
C CYS F 90 -0.96 -29.24 -42.87
N ASN F 91 -0.85 -28.02 -42.35
CA ASN F 91 -0.15 -27.72 -41.11
C ASN F 91 -1.12 -27.01 -40.19
N SER F 92 -1.22 -27.48 -38.94
CA SER F 92 -2.14 -26.86 -37.99
C SER F 92 -1.53 -26.92 -36.59
N TYR F 93 -1.95 -25.98 -35.75
CA TYR F 93 -1.47 -25.95 -34.37
C TYR F 93 -2.42 -26.78 -33.52
N SER F 94 -1.89 -27.87 -32.95
CA SER F 94 -2.66 -28.68 -32.02
C SER F 94 -2.67 -28.03 -30.64
N SER F 95 -3.79 -28.19 -29.93
CA SER F 95 -4.00 -27.43 -28.71
C SER F 95 -2.99 -27.77 -27.63
N THR F 96 -2.34 -28.92 -27.73
CA THR F 96 -1.35 -29.33 -26.73
C THR F 96 0.06 -28.90 -27.11
N ASN F 97 0.21 -27.61 -27.46
CA ASN F 97 1.51 -26.99 -27.72
C ASN F 97 2.37 -27.83 -28.66
N THR F 98 1.88 -28.05 -29.88
CA THR F 98 2.64 -28.73 -30.91
C THR F 98 2.09 -28.33 -32.27
N LEU F 99 2.91 -28.53 -33.30
CA LEU F 99 2.56 -28.14 -34.66
C LEU F 99 2.46 -29.41 -35.50
N LYS F 100 1.23 -29.81 -35.81
CA LYS F 100 0.95 -31.09 -36.45
C LYS F 100 0.85 -30.94 -37.96
N PHE F 101 1.49 -31.87 -38.67
CA PHE F 101 1.48 -31.89 -40.13
C PHE F 101 0.37 -32.82 -40.64
N GLY F 102 0.29 -32.96 -41.97
CA GLY F 102 -0.70 -33.80 -42.59
C GLY F 102 -0.16 -35.16 -42.97
N GLY F 103 -0.90 -35.83 -43.87
CA GLY F 103 -0.52 -37.15 -44.34
C GLY F 103 0.09 -37.21 -45.71
N GLY F 104 -0.07 -36.16 -46.51
CA GLY F 104 0.49 -36.14 -47.85
C GLY F 104 -0.46 -36.62 -48.93
N THR F 105 -0.76 -35.76 -49.90
CA THR F 105 -1.60 -36.10 -51.03
C THR F 105 -0.82 -35.90 -52.32
N LYS F 106 -0.96 -36.84 -53.25
CA LYS F 106 -0.30 -36.77 -54.54
C LYS F 106 -1.23 -36.12 -55.55
N LEU F 107 -0.87 -34.94 -56.03
CA LEU F 107 -1.63 -34.24 -57.05
C LEU F 107 -0.98 -34.47 -58.40
N THR F 108 -1.76 -34.99 -59.34
CA THR F 108 -1.25 -35.33 -60.67
C THR F 108 -2.16 -34.75 -61.74
N VAL F 109 -1.58 -34.51 -62.91
CA VAL F 109 -2.31 -34.02 -64.06
C VAL F 109 -2.37 -35.11 -65.13
N LEU F 110 -3.42 -35.06 -65.94
CA LEU F 110 -3.64 -36.07 -66.96
C LEU F 110 -3.47 -35.50 -68.36
N GLN G 26 27.15 10.56 -18.96
CA GLN G 26 27.65 11.31 -20.11
C GLN G 26 29.13 11.64 -19.94
N ASN G 27 29.43 12.83 -19.42
CA ASN G 27 30.79 13.29 -19.22
C ASN G 27 30.98 13.76 -17.78
N ILE G 28 30.54 12.95 -16.82
CA ILE G 28 30.69 13.30 -15.42
C ILE G 28 32.18 13.32 -15.07
N THR G 29 32.67 14.49 -14.67
CA THR G 29 34.06 14.66 -14.30
C THR G 29 34.14 15.45 -13.01
N GLU G 30 35.23 15.27 -12.27
CA GLU G 30 35.42 16.05 -11.06
C GLU G 30 36.91 16.31 -10.84
N GLU G 31 37.19 17.36 -10.06
CA GLU G 31 38.55 17.80 -9.78
C GLU G 31 38.70 17.94 -8.27
N PHE G 32 39.29 16.94 -7.63
CA PHE G 32 39.52 17.00 -6.19
C PHE G 32 40.61 18.01 -5.91
N TYR G 33 40.26 19.07 -5.17
CA TYR G 33 41.25 20.05 -4.74
C TYR G 33 41.73 19.70 -3.33
N GLN G 34 43.04 19.53 -3.18
CA GLN G 34 43.61 19.20 -1.88
C GLN G 34 43.73 20.41 -0.97
N SER G 35 43.55 21.63 -1.48
CA SER G 35 43.59 22.82 -0.66
C SER G 35 42.61 22.69 0.50
N THR G 36 41.36 22.36 0.18
CA THR G 36 40.36 21.97 1.16
C THR G 36 39.67 20.73 0.65
N CYS G 37 39.58 19.70 1.49
CA CYS G 37 39.10 18.41 1.03
C CYS G 37 37.67 18.53 0.50
N SER G 38 37.51 18.43 -0.82
CA SER G 38 36.23 18.71 -1.45
C SER G 38 36.24 18.15 -2.86
N ALA G 39 35.10 17.58 -3.25
CA ALA G 39 34.92 17.03 -4.59
C ALA G 39 33.86 17.85 -5.31
N VAL G 40 34.16 18.24 -6.55
CA VAL G 40 33.28 19.07 -7.37
C VAL G 40 32.96 18.29 -8.63
N SER G 41 31.79 17.65 -8.65
CA SER G 41 31.39 16.80 -9.78
C SER G 41 30.83 17.67 -10.89
N LYS G 42 31.73 18.35 -11.60
CA LYS G 42 31.32 19.20 -12.71
C LYS G 42 30.70 18.38 -13.82
N GLY G 43 29.64 18.93 -14.42
CA GLY G 43 29.00 18.29 -15.56
C GLY G 43 27.72 17.56 -15.19
N TYR G 44 26.59 18.23 -15.40
CA TYR G 44 25.27 17.68 -15.14
C TYR G 44 24.26 18.55 -15.90
N LEU G 45 22.98 18.35 -15.63
CA LEU G 45 21.93 19.17 -16.20
C LEU G 45 20.95 19.53 -15.10
N SER G 46 20.54 20.80 -15.06
CA SER G 46 19.84 21.32 -13.88
C SER G 46 18.40 20.82 -13.83
N ALA G 47 17.59 21.17 -14.83
CA ALA G 47 16.17 20.82 -14.87
C ALA G 47 15.49 21.13 -13.54
N LEU G 48 15.68 22.37 -13.08
CA LEU G 48 15.12 22.79 -11.81
C LEU G 48 13.59 22.89 -11.89
N ARG G 49 12.96 22.91 -10.73
CA ARG G 49 11.50 22.97 -10.59
C ARG G 49 11.13 24.30 -9.95
N THR G 50 10.70 25.26 -10.76
CA THR G 50 10.38 26.60 -10.29
C THR G 50 8.98 27.03 -10.75
N GLY G 51 8.00 26.15 -10.59
CA GLY G 51 6.64 26.48 -10.95
C GLY G 51 5.68 25.40 -10.54
N TRP G 52 4.45 25.83 -10.21
CA TRP G 52 3.38 24.91 -9.82
C TRP G 52 2.27 25.02 -10.85
N TYR G 53 1.74 23.88 -11.28
CA TYR G 53 0.61 23.83 -12.20
C TYR G 53 -0.44 22.89 -11.64
N THR G 54 -1.65 23.40 -11.42
CA THR G 54 -2.74 22.59 -10.90
C THR G 54 -3.41 21.80 -12.02
N SER G 55 -4.16 20.77 -11.62
CA SER G 55 -4.99 20.02 -12.54
C SER G 55 -6.07 19.32 -11.73
N VAL G 56 -7.30 19.37 -12.23
CA VAL G 56 -8.45 18.80 -11.53
C VAL G 56 -8.80 17.46 -12.16
N ILE G 57 -8.83 16.42 -11.32
CA ILE G 57 -9.15 15.07 -11.74
C ILE G 57 -10.50 14.72 -11.13
N THR G 58 -11.40 14.19 -11.96
CA THR G 58 -12.79 14.01 -11.62
C THR G 58 -13.17 12.53 -11.70
N ILE G 59 -13.79 12.03 -10.63
CA ILE G 59 -14.43 10.73 -10.60
C ILE G 59 -15.92 10.96 -10.44
N GLU G 60 -16.69 10.56 -11.43
CA GLU G 60 -18.14 10.71 -11.37
C GLU G 60 -18.78 9.45 -10.79
N LEU G 61 -19.82 9.65 -9.99
CA LEU G 61 -20.48 8.55 -9.32
C LEU G 61 -21.90 8.95 -8.94
N SER G 62 -22.79 7.97 -8.96
CA SER G 62 -24.21 8.17 -8.68
C SER G 62 -24.51 7.84 -7.23
N ASN G 63 -25.63 8.40 -6.73
CA ASN G 63 -26.08 8.20 -5.36
C ASN G 63 -27.17 7.13 -5.39
N ILE G 64 -26.85 5.94 -4.89
CA ILE G 64 -27.82 4.87 -4.82
C ILE G 64 -28.74 5.06 -3.62
N LYS G 65 -29.99 4.66 -3.78
CA LYS G 65 -30.95 4.66 -2.68
C LYS G 65 -30.88 3.31 -1.96
N GLU G 66 -31.89 3.04 -1.14
CA GLU G 66 -32.02 1.75 -0.48
C GLU G 66 -31.94 0.60 -1.48
N ASN G 67 -31.45 -0.55 -1.02
CA ASN G 67 -31.07 -1.63 -1.95
C ASN G 67 -32.27 -2.16 -2.71
N LYS G 68 -33.40 -2.37 -2.03
CA LYS G 68 -34.62 -2.91 -2.64
C LYS G 68 -34.35 -4.26 -3.31
N CYS G 69 -33.62 -5.12 -2.62
CA CYS G 69 -33.33 -6.46 -3.09
C CYS G 69 -33.71 -7.45 -2.01
N ASN G 70 -34.49 -8.47 -2.38
CA ASN G 70 -34.99 -9.46 -1.44
C ASN G 70 -34.40 -10.82 -1.78
N GLY G 71 -34.05 -11.59 -0.75
CA GLY G 71 -33.45 -12.89 -0.95
C GLY G 71 -31.95 -12.85 -0.85
N THR G 72 -31.38 -13.54 0.14
CA THR G 72 -29.94 -13.48 0.36
C THR G 72 -29.18 -14.16 -0.77
N ASP G 73 -29.58 -15.38 -1.13
CA ASP G 73 -28.92 -16.17 -2.18
C ASP G 73 -27.42 -16.26 -1.95
N ALA G 74 -26.65 -16.27 -3.03
CA ALA G 74 -25.19 -16.29 -2.95
C ALA G 74 -24.56 -15.07 -3.61
N LYS G 75 -24.89 -14.81 -4.89
CA LYS G 75 -24.29 -13.67 -5.58
C LYS G 75 -24.92 -12.36 -5.11
N VAL G 76 -26.18 -12.40 -4.69
CA VAL G 76 -26.81 -11.21 -4.13
C VAL G 76 -26.06 -10.75 -2.89
N LYS G 77 -25.55 -11.69 -2.10
CA LYS G 77 -24.73 -11.32 -0.94
C LYS G 77 -23.47 -10.60 -1.38
N LEU G 78 -22.84 -11.06 -2.45
CA LEU G 78 -21.63 -10.40 -2.96
C LEU G 78 -21.93 -8.98 -3.41
N ILE G 79 -23.01 -8.81 -4.18
CA ILE G 79 -23.38 -7.48 -4.64
C ILE G 79 -23.72 -6.57 -3.45
N LYS G 80 -24.42 -7.11 -2.46
CA LYS G 80 -24.76 -6.32 -1.28
C LYS G 80 -23.52 -5.88 -0.54
N GLN G 81 -22.55 -6.78 -0.35
CA GLN G 81 -21.30 -6.42 0.32
C GLN G 81 -20.57 -5.35 -0.47
N GLU G 82 -20.48 -5.50 -1.79
CA GLU G 82 -19.77 -4.52 -2.61
C GLU G 82 -20.43 -3.16 -2.54
N LEU G 83 -21.75 -3.10 -2.66
CA LEU G 83 -22.45 -1.82 -2.63
C LEU G 83 -22.36 -1.18 -1.25
N ASP G 84 -22.45 -1.98 -0.19
CA ASP G 84 -22.32 -1.45 1.16
C ASP G 84 -20.93 -0.87 1.38
N LYS G 85 -19.90 -1.57 0.90
CA LYS G 85 -18.54 -1.05 1.06
C LYS G 85 -18.33 0.21 0.22
N TYR G 86 -18.93 0.27 -0.96
CA TYR G 86 -18.81 1.48 -1.79
C TYR G 86 -19.48 2.67 -1.11
N LYS G 87 -20.67 2.46 -0.55
CA LYS G 87 -21.36 3.54 0.15
C LYS G 87 -20.59 3.95 1.40
N ASN G 88 -19.99 2.98 2.11
CA ASN G 88 -19.17 3.30 3.26
C ASN G 88 -17.97 4.13 2.86
N ALA G 89 -17.34 3.79 1.73
CA ALA G 89 -16.20 4.56 1.25
C ALA G 89 -16.61 5.98 0.90
N VAL G 90 -17.74 6.14 0.22
CA VAL G 90 -18.16 7.49 -0.18
C VAL G 90 -18.55 8.31 1.04
N THR G 91 -19.19 7.70 2.04
CA THR G 91 -19.56 8.47 3.23
C THR G 91 -18.33 8.78 4.09
N GLU G 92 -17.34 7.89 4.11
CA GLU G 92 -16.09 8.20 4.80
C GLU G 92 -15.36 9.35 4.13
N LEU G 93 -15.32 9.36 2.80
CA LEU G 93 -14.67 10.46 2.10
C LEU G 93 -15.45 11.76 2.26
N GLN G 94 -16.78 11.67 2.38
CA GLN G 94 -17.57 12.85 2.71
C GLN G 94 -17.22 13.37 4.10
N LEU G 95 -17.08 12.46 5.07
CA LEU G 95 -16.68 12.84 6.42
C LEU G 95 -15.25 13.36 6.45
N LEU G 96 -14.45 13.08 5.43
CA LEU G 96 -13.12 13.67 5.34
C LEU G 96 -13.21 15.19 5.23
N MET G 97 -14.16 15.69 4.45
CA MET G 97 -14.40 17.12 4.35
C MET G 97 -15.64 17.52 5.15
N PHE G 137 25.43 21.18 5.70
CA PHE G 137 25.22 21.46 7.11
C PHE G 137 24.49 22.80 7.26
N LEU G 138 23.98 23.31 6.14
CA LEU G 138 23.38 24.64 6.10
C LEU G 138 21.86 24.59 6.15
N GLY G 139 21.28 23.64 6.90
CA GLY G 139 19.84 23.49 6.94
C GLY G 139 19.11 24.63 7.63
N PHE G 140 19.78 25.33 8.55
CA PHE G 140 19.09 26.38 9.31
C PHE G 140 18.87 27.62 8.45
N LEU G 141 19.71 27.83 7.44
CA LEU G 141 19.64 29.07 6.66
C LEU G 141 18.43 29.10 5.73
N LEU G 142 17.91 27.93 5.33
CA LEU G 142 16.78 27.89 4.41
C LEU G 142 15.56 28.59 4.98
N GLY G 143 14.81 29.25 4.11
CA GLY G 143 13.49 29.71 4.44
C GLY G 143 12.48 28.57 4.36
N VAL G 144 11.25 28.88 4.73
CA VAL G 144 10.17 27.91 4.72
C VAL G 144 9.02 28.47 3.91
N GLY G 145 8.19 27.58 3.37
CA GLY G 145 7.07 28.00 2.56
C GLY G 145 6.04 26.89 2.48
N SER G 146 4.82 27.26 2.13
CA SER G 146 3.75 26.28 2.00
C SER G 146 3.86 25.57 0.65
N ALA G 147 3.88 24.23 0.70
CA ALA G 147 3.96 23.44 -0.52
C ALA G 147 2.58 23.28 -1.16
N ILE G 148 1.55 22.99 -0.37
CA ILE G 148 0.18 22.90 -0.88
C ILE G 148 -0.42 24.29 -0.74
N ALA G 149 -0.16 25.13 -1.75
CA ALA G 149 -0.72 26.47 -1.82
C ALA G 149 -1.57 26.67 -3.06
N SER G 150 -1.14 26.12 -4.20
CA SER G 150 -1.97 26.19 -5.40
C SER G 150 -3.16 25.25 -5.30
N GLY G 151 -2.95 24.04 -4.79
CA GLY G 151 -4.04 23.09 -4.67
C GLY G 151 -5.14 23.57 -3.74
N VAL G 152 -4.76 24.12 -2.59
CA VAL G 152 -5.76 24.61 -1.65
C VAL G 152 -6.49 25.82 -2.22
N ALA G 153 -5.78 26.67 -2.97
CA ALA G 153 -6.45 27.81 -3.62
C ALA G 153 -7.46 27.35 -4.65
N VAL G 154 -7.10 26.36 -5.47
CA VAL G 154 -8.03 25.85 -6.46
C VAL G 154 -9.23 25.18 -5.78
N CYS G 155 -8.98 24.47 -4.67
CA CYS G 155 -10.09 23.88 -3.93
C CYS G 155 -11.02 24.94 -3.37
N LYS G 156 -10.47 26.01 -2.81
CA LYS G 156 -11.30 27.10 -2.31
C LYS G 156 -12.09 27.75 -3.44
N VAL G 157 -11.50 27.82 -4.63
CA VAL G 157 -12.25 28.29 -5.80
C VAL G 157 -13.41 27.36 -6.10
N LEU G 158 -13.18 26.05 -6.04
CA LEU G 158 -14.23 25.08 -6.36
C LEU G 158 -15.35 25.10 -5.34
N HIS G 159 -15.09 25.57 -4.12
CA HIS G 159 -16.14 25.66 -3.11
C HIS G 159 -17.21 26.69 -3.48
N LEU G 160 -16.90 27.62 -4.38
CA LEU G 160 -17.87 28.63 -4.77
C LEU G 160 -19.06 28.00 -5.47
N GLU G 161 -20.24 28.56 -5.24
CA GLU G 161 -21.46 28.02 -5.81
C GLU G 161 -21.45 28.15 -7.33
N GLY G 162 -22.02 27.14 -7.99
CA GLY G 162 -22.09 27.13 -9.44
C GLY G 162 -20.75 27.06 -10.14
N GLU G 163 -19.82 26.26 -9.61
CA GLU G 163 -18.51 26.08 -10.24
C GLU G 163 -18.27 24.65 -10.68
N VAL G 164 -18.53 23.66 -9.81
CA VAL G 164 -18.38 22.27 -10.22
C VAL G 164 -19.37 21.91 -11.31
N ASN G 165 -20.50 22.63 -11.37
CA ASN G 165 -21.47 22.39 -12.44
C ASN G 165 -20.86 22.69 -13.80
N LYS G 166 -20.00 23.72 -13.88
CA LYS G 166 -19.28 23.97 -15.11
C LYS G 166 -18.36 22.80 -15.46
N ILE G 167 -17.70 22.23 -14.46
CA ILE G 167 -16.82 21.09 -14.69
C ILE G 167 -17.61 19.92 -15.27
N LYS G 168 -18.79 19.66 -14.70
CA LYS G 168 -19.58 18.52 -15.16
C LYS G 168 -20.18 18.78 -16.54
N SER G 169 -20.71 19.98 -16.76
CA SER G 169 -21.40 20.27 -18.02
C SER G 169 -20.41 20.35 -19.18
N ALA G 170 -19.32 21.08 -19.01
CA ALA G 170 -18.34 21.21 -20.08
C ALA G 170 -17.70 19.87 -20.42
N LEU G 171 -17.41 19.06 -19.42
CA LEU G 171 -16.80 17.75 -19.61
C LEU G 171 -17.86 16.67 -19.77
N LEU G 172 -18.75 16.85 -20.75
CA LEU G 172 -19.91 15.97 -20.87
C LEU G 172 -19.54 14.64 -21.51
N SER G 173 -18.85 14.68 -22.65
CA SER G 173 -18.56 13.45 -23.39
C SER G 173 -17.07 13.19 -23.61
N THR G 174 -16.23 14.21 -23.73
CA THR G 174 -14.80 13.98 -23.89
C THR G 174 -14.19 13.56 -22.56
N ASN G 175 -12.90 13.25 -22.55
CA ASN G 175 -12.22 12.91 -21.31
C ASN G 175 -11.47 14.11 -20.74
N LYS G 176 -10.70 14.79 -21.58
CA LYS G 176 -9.91 15.95 -21.17
C LYS G 176 -10.57 17.23 -21.66
N ALA G 177 -10.48 18.28 -20.87
CA ALA G 177 -11.07 19.56 -21.25
C ALA G 177 -10.33 20.70 -20.56
N VAL G 178 -10.50 21.89 -21.12
CA VAL G 178 -9.97 23.12 -20.54
C VAL G 178 -11.15 24.05 -20.26
N VAL G 179 -11.29 24.46 -19.01
CA VAL G 179 -12.41 25.29 -18.58
C VAL G 179 -11.89 26.49 -17.82
N SER G 180 -12.77 27.45 -17.59
CA SER G 180 -12.48 28.63 -16.79
C SER G 180 -13.19 28.56 -15.45
N LEU G 181 -12.63 29.25 -14.47
CA LEU G 181 -13.15 29.26 -13.11
C LEU G 181 -13.55 30.70 -12.74
N SER G 182 -13.89 30.89 -11.46
CA SER G 182 -14.38 32.19 -11.00
C SER G 182 -13.32 33.28 -11.17
N ASN G 183 -12.08 32.97 -10.83
CA ASN G 183 -11.01 33.96 -10.87
C ASN G 183 -10.34 34.07 -12.24
N GLY G 184 -10.79 33.30 -13.22
CA GLY G 184 -10.21 33.34 -14.55
C GLY G 184 -9.08 32.38 -14.79
N VAL G 185 -8.81 31.46 -13.85
CA VAL G 185 -7.75 30.49 -14.02
C VAL G 185 -8.22 29.40 -14.98
N SER G 186 -7.37 29.08 -15.95
CA SER G 186 -7.66 28.02 -16.92
C SER G 186 -6.90 26.77 -16.49
N VAL G 187 -7.60 25.84 -15.86
CA VAL G 187 -7.00 24.60 -15.40
C VAL G 187 -7.44 23.46 -16.31
N LEU G 188 -6.74 22.34 -16.20
CA LEU G 188 -7.02 21.16 -17.02
C LEU G 188 -7.90 20.20 -16.22
N THR G 189 -9.07 19.87 -16.77
CA THR G 189 -9.99 18.95 -16.14
C THR G 189 -9.93 17.61 -16.85
N PHE G 190 -9.84 16.53 -16.08
CA PHE G 190 -9.75 15.20 -16.69
C PHE G 190 -10.65 14.24 -15.93
N LYS G 191 -11.53 13.56 -16.66
CA LYS G 191 -12.32 12.48 -16.07
C LYS G 191 -11.51 11.19 -16.05
N VAL G 192 -11.32 10.63 -14.86
CA VAL G 192 -10.46 9.46 -14.74
C VAL G 192 -11.31 8.19 -14.78
N LEU G 193 -12.50 8.25 -14.19
CA LEU G 193 -13.34 7.07 -14.06
C LEU G 193 -14.75 7.43 -14.48
N ASP G 194 -15.50 6.42 -14.90
CA ASP G 194 -16.83 6.60 -15.47
C ASP G 194 -17.85 5.70 -14.77
N LEU G 195 -17.85 5.75 -13.44
CA LEU G 195 -18.76 4.91 -12.67
C LEU G 195 -20.22 5.28 -12.91
N LYS G 196 -20.51 6.49 -13.36
CA LYS G 196 -21.90 6.88 -13.64
C LYS G 196 -22.52 5.95 -14.67
N ASN G 197 -21.85 5.76 -15.81
CA ASN G 197 -22.42 4.95 -16.88
C ASN G 197 -22.58 3.50 -16.45
N TYR G 198 -21.55 2.94 -15.81
CA TYR G 198 -21.61 1.54 -15.40
C TYR G 198 -22.69 1.31 -14.35
N ILE G 199 -22.82 2.22 -13.39
CA ILE G 199 -23.78 2.00 -12.31
C ILE G 199 -25.19 2.41 -12.70
N ASP G 200 -25.37 3.13 -13.80
CA ASP G 200 -26.70 3.49 -14.27
C ASP G 200 -27.10 2.74 -15.54
N LYS G 201 -26.26 1.82 -16.03
CA LYS G 201 -26.60 1.06 -17.22
C LYS G 201 -26.36 -0.45 -17.11
N GLN G 202 -25.57 -0.91 -16.14
CA GLN G 202 -25.18 -2.32 -16.10
C GLN G 202 -25.45 -3.03 -14.79
N LEU G 203 -25.61 -2.32 -13.68
CA LEU G 203 -25.80 -2.96 -12.38
C LEU G 203 -27.19 -2.72 -11.80
N LEU G 204 -27.63 -1.46 -11.74
CA LEU G 204 -28.94 -1.18 -11.18
C LEU G 204 -30.09 -1.85 -11.92
N PRO G 205 -30.13 -1.92 -13.25
CA PRO G 205 -31.21 -2.68 -13.89
C PRO G 205 -31.27 -4.14 -13.47
N ILE G 206 -30.11 -4.78 -13.23
CA ILE G 206 -30.08 -6.17 -12.81
C ILE G 206 -30.50 -6.33 -11.35
N LEU G 207 -29.99 -5.47 -10.48
CA LEU G 207 -30.23 -5.63 -9.04
C LEU G 207 -31.64 -5.22 -8.64
N ASN G 208 -32.24 -4.25 -9.30
CA ASN G 208 -33.54 -3.72 -8.90
C ASN G 208 -34.71 -4.60 -9.29
N LYS G 209 -34.46 -5.68 -10.04
CA LYS G 209 -35.54 -6.58 -10.40
C LYS G 209 -36.13 -7.25 -9.17
N GLN G 210 -37.43 -7.51 -9.22
CA GLN G 210 -38.07 -8.29 -8.18
C GLN G 210 -37.48 -9.69 -8.14
N SER G 211 -37.35 -10.23 -6.93
CA SER G 211 -36.70 -11.56 -6.76
C SER G 211 -35.32 -11.53 -7.44
N CYS G 212 -34.41 -10.68 -6.97
CA CYS G 212 -33.09 -10.54 -7.62
C CYS G 212 -32.54 -11.93 -7.93
N SER G 213 -32.27 -12.21 -9.21
CA SER G 213 -31.75 -13.53 -9.62
C SER G 213 -30.52 -13.34 -10.53
N ILE G 214 -29.41 -12.89 -9.95
CA ILE G 214 -28.16 -12.67 -10.74
C ILE G 214 -27.85 -13.98 -11.49
N SER G 215 -27.73 -13.91 -12.81
CA SER G 215 -27.47 -15.12 -13.63
C SER G 215 -26.05 -15.05 -14.21
N ASN G 216 -25.37 -13.91 -14.03
CA ASN G 216 -24.01 -13.74 -14.59
C ASN G 216 -23.01 -13.58 -13.45
N ILE G 217 -22.06 -14.51 -13.33
CA ILE G 217 -21.00 -14.41 -12.27
C ILE G 217 -20.07 -13.26 -12.63
N GLU G 218 -19.95 -12.94 -13.93
CA GLU G 218 -19.10 -11.80 -14.37
C GLU G 218 -19.61 -10.53 -13.71
N THR G 219 -20.94 -10.38 -13.58
CA THR G 219 -21.54 -9.17 -12.97
C THR G 219 -20.66 -8.67 -11.81
N VAL G 220 -20.49 -9.49 -10.77
CA VAL G 220 -19.73 -9.03 -9.61
C VAL G 220 -18.28 -8.76 -10.01
N ILE G 221 -17.67 -9.67 -10.77
CA ILE G 221 -16.21 -9.67 -10.90
C ILE G 221 -15.73 -8.39 -11.58
N GLU G 222 -16.31 -8.06 -12.73
CA GLU G 222 -15.93 -6.81 -13.39
C GLU G 222 -16.29 -5.61 -12.52
N PHE G 223 -17.37 -5.72 -11.75
CA PHE G 223 -17.70 -4.66 -10.78
C PHE G 223 -16.52 -4.40 -9.86
N GLN G 224 -15.88 -5.48 -9.37
CA GLN G 224 -14.68 -5.32 -8.56
C GLN G 224 -13.68 -4.41 -9.26
N GLN G 225 -13.41 -4.71 -10.53
CA GLN G 225 -12.41 -3.95 -11.26
C GLN G 225 -12.80 -2.48 -11.41
N LYS G 226 -14.10 -2.18 -11.42
CA LYS G 226 -14.56 -0.81 -11.53
C LYS G 226 -14.86 -0.18 -10.18
N ASN G 227 -14.61 -0.89 -9.08
CA ASN G 227 -14.80 -0.33 -7.75
C ASN G 227 -13.48 -0.12 -7.03
N ASN G 228 -12.52 -1.02 -7.24
CA ASN G 228 -11.23 -0.99 -6.56
C ASN G 228 -10.66 0.43 -6.48
N ARG G 229 -10.54 1.09 -7.64
CA ARG G 229 -10.04 2.45 -7.68
C ARG G 229 -10.75 3.33 -6.65
N LEU G 230 -12.06 3.51 -6.82
CA LEU G 230 -12.79 4.42 -5.94
C LEU G 230 -12.69 3.98 -4.48
N LEU G 231 -12.40 2.69 -4.24
CA LEU G 231 -12.12 2.25 -2.88
C LEU G 231 -10.75 2.73 -2.44
N GLU G 232 -9.71 2.29 -3.15
CA GLU G 232 -8.36 2.41 -2.61
C GLU G 232 -7.87 3.85 -2.62
N ILE G 233 -8.28 4.64 -3.61
CA ILE G 233 -8.06 6.09 -3.55
C ILE G 233 -8.51 6.62 -2.20
N THR G 234 -9.76 6.35 -1.84
CA THR G 234 -10.29 6.77 -0.54
C THR G 234 -9.38 6.27 0.57
N ARG G 235 -8.93 5.02 0.46
CA ARG G 235 -8.04 4.45 1.46
C ARG G 235 -6.85 5.36 1.71
N GLU G 236 -6.17 5.76 0.62
CA GLU G 236 -5.01 6.62 0.80
C GLU G 236 -5.41 7.96 1.40
N PHE G 237 -6.56 8.49 0.97
CA PHE G 237 -7.00 9.77 1.49
C PHE G 237 -7.46 9.66 2.94
N SER G 238 -7.56 8.45 3.46
CA SER G 238 -7.85 8.29 4.88
C SER G 238 -6.58 8.07 5.69
N VAL G 239 -5.47 7.73 5.04
CA VAL G 239 -4.24 7.46 5.76
C VAL G 239 -3.37 8.71 5.83
N ASN G 240 -3.21 9.40 4.71
CA ASN G 240 -2.36 10.59 4.63
C ASN G 240 -3.09 11.86 5.04
N ALA G 241 -4.38 11.78 5.37
CA ALA G 241 -5.15 12.88 5.92
C ALA G 241 -5.22 14.07 4.95
N GLY G 242 -5.66 13.78 3.73
CA GLY G 242 -6.00 14.83 2.78
C GLY G 242 -5.01 15.07 1.66
N VAL G 243 -3.72 15.08 1.97
CA VAL G 243 -2.68 15.32 0.98
C VAL G 243 -1.73 14.14 0.97
N THR G 244 -1.29 13.74 -0.22
CA THR G 244 -0.45 12.58 -0.40
C THR G 244 0.77 12.92 -1.24
N THR G 245 1.93 12.39 -0.84
CA THR G 245 3.17 12.53 -1.58
C THR G 245 3.92 11.21 -1.45
N PRO G 246 4.32 10.59 -2.56
CA PRO G 246 4.06 10.99 -3.96
C PRO G 246 2.67 10.61 -4.41
N VAL G 247 2.24 11.07 -5.59
CA VAL G 247 0.94 10.69 -6.13
C VAL G 247 1.01 9.24 -6.60
N SER G 248 0.26 8.37 -5.95
CA SER G 248 0.29 6.96 -6.29
C SER G 248 -0.38 6.72 -7.63
N THR G 249 -0.06 5.57 -8.24
CA THR G 249 -0.58 5.26 -9.57
C THR G 249 -2.10 5.11 -9.58
N TYR G 250 -2.71 4.79 -8.44
CA TYR G 250 -4.17 4.80 -8.36
C TYR G 250 -4.72 6.20 -8.58
N MET G 251 -4.09 7.21 -7.98
CA MET G 251 -4.51 8.58 -8.17
C MET G 251 -4.25 9.07 -9.59
N LEU G 252 -3.27 8.50 -10.28
CA LEU G 252 -2.98 8.89 -11.66
C LEU G 252 -2.23 7.75 -12.32
N THR G 253 -2.89 7.04 -13.23
CA THR G 253 -2.23 5.96 -13.96
C THR G 253 -1.19 6.53 -14.91
N ASN G 254 -0.22 5.68 -15.30
CA ASN G 254 0.91 6.15 -16.08
C ASN G 254 0.46 6.71 -17.43
N SER G 255 -0.42 5.99 -18.12
CA SER G 255 -0.93 6.49 -19.40
C SER G 255 -1.73 7.77 -19.20
N GLU G 256 -2.47 7.86 -18.10
CA GLU G 256 -3.20 9.08 -17.78
C GLU G 256 -2.24 10.25 -17.60
N LEU G 257 -1.15 10.04 -16.86
CA LEU G 257 -0.18 11.10 -16.66
C LEU G 257 0.47 11.50 -17.97
N LEU G 258 0.82 10.52 -18.81
CA LEU G 258 1.43 10.83 -20.10
C LEU G 258 0.48 11.64 -20.97
N SER G 259 -0.81 11.30 -20.96
CA SER G 259 -1.78 12.07 -21.74
C SER G 259 -1.95 13.48 -21.17
N LEU G 260 -1.86 13.62 -19.85
CA LEU G 260 -2.05 14.93 -19.23
C LEU G 260 -0.83 15.82 -19.45
N ILE G 261 0.35 15.22 -19.63
CA ILE G 261 1.56 16.02 -19.83
C ILE G 261 1.50 16.80 -21.13
N ASN G 262 1.04 16.16 -22.21
CA ASN G 262 1.05 16.74 -23.55
C ASN G 262 -0.10 17.71 -23.79
N ASP G 263 -0.76 18.18 -22.74
CA ASP G 263 -1.85 19.14 -22.88
C ASP G 263 -1.51 20.43 -22.13
N MET G 264 -0.50 20.38 -21.27
CA MET G 264 -0.10 21.57 -20.53
C MET G 264 0.47 22.62 -21.48
N PRO G 265 0.24 23.90 -21.20
CA PRO G 265 0.80 24.96 -22.06
C PRO G 265 2.28 25.19 -21.81
N ILE G 266 3.13 24.27 -22.29
CA ILE G 266 4.56 24.37 -22.08
C ILE G 266 5.27 24.06 -23.40
N THR G 267 6.55 24.43 -23.46
CA THR G 267 7.34 24.24 -24.67
C THR G 267 7.63 22.77 -24.90
N ASN G 268 8.16 22.46 -26.10
CA ASN G 268 8.38 21.08 -26.48
C ASN G 268 9.48 20.42 -25.64
N ASP G 269 10.53 21.17 -25.29
CA ASP G 269 11.60 20.59 -24.48
C ASP G 269 11.09 20.18 -23.11
N GLN G 270 10.23 21.01 -22.50
CA GLN G 270 9.67 20.65 -21.20
C GLN G 270 8.79 19.42 -21.28
N LYS G 271 7.98 19.31 -22.34
CA LYS G 271 7.16 18.12 -22.53
C LYS G 271 8.04 16.88 -22.69
N LYS G 272 9.11 16.99 -23.48
CA LYS G 272 10.01 15.86 -23.68
C LYS G 272 10.67 15.45 -22.38
N LEU G 273 11.13 16.41 -21.58
CA LEU G 273 11.81 16.09 -20.33
C LEU G 273 10.85 15.48 -19.33
N MET G 274 9.67 16.07 -19.17
CA MET G 274 8.76 15.63 -18.11
C MET G 274 7.96 14.40 -18.53
N SER G 275 7.96 14.06 -19.83
CA SER G 275 7.30 12.84 -20.28
C SER G 275 8.23 11.63 -20.22
N ASN G 276 9.54 11.85 -20.28
CA ASN G 276 10.50 10.76 -20.28
C ASN G 276 10.96 10.37 -18.88
N ASN G 277 10.51 11.06 -17.84
CA ASN G 277 10.92 10.81 -16.47
C ASN G 277 9.69 10.80 -15.56
N VAL G 278 8.68 10.01 -15.94
CA VAL G 278 7.40 10.05 -15.24
C VAL G 278 7.55 9.64 -13.78
N GLN G 279 8.52 8.79 -13.46
CA GLN G 279 8.69 8.39 -12.07
C GLN G 279 9.12 9.56 -11.19
N ILE G 280 10.02 10.40 -11.69
CA ILE G 280 10.51 11.52 -10.89
C ILE G 280 9.42 12.58 -10.74
N VAL G 281 8.74 12.91 -11.84
CA VAL G 281 7.65 13.89 -11.76
C VAL G 281 6.50 13.32 -10.95
N ARG G 282 6.43 12.00 -10.81
CA ARG G 282 5.46 11.40 -9.90
C ARG G 282 5.88 11.57 -8.46
N GLN G 283 7.18 11.45 -8.18
CA GLN G 283 7.67 11.61 -6.81
C GLN G 283 7.58 13.05 -6.32
N GLN G 284 7.62 14.04 -7.21
CA GLN G 284 7.67 15.44 -6.82
C GLN G 284 6.31 16.12 -6.83
N SER G 285 5.25 15.40 -7.17
CA SER G 285 3.93 15.98 -7.26
C SER G 285 3.17 15.86 -5.95
N TYR G 286 2.09 16.61 -5.83
CA TYR G 286 1.25 16.61 -4.65
C TYR G 286 -0.19 16.32 -5.06
N SER G 287 -1.01 15.97 -4.08
CA SER G 287 -2.43 15.76 -4.28
C SER G 287 -3.20 16.42 -3.13
N ILE G 288 -4.41 16.88 -3.42
CA ILE G 288 -5.24 17.50 -2.39
C ILE G 288 -6.71 17.26 -2.69
N MET G 289 -7.46 16.95 -1.64
CA MET G 289 -8.90 16.78 -1.76
C MET G 289 -9.60 18.12 -1.97
N CYS G 290 -10.64 18.09 -2.79
CA CYS G 290 -11.46 19.24 -3.12
C CYS G 290 -12.91 18.91 -2.77
N ILE G 291 -13.84 19.74 -3.26
CA ILE G 291 -15.25 19.55 -2.99
C ILE G 291 -15.71 18.17 -3.46
N ILE G 292 -16.80 17.71 -2.88
CA ILE G 292 -17.42 16.44 -3.26
C ILE G 292 -18.91 16.67 -3.51
N LYS G 293 -19.33 17.94 -3.55
CA LYS G 293 -20.73 18.24 -3.76
C LYS G 293 -21.15 17.87 -5.17
N GLU G 294 -22.47 17.72 -5.34
CA GLU G 294 -23.08 17.38 -6.63
C GLU G 294 -22.59 16.04 -7.16
N GLU G 295 -22.23 15.12 -6.25
CA GLU G 295 -21.88 13.75 -6.58
C GLU G 295 -20.77 13.66 -7.63
N VAL G 296 -19.74 14.48 -7.44
CA VAL G 296 -18.56 14.44 -8.30
C VAL G 296 -17.32 14.55 -7.42
N LEU G 297 -16.62 13.43 -7.23
CA LEU G 297 -15.37 13.49 -6.49
C LEU G 297 -14.35 14.23 -7.34
N ALA G 298 -13.72 15.26 -6.76
CA ALA G 298 -12.76 16.04 -7.49
C ALA G 298 -11.54 16.24 -6.60
N TYR G 299 -10.36 15.94 -7.14
CA TYR G 299 -9.13 16.20 -6.40
C TYR G 299 -8.12 16.87 -7.31
N VAL G 300 -7.30 17.74 -6.72
CA VAL G 300 -6.34 18.53 -7.47
C VAL G 300 -4.97 17.88 -7.34
N VAL G 301 -4.39 17.54 -8.48
CA VAL G 301 -2.99 17.16 -8.55
C VAL G 301 -2.19 18.40 -8.90
N GLN G 302 -0.92 18.40 -8.50
CA GLN G 302 -0.06 19.58 -8.53
C GLN G 302 1.22 19.28 -9.29
N LEU G 303 1.06 18.76 -10.51
CA LEU G 303 2.22 18.38 -11.31
C LEU G 303 3.19 19.55 -11.44
N PRO G 304 4.45 19.38 -11.07
CA PRO G 304 5.38 20.51 -11.05
C PRO G 304 5.75 20.96 -12.45
N LEU G 305 5.98 22.27 -12.57
CA LEU G 305 6.50 22.85 -13.80
C LEU G 305 8.01 22.71 -13.83
N TYR G 306 8.62 23.12 -14.94
CA TYR G 306 10.08 23.05 -15.07
C TYR G 306 10.52 24.25 -15.90
N GLY G 307 10.90 25.33 -15.23
CA GLY G 307 11.27 26.55 -15.89
C GLY G 307 12.58 26.48 -16.64
N VAL G 308 13.68 26.33 -15.91
CA VAL G 308 15.01 26.29 -16.51
C VAL G 308 15.35 24.85 -16.84
N ILE G 309 15.89 24.63 -18.04
CA ILE G 309 16.20 23.30 -18.54
C ILE G 309 17.55 23.36 -19.23
N ASP G 310 18.39 22.35 -18.98
CA ASP G 310 19.67 22.18 -19.68
C ASP G 310 20.59 23.37 -19.44
N THR G 311 20.99 23.54 -18.18
CA THR G 311 22.06 24.45 -17.81
C THR G 311 23.07 23.70 -16.95
N PRO G 312 24.34 23.74 -17.33
CA PRO G 312 25.34 22.91 -16.62
C PRO G 312 25.47 23.31 -15.16
N CYS G 313 25.63 22.30 -14.30
CA CYS G 313 25.78 22.56 -12.88
C CYS G 313 26.34 21.34 -12.17
N TRP G 314 26.68 21.50 -10.89
CA TRP G 314 27.59 20.57 -10.23
C TRP G 314 27.13 20.27 -8.81
N LYS G 315 27.80 19.28 -8.22
CA LYS G 315 27.60 18.88 -6.83
C LYS G 315 28.92 18.98 -6.09
N LEU G 316 28.87 19.49 -4.86
CA LEU G 316 30.05 19.71 -4.05
C LEU G 316 29.95 18.92 -2.75
N HIS G 317 30.98 18.13 -2.48
CA HIS G 317 31.13 17.37 -1.24
C HIS G 317 32.34 17.86 -0.47
N THR G 318 32.27 17.79 0.85
CA THR G 318 33.35 18.22 1.73
C THR G 318 33.71 17.09 2.69
N SER G 319 34.84 17.26 3.37
CA SER G 319 35.33 16.28 4.32
C SER G 319 36.20 16.98 5.35
N PRO G 320 36.38 16.40 6.52
CA PRO G 320 37.28 17.00 7.52
C PRO G 320 38.73 17.01 7.02
N LEU G 321 39.49 17.97 7.53
CA LEU G 321 40.89 18.17 7.14
C LEU G 321 41.66 18.66 8.36
N CYS G 322 42.37 17.76 9.02
CA CYS G 322 43.06 18.08 10.27
C CYS G 322 44.52 17.65 10.21
N THR G 323 45.35 18.30 11.03
CA THR G 323 46.76 17.97 11.09
C THR G 323 47.00 16.71 11.93
N THR G 324 48.12 16.06 11.68
CA THR G 324 48.49 14.82 12.36
C THR G 324 49.44 15.09 13.53
N ASN G 325 48.96 15.92 14.46
CA ASN G 325 49.76 16.25 15.63
C ASN G 325 49.88 15.03 16.54
N THR G 326 51.08 14.84 17.11
CA THR G 326 51.30 13.72 18.00
C THR G 326 50.45 13.83 19.27
N LYS G 327 50.39 15.04 19.84
CA LYS G 327 49.60 15.26 21.05
C LYS G 327 48.11 15.16 20.72
N GLU G 328 47.45 14.19 21.34
CA GLU G 328 46.02 13.98 21.07
C GLU G 328 45.21 15.14 21.61
N GLY G 329 44.24 15.58 20.83
CA GLY G 329 43.36 16.67 21.22
C GLY G 329 43.89 18.06 20.96
N SER G 330 45.02 18.20 20.29
CA SER G 330 45.60 19.50 20.00
C SER G 330 45.72 19.75 18.49
N ASN G 331 44.97 19.03 17.68
CA ASN G 331 44.99 19.22 16.22
C ASN G 331 43.72 19.97 15.82
N ILE G 332 43.81 21.30 15.91
CA ILE G 332 42.75 22.16 15.40
C ILE G 332 42.54 21.92 13.91
N CYS G 333 41.30 22.09 13.45
CA CYS G 333 41.06 21.95 12.02
C CYS G 333 39.71 22.53 11.62
N LEU G 334 39.65 23.05 10.40
CA LEU G 334 38.45 23.60 9.79
C LEU G 334 38.00 22.73 8.62
N THR G 335 36.69 22.76 8.36
CA THR G 335 36.09 22.05 7.25
C THR G 335 35.16 23.00 6.52
N ARG G 336 35.15 22.94 5.20
CA ARG G 336 34.18 23.70 4.43
C ARG G 336 32.77 23.15 4.69
N THR G 337 31.81 24.05 4.82
CA THR G 337 30.42 23.66 5.05
C THR G 337 29.56 24.18 3.89
N ASP G 338 29.58 23.40 2.80
CA ASP G 338 28.85 23.78 1.59
C ASP G 338 28.27 22.57 0.86
N ARG G 339 28.15 21.42 1.53
CA ARG G 339 27.75 20.20 0.85
C ARG G 339 26.40 20.38 0.16
N GLY G 340 26.30 19.89 -1.06
CA GLY G 340 25.02 19.95 -1.74
C GLY G 340 25.20 20.17 -3.23
N TRP G 341 24.24 20.86 -3.82
CA TRP G 341 24.19 21.09 -5.26
C TRP G 341 24.23 22.58 -5.55
N TYR G 342 24.97 22.95 -6.59
CA TYR G 342 24.96 24.31 -7.12
C TYR G 342 24.51 24.22 -8.56
N CYS G 343 23.45 24.93 -8.92
CA CYS G 343 23.00 24.94 -10.31
C CYS G 343 22.88 26.36 -10.85
N ASP G 344 23.40 26.57 -12.06
CA ASP G 344 23.51 27.88 -12.69
C ASP G 344 22.15 28.24 -13.28
N ASN G 345 21.37 28.97 -12.50
CA ASN G 345 20.06 29.45 -12.92
C ASN G 345 20.10 30.96 -13.10
N ALA G 346 19.75 31.42 -14.29
CA ALA G 346 19.72 32.85 -14.64
C ALA G 346 21.13 33.42 -14.43
N GLY G 347 21.25 34.67 -14.01
CA GLY G 347 22.56 35.27 -13.82
C GLY G 347 23.12 35.07 -12.44
N SER G 348 22.50 34.19 -11.66
CA SER G 348 22.94 33.87 -10.31
C SER G 348 23.13 32.36 -10.25
N VAL G 349 23.32 31.83 -9.05
CA VAL G 349 23.36 30.38 -8.84
C VAL G 349 22.36 30.03 -7.76
N SER G 350 21.72 28.87 -7.92
CA SER G 350 20.78 28.35 -6.94
C SER G 350 21.47 27.26 -6.15
N PHE G 351 21.43 27.38 -4.83
CA PHE G 351 22.17 26.50 -3.93
C PHE G 351 21.21 25.64 -3.13
N PHE G 352 21.38 24.32 -3.21
CA PHE G 352 20.60 23.38 -2.41
C PHE G 352 21.52 22.69 -1.42
N PRO G 353 21.44 22.99 -0.12
CA PRO G 353 22.29 22.29 0.85
C PRO G 353 21.73 20.94 1.24
N GLN G 354 20.41 20.78 1.17
CA GLN G 354 19.74 19.54 1.55
C GLN G 354 19.94 18.53 0.43
N ALA G 355 20.92 17.63 0.61
CA ALA G 355 21.18 16.60 -0.40
C ALA G 355 20.06 15.58 -0.48
N GLU G 356 19.17 15.52 0.50
CA GLU G 356 18.07 14.58 0.46
C GLU G 356 16.95 15.02 -0.47
N THR G 357 16.79 16.34 -0.68
CA THR G 357 15.71 16.81 -1.54
C THR G 357 16.06 16.61 -3.02
N CYS G 358 17.32 16.76 -3.38
CA CYS G 358 17.75 16.64 -4.77
C CYS G 358 17.70 15.18 -5.22
N LYS G 359 17.08 14.95 -6.37
CA LYS G 359 17.00 13.62 -6.96
C LYS G 359 17.91 13.56 -8.19
N VAL G 360 18.48 12.38 -8.44
CA VAL G 360 19.41 12.20 -9.54
C VAL G 360 18.91 11.07 -10.43
N GLN G 361 18.98 11.28 -11.74
CA GLN G 361 18.57 10.28 -12.72
C GLN G 361 19.37 10.51 -14.00
N SER G 362 20.36 9.66 -14.25
CA SER G 362 21.08 9.58 -15.51
C SER G 362 21.50 10.96 -16.00
N ASN G 363 22.40 11.57 -15.22
CA ASN G 363 23.11 12.81 -15.52
C ASN G 363 22.16 14.01 -15.31
N ARG G 364 20.86 13.78 -15.16
CA ARG G 364 19.90 14.88 -14.96
C ARG G 364 19.49 14.92 -13.50
N VAL G 365 19.56 16.10 -12.89
CA VAL G 365 19.07 16.26 -11.53
C VAL G 365 17.69 16.88 -11.56
N PHE G 366 16.92 16.62 -10.51
CA PHE G 366 15.58 17.17 -10.34
C PHE G 366 15.49 17.64 -8.90
N CYS G 367 15.39 18.95 -8.69
CA CYS G 367 15.45 19.49 -7.35
C CYS G 367 14.44 20.62 -7.21
N ASP G 368 13.77 20.65 -6.06
CA ASP G 368 12.78 21.68 -5.78
C ASP G 368 13.48 22.97 -5.37
N THR G 369 13.17 24.08 -6.06
CA THR G 369 13.79 25.35 -5.77
C THR G 369 13.15 26.07 -4.59
N MET G 370 12.06 25.53 -4.03
CA MET G 370 11.39 26.20 -2.91
C MET G 370 12.29 26.26 -1.69
N ASN G 371 13.22 25.33 -1.55
CA ASN G 371 14.20 25.33 -0.47
C ASN G 371 15.59 25.49 -1.10
N SER G 372 16.03 26.73 -1.23
CA SER G 372 17.29 27.01 -1.91
C SER G 372 17.83 28.34 -1.42
N LEU G 373 19.00 28.71 -1.96
CA LEU G 373 19.62 30.00 -1.74
C LEU G 373 19.90 30.65 -3.08
N THR G 374 19.59 31.94 -3.19
CA THR G 374 19.86 32.70 -4.41
C THR G 374 21.27 33.29 -4.34
N LEU G 375 22.23 32.38 -4.41
CA LEU G 375 23.62 32.74 -4.19
C LEU G 375 24.16 33.52 -5.38
N PRO G 376 25.05 34.48 -5.15
CA PRO G 376 25.60 35.27 -6.26
C PRO G 376 26.43 34.41 -7.20
N SER G 377 26.47 34.82 -8.47
CA SER G 377 27.11 34.02 -9.51
C SER G 377 28.60 33.82 -9.29
N GLU G 378 29.24 34.67 -8.48
CA GLU G 378 30.67 34.56 -8.24
C GLU G 378 30.93 33.56 -7.11
N VAL G 379 30.55 32.30 -7.39
CA VAL G 379 30.78 31.21 -6.43
C VAL G 379 31.78 30.19 -6.95
N ASN G 380 31.94 30.03 -8.27
CA ASN G 380 32.97 29.14 -8.77
C ASN G 380 34.37 29.66 -8.48
N LEU G 381 34.51 30.98 -8.32
CA LEU G 381 35.80 31.56 -7.98
C LEU G 381 36.26 31.07 -6.60
N CYS G 382 35.34 31.00 -5.64
CA CYS G 382 35.69 30.44 -4.34
C CYS G 382 36.00 28.96 -4.45
N ASN G 383 35.30 28.25 -5.34
CA ASN G 383 35.54 26.82 -5.51
C ASN G 383 36.94 26.56 -6.05
N VAL G 384 37.39 27.37 -7.01
CA VAL G 384 38.71 27.16 -7.60
C VAL G 384 39.81 27.60 -6.64
N ASP G 385 39.80 28.87 -6.25
CA ASP G 385 40.78 29.44 -5.34
C ASP G 385 40.08 29.81 -4.05
N ILE G 386 40.42 29.10 -2.97
CA ILE G 386 39.76 29.32 -1.69
C ILE G 386 40.04 30.72 -1.14
N PHE G 387 41.26 31.22 -1.30
CA PHE G 387 41.67 32.50 -0.74
C PHE G 387 41.57 33.57 -1.83
N ASN G 388 40.39 34.16 -1.96
CA ASN G 388 40.17 35.26 -2.88
C ASN G 388 39.34 36.34 -2.20
N PRO G 389 39.66 37.62 -2.43
CA PRO G 389 38.88 38.73 -1.85
C PRO G 389 37.58 39.02 -2.60
N LYS G 390 36.82 37.97 -2.90
CA LYS G 390 35.56 38.12 -3.62
C LYS G 390 34.45 37.24 -3.07
N TYR G 391 34.72 36.40 -2.07
CA TYR G 391 33.70 35.54 -1.48
C TYR G 391 34.20 35.05 -0.13
N ASP G 392 33.29 35.00 0.85
CA ASP G 392 33.68 34.69 2.21
C ASP G 392 34.01 33.22 2.41
N CYS G 393 33.44 32.32 1.59
CA CYS G 393 33.81 30.91 1.59
C CYS G 393 33.60 30.27 2.97
N LYS G 394 32.33 30.18 3.35
CA LYS G 394 31.93 29.72 4.67
C LYS G 394 32.68 28.46 5.09
N ILE G 395 33.03 28.39 6.38
CA ILE G 395 33.79 27.29 6.96
C ILE G 395 33.21 26.99 8.35
N MET G 396 33.77 25.97 9.00
CA MET G 396 33.45 25.70 10.39
C MET G 396 34.64 24.98 11.02
N THR G 397 35.07 25.44 12.19
CA THR G 397 36.30 24.98 12.81
C THR G 397 36.01 24.26 14.12
N SER G 398 36.75 23.17 14.35
CA SER G 398 36.62 22.39 15.57
C SER G 398 37.95 21.71 15.86
N LYS G 399 38.12 21.26 17.10
CA LYS G 399 39.27 20.48 17.50
C LYS G 399 38.97 18.99 17.61
N THR G 400 37.83 18.54 17.09
CA THR G 400 37.52 17.12 17.08
C THR G 400 38.13 16.46 15.85
N ASP G 401 38.80 15.33 16.08
CA ASP G 401 39.51 14.60 15.03
C ASP G 401 39.04 13.14 15.07
N VAL G 402 37.99 12.85 14.31
CA VAL G 402 37.38 11.52 14.26
C VAL G 402 37.42 11.04 12.82
N SER G 403 37.88 9.80 12.64
CA SER G 403 38.00 9.23 11.30
C SER G 403 36.64 9.20 10.60
N SER G 404 36.61 9.62 9.35
CA SER G 404 35.39 9.62 8.56
C SER G 404 35.76 9.66 7.09
N SER G 405 34.80 9.27 6.26
CA SER G 405 35.00 9.25 4.81
C SER G 405 33.68 9.52 4.12
N VAL G 406 33.77 10.03 2.90
CA VAL G 406 32.59 10.30 2.08
C VAL G 406 32.76 9.65 0.72
N ILE G 407 31.64 9.43 0.04
CA ILE G 407 31.62 8.79 -1.27
C ILE G 407 31.03 9.78 -2.26
N THR G 408 31.87 10.28 -3.15
CA THR G 408 31.44 11.25 -4.15
C THR G 408 30.91 10.49 -5.37
N SER G 409 30.64 11.23 -6.44
CA SER G 409 30.09 10.62 -7.65
C SER G 409 31.04 9.60 -8.28
N LEU G 410 32.34 9.88 -8.35
CA LEU G 410 33.26 9.03 -9.06
C LEU G 410 34.44 8.58 -8.20
N GLY G 411 34.28 8.54 -6.88
CA GLY G 411 35.38 8.10 -6.05
C GLY G 411 35.04 8.21 -4.57
N ALA G 412 36.05 7.96 -3.76
CA ALA G 412 35.91 8.01 -2.32
C ALA G 412 36.96 8.95 -1.73
N ILE G 413 36.51 9.84 -0.85
CA ILE G 413 37.38 10.74 -0.10
C ILE G 413 37.52 10.18 1.31
N VAL G 414 38.76 10.08 1.79
CA VAL G 414 39.04 9.52 3.10
C VAL G 414 39.71 10.59 3.95
N SER G 415 39.26 10.72 5.20
CA SER G 415 39.78 11.74 6.10
C SER G 415 40.15 11.11 7.45
N CYS G 416 40.62 9.87 7.44
CA CYS G 416 40.95 9.18 8.67
C CYS G 416 42.18 9.79 9.32
N TYR G 417 42.16 9.87 10.65
CA TYR G 417 43.20 10.53 11.42
C TYR G 417 43.56 9.69 12.64
N GLY G 418 44.78 9.91 13.14
CA GLY G 418 45.21 9.25 14.35
C GLY G 418 45.45 7.75 14.18
N LYS G 419 45.37 7.05 15.32
CA LYS G 419 45.55 5.60 15.36
C LYS G 419 44.27 4.94 14.88
N THR G 420 44.14 4.84 13.56
CA THR G 420 42.96 4.25 12.93
C THR G 420 43.37 3.72 11.57
N LYS G 421 43.19 2.42 11.37
CA LYS G 421 43.57 1.81 10.11
C LYS G 421 42.64 2.29 8.99
N CYS G 422 43.23 2.57 7.83
CA CYS G 422 42.50 3.02 6.66
C CYS G 422 42.91 2.15 5.49
N THR G 423 41.94 1.68 4.72
CA THR G 423 42.26 0.77 3.63
C THR G 423 41.32 1.00 2.46
N ALA G 424 41.77 0.64 1.26
CA ALA G 424 40.96 0.62 0.06
C ALA G 424 41.28 -0.64 -0.70
N SER G 425 40.26 -1.48 -0.93
CA SER G 425 40.45 -2.80 -1.50
C SER G 425 39.39 -3.06 -2.55
N ASN G 426 39.66 -4.03 -3.42
CA ASN G 426 38.72 -4.43 -4.46
C ASN G 426 38.58 -5.94 -4.46
N LYS G 427 37.54 -6.44 -5.14
CA LYS G 427 37.22 -7.85 -5.14
C LYS G 427 38.17 -8.69 -5.98
N ASN G 428 39.06 -8.07 -6.77
CA ASN G 428 39.94 -8.81 -7.68
C ASN G 428 41.23 -9.22 -7.01
N ARG G 429 42.01 -8.27 -6.53
CA ARG G 429 43.34 -8.52 -5.96
C ARG G 429 43.36 -8.18 -4.46
N GLY G 430 42.22 -7.73 -3.94
CA GLY G 430 42.17 -7.45 -2.52
C GLY G 430 42.66 -6.06 -2.19
N ILE G 431 43.42 -5.96 -1.10
CA ILE G 431 43.89 -4.66 -0.63
C ILE G 431 44.81 -4.03 -1.67
N ILE G 432 44.47 -2.81 -2.08
CA ILE G 432 45.30 -2.08 -3.03
C ILE G 432 45.94 -0.84 -2.42
N LYS G 433 45.18 0.01 -1.72
CA LYS G 433 45.77 1.25 -1.25
C LYS G 433 45.63 1.35 0.27
N THR G 434 46.65 1.92 0.90
CA THR G 434 46.64 2.22 2.32
C THR G 434 46.93 3.69 2.52
N PHE G 435 46.06 4.36 3.27
CA PHE G 435 46.18 5.80 3.49
C PHE G 435 47.01 6.04 4.75
N SER G 436 48.03 6.88 4.64
CA SER G 436 48.90 7.15 5.78
C SER G 436 48.27 8.19 6.70
N ASN G 437 48.07 9.41 6.20
CA ASN G 437 47.53 10.51 6.99
C ASN G 437 47.00 11.57 6.04
N GLY G 438 46.14 12.43 6.58
CA GLY G 438 45.53 13.49 5.78
C GLY G 438 44.44 12.96 4.88
N CYS G 439 43.58 13.84 4.37
CA CYS G 439 42.53 13.40 3.47
C CYS G 439 43.10 13.05 2.10
N ASP G 440 42.63 11.94 1.55
CA ASP G 440 43.10 11.43 0.28
C ASP G 440 41.91 11.01 -0.58
N TYR G 441 42.21 10.65 -1.83
CA TYR G 441 41.21 10.32 -2.83
C TYR G 441 41.53 8.97 -3.45
N VAL G 442 40.51 8.16 -3.69
CA VAL G 442 40.64 6.96 -4.50
C VAL G 442 39.60 7.01 -5.60
N SER G 443 40.06 6.85 -6.85
CA SER G 443 39.17 6.86 -7.99
C SER G 443 38.29 5.62 -7.99
N ASN G 444 37.08 5.77 -8.55
CA ASN G 444 36.12 4.67 -8.50
C ASN G 444 36.59 3.47 -9.32
N LYS G 445 37.20 3.70 -10.47
CA LYS G 445 37.68 2.58 -11.28
C LYS G 445 39.13 2.24 -10.97
N GLY G 446 39.45 2.18 -9.68
CA GLY G 446 40.68 1.58 -9.22
C GLY G 446 40.43 0.66 -8.05
N VAL G 447 39.28 0.84 -7.40
CA VAL G 447 38.95 0.22 -6.14
C VAL G 447 37.45 -0.07 -6.12
N ASP G 448 37.04 -0.97 -5.25
CA ASP G 448 35.63 -1.34 -5.14
C ASP G 448 35.02 -0.98 -3.80
N THR G 449 35.76 -1.14 -2.71
CA THR G 449 35.30 -0.77 -1.38
C THR G 449 36.41 -0.02 -0.65
N VAL G 450 36.00 0.86 0.25
CA VAL G 450 36.92 1.57 1.12
C VAL G 450 36.52 1.25 2.55
N SER G 451 37.47 1.37 3.48
CA SER G 451 37.20 1.04 4.87
C SER G 451 37.98 1.98 5.76
N VAL G 452 37.29 2.55 6.76
CA VAL G 452 37.92 3.41 7.75
C VAL G 452 37.56 2.87 9.13
N GLY G 453 38.55 2.78 10.01
CA GLY G 453 38.33 2.22 11.33
C GLY G 453 37.81 0.80 11.28
N ASN G 454 36.53 0.63 11.63
CA ASN G 454 35.87 -0.66 11.58
C ASN G 454 34.64 -0.65 10.68
N THR G 455 34.48 0.38 9.86
CA THR G 455 33.32 0.51 8.99
C THR G 455 33.75 0.51 7.53
N LEU G 456 32.85 0.02 6.68
CA LEU G 456 33.12 -0.23 5.27
C LEU G 456 32.11 0.50 4.39
N TYR G 457 32.61 1.23 3.41
CA TYR G 457 31.81 1.96 2.44
C TYR G 457 32.00 1.36 1.06
N TYR G 458 30.93 1.31 0.28
CA TYR G 458 30.97 0.85 -1.10
C TYR G 458 31.00 2.07 -2.00
N VAL G 459 32.10 2.24 -2.73
CA VAL G 459 32.23 3.40 -3.61
C VAL G 459 31.35 3.22 -4.84
N ASN G 460 30.87 4.33 -5.39
CA ASN G 460 30.06 4.28 -6.59
C ASN G 460 30.86 3.71 -7.75
N LYS G 461 30.17 2.98 -8.62
CA LYS G 461 30.82 2.26 -9.72
C LYS G 461 30.16 2.63 -11.05
N GLN G 462 30.03 3.93 -11.30
CA GLN G 462 29.48 4.42 -12.56
C GLN G 462 30.56 5.16 -13.33
N GLU G 463 30.59 4.91 -14.64
CA GLU G 463 31.73 5.30 -15.46
C GLU G 463 31.90 6.81 -15.52
N GLY G 464 33.15 7.25 -15.51
CA GLY G 464 33.46 8.66 -15.61
C GLY G 464 34.96 8.86 -15.52
N LYS G 465 35.37 10.09 -15.79
CA LYS G 465 36.79 10.47 -15.78
C LYS G 465 37.04 11.43 -14.62
N SER G 466 37.99 11.08 -13.76
CA SER G 466 38.33 11.88 -12.59
C SER G 466 39.80 12.24 -12.64
N LEU G 467 40.10 13.48 -12.25
CA LEU G 467 41.48 13.97 -12.20
C LEU G 467 41.76 14.53 -10.82
N TYR G 468 42.88 14.10 -10.24
CA TYR G 468 43.23 14.41 -8.85
C TYR G 468 44.36 15.44 -8.86
N VAL G 469 43.99 16.71 -8.71
CA VAL G 469 44.99 17.78 -8.72
C VAL G 469 45.76 17.77 -7.40
N LYS G 470 46.96 18.36 -7.43
CA LYS G 470 47.81 18.42 -6.26
C LYS G 470 47.67 19.78 -5.59
N GLY G 471 47.49 19.77 -4.27
CA GLY G 471 47.35 21.00 -3.52
C GLY G 471 48.26 21.07 -2.31
N GLU G 472 47.85 21.82 -1.30
CA GLU G 472 48.61 21.97 -0.07
C GLU G 472 47.68 21.90 1.12
N PRO G 473 48.18 21.46 2.29
CA PRO G 473 47.33 21.39 3.49
C PRO G 473 47.09 22.77 4.09
N ILE G 474 46.04 23.45 3.63
CA ILE G 474 45.82 24.87 3.93
C ILE G 474 45.85 25.16 5.43
N ILE G 475 45.45 24.18 6.25
CA ILE G 475 45.33 24.46 7.68
C ILE G 475 46.71 24.62 8.32
N ASN G 476 47.76 24.14 7.65
CA ASN G 476 49.11 24.40 8.13
C ASN G 476 49.52 25.86 7.93
N PHE G 477 48.82 26.59 7.05
CA PHE G 477 49.08 28.02 6.92
C PHE G 477 48.76 28.75 8.22
N TYR G 478 47.68 28.36 8.88
CA TYR G 478 47.22 29.01 10.08
C TYR G 478 48.15 28.67 11.26
N ASP G 479 48.08 29.49 12.30
CA ASP G 479 48.90 29.28 13.48
C ASP G 479 48.46 27.99 14.17
N PRO G 480 49.38 27.32 14.90
CA PRO G 480 49.01 26.03 15.50
C PRO G 480 47.80 26.07 16.41
N LEU G 481 47.64 27.13 17.21
CA LEU G 481 46.46 27.21 18.09
C LEU G 481 46.09 28.68 18.27
N VAL G 482 45.24 29.18 17.37
CA VAL G 482 44.58 30.47 17.54
C VAL G 482 43.11 30.31 17.16
N PHE G 483 42.80 29.21 16.48
CA PHE G 483 41.45 29.02 15.94
C PHE G 483 40.44 28.87 17.07
N PRO G 484 39.22 29.37 16.92
CA PRO G 484 38.15 29.04 17.85
C PRO G 484 37.66 27.62 17.62
N SER G 485 36.88 27.13 18.57
CA SER G 485 36.26 25.81 18.52
C SER G 485 34.78 25.91 18.85
N ASP G 486 34.11 26.87 18.22
CA ASP G 486 32.80 27.31 18.65
C ASP G 486 31.78 27.48 17.52
N GLU G 487 32.20 27.52 16.27
CA GLU G 487 31.35 27.98 15.18
C GLU G 487 30.85 26.83 14.32
N PHE G 488 29.55 26.82 14.08
CA PHE G 488 28.93 26.05 13.01
C PHE G 488 28.60 26.91 11.80
N ASP G 489 28.73 28.22 11.93
CA ASP G 489 28.39 29.14 10.84
C ASP G 489 29.39 30.30 10.90
N ALA G 490 30.45 30.19 10.11
CA ALA G 490 31.49 31.22 10.06
C ALA G 490 32.01 31.28 8.64
N SER G 491 32.91 32.24 8.40
CA SER G 491 33.49 32.44 7.08
C SER G 491 34.99 32.67 7.21
N ILE G 492 35.66 32.69 6.06
CA ILE G 492 37.10 32.95 6.03
C ILE G 492 37.39 34.34 6.56
N SER G 493 36.60 35.33 6.14
CA SER G 493 36.83 36.70 6.57
C SER G 493 36.65 36.84 8.08
N GLN G 494 35.60 36.23 8.64
CA GLN G 494 35.37 36.33 10.08
C GLN G 494 36.49 35.67 10.87
N VAL G 495 36.91 34.48 10.47
CA VAL G 495 37.99 33.78 11.17
C VAL G 495 39.28 34.57 11.06
N ASN G 496 39.56 35.11 9.87
CA ASN G 496 40.79 35.87 9.66
C ASN G 496 40.81 37.14 10.51
N GLU G 497 39.67 37.84 10.60
CA GLU G 497 39.64 39.05 11.40
C GLU G 497 39.67 38.72 12.89
N LYS G 498 39.11 37.57 13.30
CA LYS G 498 39.29 37.13 14.68
C LYS G 498 40.75 36.85 15.00
N ILE G 499 41.46 36.22 14.05
CA ILE G 499 42.89 36.00 14.23
C ILE G 499 43.63 37.34 14.33
N ASN G 500 43.27 38.29 13.48
CA ASN G 500 43.92 39.60 13.53
C ASN G 500 43.69 40.27 14.88
N GLN G 501 42.45 40.21 15.39
CA GLN G 501 42.16 40.83 16.68
C GLN G 501 42.84 40.10 17.82
N SER G 502 43.01 38.77 17.71
CA SER G 502 43.70 38.04 18.78
C SER G 502 45.19 38.35 18.80
N LEU G 503 45.80 38.45 17.61
CA LEU G 503 47.20 38.87 17.54
C LEU G 503 47.38 40.29 18.08
N ALA G 504 46.47 41.19 17.73
CA ALA G 504 46.51 42.54 18.29
C ALA G 504 46.36 42.50 19.81
N PHE G 505 45.49 41.62 20.30
CA PHE G 505 45.32 41.44 21.74
C PHE G 505 46.63 41.04 22.40
N ILE G 506 47.27 39.99 21.88
CA ILE G 506 48.47 39.46 22.53
C ILE G 506 49.63 40.44 22.41
N ARG G 507 49.65 41.25 21.35
CA ARG G 507 50.71 42.24 21.22
C ARG G 507 50.47 43.42 22.17
N LYS G 508 49.21 43.86 22.30
CA LYS G 508 48.88 44.93 23.25
C LYS G 508 49.16 44.51 24.69
N SER G 509 48.82 43.28 25.04
CA SER G 509 49.00 42.82 26.42
C SER G 509 50.48 42.82 26.80
N ASP G 510 51.34 42.37 25.88
CA ASP G 510 52.77 42.40 26.14
C ASP G 510 53.32 43.83 26.13
N GLU G 511 52.78 44.71 25.29
CA GLU G 511 53.25 46.09 25.27
C GLU G 511 52.90 46.81 26.57
N LEU G 512 51.71 46.55 27.12
CA LEU G 512 51.30 47.22 28.35
C LEU G 512 52.22 46.86 29.51
N LEU G 513 52.60 45.59 29.61
CA LEU G 513 53.50 45.14 30.67
C LEU G 513 54.95 45.28 30.24
N GLN H 1 -48.85 26.02 -3.30
CA GLN H 1 -49.32 26.35 -4.63
C GLN H 1 -48.33 25.88 -5.69
N VAL H 2 -48.57 24.69 -6.24
CA VAL H 2 -47.72 24.10 -7.26
C VAL H 2 -48.48 24.13 -8.58
N GLN H 3 -47.90 24.77 -9.58
CA GLN H 3 -48.55 24.91 -10.88
C GLN H 3 -47.48 25.16 -11.93
N LEU H 4 -47.75 24.66 -13.14
CA LEU H 4 -46.85 24.83 -14.27
C LEU H 4 -47.55 25.64 -15.35
N VAL H 5 -46.81 26.57 -15.95
CA VAL H 5 -47.32 27.42 -17.02
C VAL H 5 -46.51 27.15 -18.27
N GLU H 6 -47.20 27.07 -19.41
CA GLU H 6 -46.61 26.70 -20.68
C GLU H 6 -46.46 27.91 -21.59
N SER H 7 -45.65 27.76 -22.63
CA SER H 7 -45.42 28.81 -23.60
C SER H 7 -44.99 28.18 -24.92
N GLY H 8 -45.38 28.81 -26.01
CA GLY H 8 -44.99 28.37 -27.33
C GLY H 8 -45.99 27.39 -27.93
N GLY H 9 -45.84 27.15 -29.24
CA GLY H 9 -46.65 26.18 -29.96
C GLY H 9 -47.28 26.82 -31.17
N GLY H 10 -48.25 26.11 -31.75
CA GLY H 10 -48.99 26.62 -32.89
C GLY H 10 -48.81 25.81 -34.17
N VAL H 11 -48.90 26.49 -35.30
CA VAL H 11 -48.77 25.86 -36.61
C VAL H 11 -47.35 26.05 -37.10
N VAL H 12 -46.67 24.96 -37.41
CA VAL H 12 -45.29 24.98 -37.88
C VAL H 12 -45.21 24.18 -39.17
N GLN H 13 -44.53 24.75 -40.16
CA GLN H 13 -44.32 24.06 -41.43
C GLN H 13 -43.37 22.88 -41.24
N PRO H 14 -43.39 21.91 -42.16
CA PRO H 14 -42.45 20.79 -42.05
C PRO H 14 -41.00 21.29 -42.02
N GLY H 15 -40.18 20.63 -41.21
CA GLY H 15 -38.91 21.21 -40.85
C GLY H 15 -39.12 22.31 -39.82
N THR H 16 -38.39 23.42 -39.98
CA THR H 16 -38.62 24.63 -39.20
C THR H 16 -38.50 24.34 -37.69
N SER H 17 -37.28 24.00 -37.29
CA SER H 17 -37.00 23.62 -35.90
C SER H 17 -37.56 24.65 -34.92
N LEU H 18 -38.40 24.17 -34.01
CA LEU H 18 -39.10 25.02 -33.05
C LEU H 18 -38.57 24.73 -31.65
N THR H 19 -38.25 25.79 -30.92
CA THR H 19 -37.80 25.68 -29.53
C THR H 19 -38.99 25.87 -28.61
N LEU H 20 -39.21 24.90 -27.73
CA LEU H 20 -40.34 24.89 -26.81
C LEU H 20 -39.87 25.18 -25.40
N SER H 21 -40.67 25.93 -24.65
CA SER H 21 -40.31 26.39 -23.32
C SER H 21 -41.37 26.03 -22.30
N CYS H 22 -40.93 25.50 -21.17
CA CYS H 22 -41.77 25.28 -20.00
C CYS H 22 -41.40 26.28 -18.92
N ALA H 23 -42.10 26.22 -17.79
CA ALA H 23 -41.82 27.12 -16.68
C ALA H 23 -42.36 26.51 -15.39
N ALA H 24 -41.90 27.03 -14.27
CA ALA H 24 -42.30 26.53 -12.97
C ALA H 24 -42.16 27.63 -11.94
N SER H 25 -42.92 27.49 -10.85
CA SER H 25 -42.88 28.45 -9.75
C SER H 25 -43.52 27.82 -8.52
N GLY H 26 -43.21 28.39 -7.36
CA GLY H 26 -43.81 27.95 -6.11
C GLY H 26 -43.14 26.77 -5.45
N PHE H 27 -42.03 26.27 -5.99
CA PHE H 27 -41.34 25.14 -5.39
C PHE H 27 -39.88 25.15 -5.84
N THR H 28 -39.05 24.44 -5.08
CA THR H 28 -37.64 24.31 -5.43
C THR H 28 -37.52 23.56 -6.76
N PHE H 29 -36.69 24.09 -7.66
CA PHE H 29 -36.56 23.55 -9.00
C PHE H 29 -35.26 22.78 -9.21
N ARG H 30 -34.16 23.23 -8.61
CA ARG H 30 -32.87 22.59 -8.84
C ARG H 30 -32.76 21.22 -8.16
N THR H 31 -33.72 20.87 -7.31
CA THR H 31 -33.67 19.57 -6.64
C THR H 31 -34.45 18.51 -7.42
N TYR H 32 -35.71 18.82 -7.76
CA TYR H 32 -36.54 17.87 -8.47
C TYR H 32 -36.08 17.75 -9.92
N ALA H 33 -36.49 16.67 -10.58
CA ALA H 33 -36.14 16.46 -11.98
C ALA H 33 -37.40 16.51 -12.83
N PHE H 34 -37.21 16.64 -14.14
CA PHE H 34 -38.34 16.86 -15.03
C PHE H 34 -38.27 15.91 -16.21
N HIS H 35 -39.41 15.69 -16.85
CA HIS H 35 -39.44 14.95 -18.10
C HIS H 35 -40.59 15.47 -18.95
N TRP H 36 -40.66 14.95 -20.17
CA TRP H 36 -41.51 15.48 -21.20
C TRP H 36 -42.22 14.36 -21.94
N VAL H 37 -43.53 14.53 -22.15
CA VAL H 37 -44.36 13.55 -22.80
C VAL H 37 -45.18 14.28 -23.86
N ARG H 38 -45.75 13.51 -24.79
CA ARG H 38 -46.62 14.08 -25.81
C ARG H 38 -47.74 13.11 -26.11
N GLN H 39 -48.86 13.66 -26.57
CA GLN H 39 -50.01 12.85 -26.92
C GLN H 39 -50.65 13.37 -28.21
N ALA H 40 -50.96 12.45 -29.10
CA ALA H 40 -51.60 12.83 -30.36
C ALA H 40 -53.09 12.53 -30.31
N PRO H 41 -53.90 13.31 -31.01
CA PRO H 41 -55.35 13.05 -31.03
C PRO H 41 -55.63 11.66 -31.58
N GLY H 42 -56.56 10.96 -30.91
CA GLY H 42 -56.89 9.60 -31.28
C GLY H 42 -55.92 8.55 -30.79
N LYS H 43 -54.87 8.94 -30.07
CA LYS H 43 -53.89 7.99 -29.56
C LYS H 43 -53.65 8.20 -28.08
N GLY H 44 -52.68 7.49 -27.51
CA GLY H 44 -52.35 7.59 -26.11
C GLY H 44 -51.10 8.42 -25.86
N LEU H 45 -50.58 8.28 -24.64
CA LEU H 45 -49.36 8.97 -24.27
C LEU H 45 -48.13 8.24 -24.81
N GLU H 46 -47.08 9.01 -25.08
CA GLU H 46 -45.85 8.46 -25.62
C GLU H 46 -44.67 9.15 -24.95
N TRP H 47 -43.83 8.37 -24.28
CA TRP H 47 -42.66 8.92 -23.61
C TRP H 47 -41.77 9.68 -24.59
N LEU H 48 -41.33 10.87 -24.18
CA LEU H 48 -40.55 11.71 -25.07
C LEU H 48 -39.13 11.92 -24.56
N ALA H 49 -38.94 12.41 -23.33
CA ALA H 49 -37.58 12.65 -22.85
C ALA H 49 -37.59 12.82 -21.33
N LEU H 50 -36.39 12.79 -20.73
CA LEU H 50 -36.24 12.98 -19.30
C LEU H 50 -34.90 13.66 -19.01
N VAL H 51 -34.92 14.63 -18.09
CA VAL H 51 -33.70 15.29 -17.60
C VAL H 51 -33.72 15.28 -16.08
N THR H 52 -32.56 14.98 -15.50
CA THR H 52 -32.37 15.02 -14.06
C THR H 52 -31.89 16.41 -13.67
N TYR H 53 -31.37 16.55 -12.45
CA TYR H 53 -30.80 17.82 -12.01
C TYR H 53 -29.69 18.26 -12.97
N ASP H 54 -29.73 19.53 -13.37
CA ASP H 54 -28.77 20.10 -14.30
C ASP H 54 -28.71 19.30 -15.59
N GLY H 55 -27.66 19.49 -16.39
CA GLY H 55 -27.47 18.69 -17.57
C GLY H 55 -26.57 17.50 -17.31
N THR H 56 -26.70 16.91 -16.12
CA THR H 56 -25.82 15.82 -15.72
C THR H 56 -26.03 14.59 -16.60
N THR H 57 -27.27 14.15 -16.74
CA THR H 57 -27.59 12.98 -17.53
C THR H 57 -28.99 13.13 -18.11
N GLN H 58 -29.15 12.77 -19.38
CA GLN H 58 -30.41 12.91 -20.10
C GLN H 58 -30.81 11.55 -20.66
N TYR H 59 -32.08 11.19 -20.52
CA TYR H 59 -32.58 9.94 -21.07
C TYR H 59 -33.57 10.20 -22.19
N TYR H 60 -33.43 9.47 -23.29
CA TYR H 60 -34.22 9.68 -24.49
C TYR H 60 -35.05 8.45 -24.79
N ALA H 61 -36.12 8.66 -25.54
CA ALA H 61 -36.97 7.57 -25.98
C ALA H 61 -36.37 6.89 -27.21
N ASP H 62 -36.72 5.61 -27.41
CA ASP H 62 -36.16 4.85 -28.51
C ASP H 62 -36.59 5.40 -29.86
N SER H 63 -37.87 5.80 -29.98
CA SER H 63 -38.38 6.24 -31.27
C SER H 63 -38.09 7.72 -31.54
N VAL H 64 -37.41 8.41 -30.63
CA VAL H 64 -37.16 9.83 -30.75
C VAL H 64 -35.68 10.19 -30.71
N LYS H 65 -34.84 9.31 -30.14
CA LYS H 65 -33.42 9.60 -29.94
C LYS H 65 -32.76 10.10 -31.22
N GLY H 66 -31.94 11.14 -31.06
CA GLY H 66 -31.29 11.78 -32.19
C GLY H 66 -32.02 13.00 -32.72
N ARG H 67 -33.33 12.88 -32.92
CA ARG H 67 -34.11 13.97 -33.49
C ARG H 67 -34.40 15.08 -32.49
N LEU H 68 -34.20 14.84 -31.20
CA LEU H 68 -34.61 15.77 -30.17
C LEU H 68 -33.50 16.02 -29.17
N THR H 69 -33.43 17.25 -28.68
CA THR H 69 -32.57 17.61 -27.55
C THR H 69 -33.41 18.33 -26.50
N ILE H 70 -33.12 18.03 -25.24
CA ILE H 70 -33.83 18.61 -24.11
C ILE H 70 -32.79 19.09 -23.09
N TYR H 71 -32.97 20.32 -22.61
CA TYR H 71 -32.07 20.81 -21.57
C TYR H 71 -32.85 21.75 -20.66
N ARG H 72 -32.14 22.28 -19.65
CA ARG H 72 -32.77 23.10 -18.64
C ARG H 72 -31.85 24.26 -18.26
N ASP H 73 -32.46 25.36 -17.83
CA ASP H 73 -31.74 26.53 -17.35
C ASP H 73 -32.35 26.91 -16.01
N ASN H 74 -31.62 26.61 -14.93
CA ASN H 74 -32.13 26.86 -13.58
C ASN H 74 -32.11 28.33 -13.20
N SER H 75 -31.29 29.15 -13.87
CA SER H 75 -31.26 30.58 -13.55
C SER H 75 -32.61 31.23 -13.85
N LYS H 76 -33.22 30.88 -14.97
CA LYS H 76 -34.55 31.37 -15.32
C LYS H 76 -35.64 30.38 -14.95
N ASN H 77 -35.29 29.26 -14.32
CA ASN H 77 -36.23 28.22 -13.92
C ASN H 77 -37.05 27.76 -15.13
N THR H 78 -36.36 27.47 -16.23
CA THR H 78 -37.01 27.15 -17.49
C THR H 78 -36.46 25.84 -18.04
N LEU H 79 -37.27 25.20 -18.89
CA LEU H 79 -36.93 23.91 -19.48
C LEU H 79 -37.15 24.02 -20.98
N PHE H 80 -36.13 23.71 -21.78
CA PHE H 80 -36.14 23.99 -23.20
C PHE H 80 -36.03 22.72 -24.04
N LEU H 81 -36.73 22.74 -25.18
CA LEU H 81 -36.81 21.63 -26.12
C LEU H 81 -36.40 22.11 -27.50
N HIS H 82 -35.57 21.35 -28.19
CA HIS H 82 -35.19 21.63 -29.57
C HIS H 82 -35.37 20.38 -30.41
N LEU H 83 -36.30 20.42 -31.35
CA LEU H 83 -36.52 19.30 -32.26
C LEU H 83 -36.38 19.80 -33.69
N ASN H 84 -35.68 19.01 -34.51
CA ASN H 84 -35.45 19.34 -35.91
C ASN H 84 -35.99 18.22 -36.79
N SER H 85 -35.97 18.47 -38.10
CA SER H 85 -36.45 17.53 -39.11
C SER H 85 -37.87 17.05 -38.77
N LEU H 86 -38.73 18.02 -38.46
CA LEU H 86 -40.09 17.73 -38.07
C LEU H 86 -40.83 17.00 -39.19
N ARG H 87 -41.51 15.92 -38.83
CA ARG H 87 -42.24 15.10 -39.78
C ARG H 87 -43.73 15.41 -39.71
N ARG H 88 -44.53 14.65 -40.47
CA ARG H 88 -45.97 14.88 -40.53
C ARG H 88 -46.70 14.32 -39.32
N ASP H 89 -46.06 13.47 -38.53
CA ASP H 89 -46.72 12.76 -37.43
C ASP H 89 -46.49 13.42 -36.07
N ASP H 90 -45.93 14.63 -36.02
CA ASP H 90 -45.66 15.30 -34.77
C ASP H 90 -46.81 16.17 -34.29
N THR H 91 -47.94 16.19 -35.00
CA THR H 91 -49.11 16.94 -34.55
C THR H 91 -49.59 16.37 -33.22
N ALA H 92 -49.41 17.11 -32.13
CA ALA H 92 -49.68 16.56 -30.82
C ALA H 92 -49.65 17.69 -29.79
N ILE H 93 -50.02 17.35 -28.56
CA ILE H 93 -49.93 18.25 -27.42
C ILE H 93 -48.79 17.77 -26.54
N TYR H 94 -47.93 18.70 -26.13
CA TYR H 94 -46.74 18.42 -25.34
C TYR H 94 -47.00 18.79 -23.89
N PHE H 95 -46.61 17.89 -22.98
CA PHE H 95 -46.86 18.04 -21.56
C PHE H 95 -45.55 17.94 -20.80
N CYS H 96 -45.35 18.88 -19.87
CA CYS H 96 -44.24 18.85 -18.93
C CYS H 96 -44.63 17.93 -17.77
N ALA H 97 -43.63 17.37 -17.09
CA ALA H 97 -43.89 16.50 -15.96
C ALA H 97 -42.76 16.64 -14.95
N ARG H 98 -43.13 16.53 -13.68
CA ARG H 98 -42.22 16.72 -12.55
C ARG H 98 -42.10 15.41 -11.80
N GLY H 99 -40.86 14.97 -11.55
CA GLY H 99 -40.64 13.67 -10.96
C GLY H 99 -39.34 13.61 -10.20
N GLY H 100 -39.18 12.50 -9.47
CA GLY H 100 -38.03 12.30 -8.61
C GLY H 100 -38.22 12.98 -7.27
N GLU H 101 -37.44 12.58 -6.26
CA GLU H 101 -37.46 13.22 -4.97
C GLU H 101 -36.11 13.84 -4.61
N GLY H 102 -35.03 13.07 -4.73
CA GLY H 102 -33.72 13.58 -4.37
C GLY H 102 -32.79 13.72 -5.56
N SER H 103 -31.51 13.85 -5.24
CA SER H 103 -30.45 13.99 -6.24
C SER H 103 -30.05 12.61 -6.73
N PHE H 104 -30.81 12.08 -7.69
CA PHE H 104 -30.57 10.77 -8.26
C PHE H 104 -30.64 10.84 -9.78
N SER H 105 -29.81 10.02 -10.42
CA SER H 105 -29.76 9.95 -11.89
C SER H 105 -30.36 8.67 -12.45
N TRP H 106 -30.49 7.64 -11.65
CA TRP H 106 -31.07 6.38 -12.12
C TRP H 106 -32.56 6.55 -12.43
N LEU H 107 -32.96 6.16 -13.64
CA LEU H 107 -34.32 6.42 -14.09
C LEU H 107 -35.35 5.66 -13.26
N GLY H 108 -34.95 4.56 -12.62
CA GLY H 108 -35.89 3.81 -11.81
C GLY H 108 -36.45 4.61 -10.65
N TYR H 109 -35.64 5.49 -10.07
CA TYR H 109 -36.09 6.39 -9.03
C TYR H 109 -36.83 7.60 -9.59
N LEU H 110 -37.00 7.68 -10.89
CA LEU H 110 -37.44 8.90 -11.58
C LEU H 110 -38.63 8.62 -12.50
N GLN H 111 -39.64 7.92 -11.97
CA GLN H 111 -40.86 7.66 -12.72
C GLN H 111 -42.10 8.29 -12.09
N TYR H 112 -41.95 8.98 -10.96
CA TYR H 112 -43.10 9.53 -10.24
C TYR H 112 -43.72 10.69 -11.02
N MET H 113 -45.03 10.84 -10.87
CA MET H 113 -45.81 11.93 -11.45
C MET H 113 -46.52 12.66 -10.33
N ASP H 114 -45.84 13.61 -9.67
CA ASP H 114 -46.49 14.31 -8.57
C ASP H 114 -47.41 15.43 -9.08
N VAL H 115 -46.99 16.15 -10.13
CA VAL H 115 -47.79 17.19 -10.75
C VAL H 115 -47.65 17.04 -12.27
N TRP H 116 -48.48 17.79 -13.00
CA TRP H 116 -48.43 17.84 -14.45
C TRP H 116 -48.54 19.30 -14.87
N GLY H 117 -48.71 19.52 -16.17
CA GLY H 117 -48.83 20.87 -16.67
C GLY H 117 -50.12 21.09 -17.45
N GLN H 118 -50.12 22.04 -18.37
CA GLN H 118 -51.25 22.30 -19.23
C GLN H 118 -51.02 21.92 -20.68
N GLY H 119 -49.77 21.91 -21.12
CA GLY H 119 -49.43 21.43 -22.45
C GLY H 119 -49.51 22.52 -23.50
N THR H 120 -48.75 22.33 -24.57
CA THR H 120 -48.79 23.21 -25.73
C THR H 120 -49.16 22.39 -26.96
N THR H 121 -50.06 22.92 -27.79
CA THR H 121 -50.51 22.22 -28.99
C THR H 121 -49.63 22.64 -30.16
N VAL H 122 -49.10 21.65 -30.88
CA VAL H 122 -48.25 21.89 -32.04
C VAL H 122 -48.78 21.06 -33.20
N THR H 123 -48.98 21.70 -34.34
CA THR H 123 -49.50 21.00 -35.52
C THR H 123 -48.73 21.45 -36.75
N VAL H 124 -48.67 20.57 -37.74
CA VAL H 124 -47.99 20.81 -39.00
C VAL H 124 -49.02 20.74 -40.12
N SER H 125 -48.91 21.65 -41.09
CA SER H 125 -49.83 21.69 -42.21
C SER H 125 -49.11 22.30 -43.41
N SER H 126 -49.65 22.04 -44.60
CA SER H 126 -49.07 22.55 -45.84
C SER H 126 -50.12 23.28 -46.67
N GLN I 1 -44.02 1.98 -33.79
CA GLN I 1 -43.74 2.38 -32.42
C GLN I 1 -44.20 1.32 -31.43
N SER I 2 -43.25 0.83 -30.63
CA SER I 2 -43.58 -0.16 -29.61
C SER I 2 -44.42 0.47 -28.50
N ALA I 3 -45.34 -0.31 -27.95
CA ALA I 3 -46.23 0.17 -26.90
C ALA I 3 -46.67 -1.04 -26.07
N LEU I 4 -47.66 -0.84 -25.22
CA LEU I 4 -48.19 -1.91 -24.38
C LEU I 4 -49.65 -2.14 -24.74
N THR I 5 -50.01 -3.41 -24.95
CA THR I 5 -51.36 -3.74 -25.37
C THR I 5 -52.35 -3.51 -24.24
N GLN I 6 -53.44 -2.83 -24.56
CA GLN I 6 -54.55 -2.60 -23.64
C GLN I 6 -55.86 -2.80 -24.38
N PRO I 7 -56.92 -3.17 -23.68
CA PRO I 7 -58.23 -3.29 -24.33
C PRO I 7 -58.68 -1.95 -24.92
N ALA I 8 -59.44 -2.03 -26.01
CA ALA I 8 -59.91 -0.82 -26.68
C ALA I 8 -60.85 -0.03 -25.78
N SER I 9 -61.79 -0.70 -25.12
CA SER I 9 -62.74 -0.03 -24.26
C SER I 9 -63.37 -1.03 -23.31
N VAL I 10 -63.83 -0.54 -22.16
CA VAL I 10 -64.53 -1.34 -21.17
C VAL I 10 -65.74 -0.56 -20.68
N SER I 11 -66.84 -1.26 -20.47
CA SER I 11 -68.08 -0.66 -19.99
C SER I 11 -68.61 -1.43 -18.80
N GLY I 12 -69.12 -0.69 -17.80
CA GLY I 12 -69.65 -1.31 -16.62
C GLY I 12 -70.70 -0.44 -15.96
N SER I 13 -71.64 -1.09 -15.28
CA SER I 13 -72.70 -0.40 -14.57
C SER I 13 -72.14 0.26 -13.30
N PRO I 14 -72.81 1.31 -12.81
CA PRO I 14 -72.36 1.93 -11.56
C PRO I 14 -72.41 0.95 -10.40
N GLY I 15 -71.46 1.10 -9.48
CA GLY I 15 -71.35 0.18 -8.36
C GLY I 15 -70.94 -1.23 -8.74
N GLN I 16 -70.00 -1.37 -9.69
CA GLN I 16 -69.52 -2.68 -10.10
C GLN I 16 -68.00 -2.70 -10.11
N SER I 17 -67.41 -3.76 -10.65
CA SER I 17 -65.97 -3.94 -10.67
C SER I 17 -65.49 -4.18 -12.09
N ILE I 18 -64.26 -3.75 -12.36
CA ILE I 18 -63.61 -3.97 -13.65
C ILE I 18 -62.27 -4.64 -13.40
N THR I 19 -61.72 -5.24 -14.45
CA THR I 19 -60.50 -6.02 -14.37
C THR I 19 -59.53 -5.60 -15.48
N LEU I 20 -59.25 -4.29 -15.55
CA LEU I 20 -58.44 -3.80 -16.66
C LEU I 20 -57.01 -4.29 -16.52
N SER I 21 -56.34 -4.47 -17.66
CA SER I 21 -55.00 -5.02 -17.64
C SER I 21 -54.21 -4.54 -18.84
N CYS I 22 -52.88 -4.63 -18.72
CA CYS I 22 -51.97 -4.41 -19.83
C CYS I 22 -50.83 -5.41 -19.74
N THR I 23 -50.47 -5.96 -20.89
CA THR I 23 -49.54 -7.07 -21.00
C THR I 23 -48.23 -6.60 -21.61
N GLY I 24 -47.11 -7.07 -21.07
CA GLY I 24 -45.80 -6.72 -21.59
C GLY I 24 -44.90 -7.90 -21.91
N THR I 25 -43.73 -7.94 -21.29
CA THR I 25 -42.72 -8.96 -21.55
C THR I 25 -41.97 -9.22 -20.25
N SER I 26 -40.92 -10.04 -20.31
CA SER I 26 -40.17 -10.38 -19.12
C SER I 26 -39.34 -9.21 -18.60
N SER I 27 -38.99 -8.24 -19.45
CA SER I 27 -38.13 -7.14 -19.08
C SER I 27 -38.87 -5.82 -18.95
N ASP I 28 -40.20 -5.84 -18.94
CA ASP I 28 -41.00 -4.63 -18.89
C ASP I 28 -42.38 -4.99 -18.36
N ILE I 29 -42.88 -4.19 -17.41
CA ILE I 29 -44.08 -4.48 -16.61
C ILE I 29 -43.89 -5.72 -15.74
N GLY I 30 -43.55 -6.86 -16.35
CA GLY I 30 -43.45 -8.09 -15.61
C GLY I 30 -42.32 -8.14 -14.60
N ASP I 31 -41.44 -7.14 -14.61
CA ASP I 31 -40.33 -7.09 -13.67
C ASP I 31 -40.12 -5.64 -13.23
N TYR I 32 -39.16 -5.45 -12.32
CA TYR I 32 -38.70 -4.16 -11.83
C TYR I 32 -39.72 -3.50 -10.88
N ASP I 33 -40.92 -4.07 -10.78
CA ASP I 33 -41.95 -3.60 -9.86
C ASP I 33 -42.12 -2.08 -9.92
N TYR I 34 -42.36 -1.58 -11.14
CA TYR I 34 -42.58 -0.15 -11.34
C TYR I 34 -43.83 0.12 -12.15
N VAL I 35 -44.91 -0.61 -11.86
CA VAL I 35 -46.17 -0.44 -12.58
C VAL I 35 -46.87 0.81 -12.07
N SER I 36 -47.33 1.65 -13.01
CA SER I 36 -48.03 2.88 -12.66
C SER I 36 -49.28 3.01 -13.50
N TRP I 37 -50.36 3.47 -12.89
CA TRP I 37 -51.64 3.69 -13.56
C TRP I 37 -51.99 5.18 -13.47
N TYR I 38 -52.26 5.78 -14.63
CA TYR I 38 -52.53 7.21 -14.76
C TYR I 38 -53.93 7.44 -15.32
N GLN I 39 -54.57 8.48 -14.80
CA GLN I 39 -55.88 8.95 -15.20
C GLN I 39 -55.75 9.92 -16.35
N LYS I 40 -56.85 10.10 -17.09
CA LYS I 40 -56.93 11.23 -18.02
C LYS I 40 -58.39 11.52 -18.34
N TYR I 41 -58.86 12.73 -17.99
CA TYR I 41 -60.10 13.23 -18.56
C TYR I 41 -59.80 14.03 -19.82
N PRO I 42 -60.75 14.13 -20.74
CA PRO I 42 -60.56 15.00 -21.90
C PRO I 42 -60.38 16.46 -21.49
N ASP I 43 -59.51 17.16 -22.20
CA ASP I 43 -59.24 18.58 -22.02
C ASP I 43 -58.54 18.86 -20.68
N THR I 44 -58.24 17.83 -19.92
CA THR I 44 -57.56 17.96 -18.64
C THR I 44 -56.26 17.19 -18.65
N ALA I 45 -55.31 17.67 -17.84
CA ALA I 45 -54.02 17.01 -17.71
C ALA I 45 -54.17 15.67 -17.00
N PRO I 46 -53.35 14.69 -17.35
CA PRO I 46 -53.39 13.39 -16.67
C PRO I 46 -52.97 13.52 -15.20
N LYS I 47 -53.25 12.47 -14.45
CA LYS I 47 -52.93 12.43 -13.03
C LYS I 47 -52.40 11.05 -12.67
N LEU I 48 -51.63 11.00 -11.59
CA LEU I 48 -51.07 9.75 -11.08
C LEU I 48 -52.03 9.16 -10.05
N VAL I 49 -52.51 7.94 -10.32
CA VAL I 49 -53.47 7.32 -9.42
C VAL I 49 -52.84 6.10 -8.73
N ILE I 50 -51.94 5.40 -9.43
CA ILE I 50 -51.30 4.20 -8.88
C ILE I 50 -49.83 4.23 -9.26
N TYR I 51 -48.95 3.89 -8.33
CA TYR I 51 -47.53 3.78 -8.63
C TYR I 51 -46.92 2.65 -7.81
N ASP I 52 -45.90 2.01 -8.40
CA ASP I 52 -45.24 0.84 -7.82
C ASP I 52 -46.24 -0.25 -7.48
N VAL I 53 -47.08 -0.58 -8.46
CA VAL I 53 -48.05 -1.68 -8.43
C VAL I 53 -49.18 -1.41 -7.44
N SER I 54 -48.86 -1.32 -6.15
CA SER I 54 -49.88 -1.19 -5.13
C SER I 54 -49.77 0.07 -4.29
N GLU I 55 -48.64 0.77 -4.33
CA GLU I 55 -48.50 1.99 -3.54
C GLU I 55 -49.36 3.10 -4.14
N ARG I 56 -49.85 3.99 -3.27
CA ARG I 56 -50.83 4.98 -3.67
C ARG I 56 -50.43 6.37 -3.22
N PRO I 57 -50.80 7.41 -3.98
CA PRO I 57 -50.41 8.77 -3.60
C PRO I 57 -51.36 9.39 -2.58
N SER I 58 -51.15 10.66 -2.27
CA SER I 58 -52.04 11.37 -1.36
C SER I 58 -53.25 11.92 -2.11
N GLY I 59 -54.38 11.96 -1.42
CA GLY I 59 -55.60 12.50 -1.99
C GLY I 59 -56.35 11.57 -2.91
N VAL I 60 -55.99 10.29 -2.96
CA VAL I 60 -56.68 9.33 -3.80
C VAL I 60 -57.62 8.48 -2.94
N SER I 61 -58.80 8.20 -3.48
CA SER I 61 -59.76 7.36 -2.77
C SER I 61 -59.29 5.92 -2.75
N THR I 62 -59.71 5.18 -1.72
CA THR I 62 -59.24 3.82 -1.52
C THR I 62 -59.95 2.79 -2.40
N ARG I 63 -60.71 3.23 -3.40
CA ARG I 63 -61.48 2.28 -4.20
C ARG I 63 -60.60 1.54 -5.20
N PHE I 64 -59.49 2.14 -5.63
CA PHE I 64 -58.63 1.51 -6.62
C PHE I 64 -57.84 0.37 -6.01
N SER I 65 -57.29 -0.48 -6.89
CA SER I 65 -56.42 -1.57 -6.45
C SER I 65 -55.59 -2.05 -7.64
N GLY I 66 -54.27 -1.96 -7.51
CA GLY I 66 -53.37 -2.36 -8.57
C GLY I 66 -52.54 -3.58 -8.17
N SER I 67 -52.23 -4.41 -9.16
CA SER I 67 -51.47 -5.63 -8.91
C SER I 67 -50.74 -6.03 -10.19
N LYS I 68 -49.78 -6.93 -10.04
CA LYS I 68 -49.09 -7.50 -11.20
C LYS I 68 -48.97 -9.01 -11.03
N SER I 69 -48.97 -9.71 -12.16
CA SER I 69 -48.88 -11.17 -12.14
C SER I 69 -48.27 -11.62 -13.46
N GLY I 70 -47.20 -12.41 -13.38
CA GLY I 70 -46.55 -12.89 -14.58
C GLY I 70 -46.02 -11.73 -15.40
N ASN I 71 -46.67 -11.47 -16.54
CA ASN I 71 -46.31 -10.37 -17.42
C ASN I 71 -47.49 -9.43 -17.66
N THR I 72 -48.43 -9.36 -16.70
CA THR I 72 -49.63 -8.56 -16.86
C THR I 72 -49.84 -7.69 -15.63
N ALA I 73 -50.05 -6.40 -15.84
CA ALA I 73 -50.47 -5.51 -14.77
C ALA I 73 -51.98 -5.31 -14.83
N SER I 74 -52.59 -5.25 -13.65
CA SER I 74 -54.04 -5.23 -13.55
C SER I 74 -54.49 -4.15 -12.58
N LEU I 75 -55.59 -3.49 -12.95
CA LEU I 75 -56.26 -2.47 -12.17
C LEU I 75 -57.69 -2.89 -11.94
N THR I 76 -58.15 -2.75 -10.71
CA THR I 76 -59.49 -3.14 -10.28
C THR I 76 -60.11 -2.01 -9.48
N ILE I 77 -61.41 -1.81 -9.67
CA ILE I 77 -62.16 -0.77 -8.99
C ILE I 77 -63.39 -1.40 -8.35
N SER I 78 -63.91 -0.73 -7.33
CA SER I 78 -65.16 -1.11 -6.69
C SER I 78 -66.03 0.14 -6.55
N GLY I 79 -67.35 -0.06 -6.63
CA GLY I 79 -68.26 1.06 -6.54
C GLY I 79 -68.06 2.06 -7.66
N LEU I 80 -68.39 1.67 -8.89
CA LEU I 80 -68.19 2.51 -10.05
C LEU I 80 -68.98 3.81 -9.93
N GLN I 81 -68.40 4.89 -10.43
CA GLN I 81 -68.99 6.22 -10.35
C GLN I 81 -69.16 6.79 -11.75
N PRO I 82 -70.15 7.67 -11.94
CA PRO I 82 -70.35 8.27 -13.27
C PRO I 82 -69.16 9.09 -13.76
N GLU I 83 -68.33 9.59 -12.86
CA GLU I 83 -67.16 10.38 -13.25
C GLU I 83 -65.97 9.52 -13.67
N ASP I 84 -66.12 8.19 -13.64
CA ASP I 84 -65.03 7.30 -14.02
C ASP I 84 -64.88 7.17 -15.53
N GLU I 85 -65.76 7.76 -16.31
CA GLU I 85 -65.61 7.76 -17.77
C GLU I 85 -64.39 8.58 -18.12
N ALA I 86 -63.30 7.90 -18.48
CA ALA I 86 -62.01 8.55 -18.65
C ALA I 86 -61.09 7.59 -19.41
N ASP I 87 -59.80 7.93 -19.45
CA ASP I 87 -58.80 7.11 -20.10
C ASP I 87 -57.77 6.65 -19.07
N TYR I 88 -57.44 5.36 -19.14
CA TYR I 88 -56.49 4.70 -18.26
C TYR I 88 -55.21 4.45 -19.05
N TYR I 89 -54.06 4.73 -18.43
CA TYR I 89 -52.78 4.39 -19.05
C TYR I 89 -51.87 3.71 -18.04
N CYS I 90 -51.17 2.66 -18.48
CA CYS I 90 -50.18 2.00 -17.63
C CYS I 90 -48.78 2.33 -18.14
N ASN I 91 -47.94 2.80 -17.22
CA ASN I 91 -46.58 3.25 -17.50
C ASN I 91 -45.63 2.49 -16.59
N SER I 92 -44.57 1.93 -17.18
CA SER I 92 -43.64 1.15 -16.38
C SER I 92 -42.25 1.26 -16.98
N TYR I 93 -41.25 0.96 -16.15
CA TYR I 93 -39.85 1.07 -16.55
C TYR I 93 -39.46 -0.13 -17.41
N SER I 94 -38.84 0.13 -18.55
CA SER I 94 -38.30 -0.91 -19.41
C SER I 94 -36.79 -1.03 -19.22
N SER I 95 -36.28 -2.24 -19.46
CA SER I 95 -34.91 -2.57 -19.07
C SER I 95 -33.89 -1.68 -19.76
N THR I 96 -34.20 -1.20 -20.97
CA THR I 96 -33.23 -0.43 -21.75
C THR I 96 -33.37 1.07 -21.48
N ASN I 97 -33.37 1.41 -20.20
CA ASN I 97 -33.32 2.80 -19.71
C ASN I 97 -34.35 3.68 -20.42
N THR I 98 -35.62 3.32 -20.24
CA THR I 98 -36.72 4.11 -20.75
C THR I 98 -37.96 3.85 -19.91
N LEU I 99 -38.91 4.77 -19.97
CA LEU I 99 -40.17 4.65 -19.22
C LEU I 99 -41.30 4.51 -20.25
N LYS I 100 -41.75 3.28 -20.46
CA LYS I 100 -42.66 2.96 -21.55
C LYS I 100 -44.10 3.12 -21.11
N PHE I 101 -44.89 3.82 -21.91
CA PHE I 101 -46.31 4.04 -21.69
C PHE I 101 -47.14 2.92 -22.31
N GLY I 102 -48.44 2.94 -22.03
CA GLY I 102 -49.36 1.95 -22.56
C GLY I 102 -50.09 2.46 -23.79
N GLY I 103 -51.13 1.71 -24.16
CA GLY I 103 -51.93 2.06 -25.32
C GLY I 103 -53.17 2.89 -25.04
N GLY I 104 -53.59 2.98 -23.78
CA GLY I 104 -54.76 3.76 -23.43
C GLY I 104 -56.05 2.98 -23.53
N THR I 105 -56.84 2.96 -22.44
CA THR I 105 -58.14 2.31 -22.42
C THR I 105 -59.20 3.32 -22.05
N LYS I 106 -60.40 3.14 -22.60
CA LYS I 106 -61.52 4.02 -22.30
C LYS I 106 -62.48 3.33 -21.34
N LEU I 107 -62.77 3.98 -20.22
CA LEU I 107 -63.71 3.47 -19.22
C LEU I 107 -64.97 4.31 -19.26
N THR I 108 -66.10 3.65 -19.43
CA THR I 108 -67.40 4.30 -19.52
C THR I 108 -68.39 3.60 -18.61
N VAL I 109 -69.39 4.35 -18.15
CA VAL I 109 -70.45 3.82 -17.30
C VAL I 109 -71.76 3.85 -18.09
N LEU I 110 -72.68 2.96 -17.69
CA LEU I 110 -73.95 2.84 -18.39
C LEU I 110 -75.11 3.31 -17.50
#